data_5TOJ
#
_entry.id   5TOJ
#
_cell.length_a   173.189
_cell.length_b   173.189
_cell.length_c   153.301
_cell.angle_alpha   90.000
_cell.angle_beta   90.000
_cell.angle_gamma   120.000
#
_symmetry.space_group_name_H-M   'P 32 2 1'
#
loop_
_entity.id
_entity.type
_entity.pdbx_description
1 polymer 'Fusion glycoprotein F0, Fibritin chimera'
2 polymer 'Single-domain antibody F-VHH-4'
3 non-polymer 2-acetamido-2-deoxy-beta-D-glucopyranose
#
loop_
_entity_poly.entity_id
_entity_poly.type
_entity_poly.pdbx_seq_one_letter_code
_entity_poly.pdbx_strand_id
1 'polypeptide(L)'
;MELLILKANAITTILTAVTFCFASGQNITEEFYQSTCSAVSKGYLSALRTGWYTSVITIELSNIKENKCNGTDAKVKLIK
QELDKYKNAVTELQLLMQSTPATNNRARRELPRFMNYTLNNAKKTNVTLSKKRKRRFLGFLLGVGSAIASGVAVCKVLHL
EGEVNKIKSALLSTNKAVVSLSNGVSVLTFKVLDLKNYIDKQLLPILNKQSCSISNIETVIEFQQKNNRLLEITREFSVN
AGVTTPVSTYMLTNSELLSLINDMPITNDQKKLMSNNVQIVRQQSYSIMCIIKEEVLAYVVQLPLYGVIDTPCWKLHTSP
LCTTNTKEGSNICLTRTDRGWYCDNAGSVSFFPQAETCKVQSNRVFCDTMNSLTLPSEVNLCNVDIFNPKYDCKIMTSKT
DVSSSVITSLGAIVSCYGKTKCTASNKNRGIIKTFSNGCDYVSNKGVDTVSVGNTLYYVNKQEGKSLYVKGEPIINFYDP
LVFPSDEFDASISQVNEKINQSLAFIRKSDELLSAIGGYIPEAPRDGQAYVRKDGEWVLLSTFLGGLVPR
;
A,B,C
2 'polypeptide(L)'
;QVQLQESGGGLVQPGGSLRLSCAASGFTLDYYYIGWFRQAPGKEREAVSCISGSSGSTYYPDSVKGRFTISRDNAKNTVY
LQMNSLKPEDTAVYYCATIRSSSWGGCVHYGMDYWGKGTQVTVSSHHHHHH
;
D,E,F
#
loop_
_chem_comp.id
_chem_comp.type
_chem_comp.name
_chem_comp.formula
NAG D-saccharide, beta linking 2-acetamido-2-deoxy-beta-D-glucopyranose 'C8 H15 N O6'
#
# COMPACT_ATOMS: atom_id res chain seq x y z
N ASN A 27 8.47 15.14 27.53
CA ASN A 27 7.94 16.50 27.48
C ASN A 27 7.09 16.70 26.22
N ILE A 28 6.24 15.70 25.96
CA ILE A 28 5.22 15.76 24.91
C ILE A 28 3.95 16.48 25.38
N THR A 29 3.55 17.49 24.62
CA THR A 29 2.33 18.24 24.89
C THR A 29 1.43 18.27 23.65
N GLU A 30 0.17 18.65 23.86
CA GLU A 30 -0.80 18.65 22.79
C GLU A 30 -1.77 19.81 22.93
N GLU A 31 -2.17 20.38 21.80
CA GLU A 31 -3.16 21.44 21.82
C GLU A 31 -4.26 21.06 20.86
N PHE A 32 -5.51 21.16 21.30
CA PHE A 32 -6.65 20.93 20.43
C PHE A 32 -7.30 22.26 20.05
N TYR A 33 -7.53 22.48 18.76
CA TYR A 33 -8.19 23.70 18.32
C TYR A 33 -9.63 23.40 17.92
N GLN A 34 -10.55 23.76 18.80
CA GLN A 34 -11.97 23.59 18.57
C GLN A 34 -12.49 24.28 17.31
N SER A 35 -11.88 25.42 16.95
CA SER A 35 -12.38 26.22 15.83
C SER A 35 -12.23 25.52 14.49
N THR A 36 -11.25 24.63 14.38
CA THR A 36 -10.94 23.99 13.10
C THR A 36 -10.90 22.47 13.22
N CYS A 37 -11.31 21.95 14.38
CA CYS A 37 -11.37 20.50 14.61
C CYS A 37 -10.04 19.82 14.32
N SER A 38 -8.99 20.32 14.95
CA SER A 38 -7.66 19.77 14.74
C SER A 38 -6.81 19.86 15.99
N ALA A 39 -5.69 19.14 15.99
CA ALA A 39 -4.84 19.07 17.15
C ALA A 39 -3.38 18.87 16.78
N VAL A 40 -2.51 19.57 17.50
CA VAL A 40 -1.08 19.47 17.28
C VAL A 40 -0.38 18.83 18.49
N SER A 41 0.38 17.79 18.20
CA SER A 41 1.22 17.10 19.17
C SER A 41 2.68 17.52 19.03
N LYS A 42 3.30 18.00 20.10
CA LYS A 42 4.69 18.45 20.00
C LYS A 42 5.58 17.84 21.06
N GLY A 43 6.88 18.15 20.94
CA GLY A 43 7.89 17.59 21.82
C GLY A 43 8.75 16.51 21.19
N TYR A 44 8.51 16.25 19.91
CA TYR A 44 9.24 15.22 19.18
C TYR A 44 10.57 15.71 18.60
N LEU A 45 11.50 14.79 18.42
CA LEU A 45 12.81 15.09 17.85
C LEU A 45 13.00 14.36 16.53
N SER A 46 13.59 15.06 15.57
CA SER A 46 13.70 14.56 14.21
C SER A 46 14.80 13.55 13.98
N ALA A 47 14.57 12.66 13.01
CA ALA A 47 15.61 11.85 12.42
C ALA A 47 15.29 11.60 10.95
N LEU A 48 15.80 12.47 10.09
CA LEU A 48 15.45 12.45 8.68
C LEU A 48 16.56 11.81 7.85
N ARG A 49 16.21 10.80 7.07
CA ARG A 49 17.15 10.23 6.11
C ARG A 49 17.31 11.23 5.00
N THR A 50 18.52 11.74 4.85
CA THR A 50 18.77 12.78 3.88
C THR A 50 19.62 12.30 2.71
N GLY A 51 20.37 11.22 2.93
CA GLY A 51 21.27 10.72 1.93
C GLY A 51 21.39 9.20 1.98
N TRP A 52 22.29 8.67 1.17
CA TRP A 52 22.50 7.23 1.08
C TRP A 52 23.97 6.91 1.17
N TYR A 53 24.31 5.86 1.91
CA TYR A 53 25.67 5.34 1.86
C TYR A 53 25.61 3.95 1.26
N THR A 54 26.51 3.65 0.35
CA THR A 54 26.52 2.34 -0.28
C THR A 54 27.75 1.58 0.17
N SER A 55 27.50 0.43 0.79
CA SER A 55 28.59 -0.45 1.15
C SER A 55 28.56 -1.68 0.26
N VAL A 56 29.72 -2.32 0.09
CA VAL A 56 29.78 -3.53 -0.71
C VAL A 56 30.07 -4.75 0.17
N ILE A 57 29.12 -5.67 0.26
CA ILE A 57 29.27 -6.86 1.08
C ILE A 57 29.63 -8.02 0.19
N THR A 58 30.67 -8.76 0.57
CA THR A 58 31.15 -9.83 -0.27
C THR A 58 31.20 -11.14 0.50
N ILE A 59 31.00 -12.22 -0.21
CA ILE A 59 31.17 -13.56 0.32
C ILE A 59 32.17 -14.24 -0.59
N GLU A 60 33.29 -14.69 -0.02
CA GLU A 60 34.31 -15.31 -0.83
C GLU A 60 33.89 -16.74 -1.13
N LEU A 61 33.89 -17.07 -2.42
CA LEU A 61 33.38 -18.35 -2.86
C LEU A 61 34.47 -19.31 -3.29
N SER A 62 34.09 -20.57 -3.23
CA SER A 62 34.91 -21.71 -3.64
C SER A 62 34.48 -22.06 -5.07
N ASN A 63 35.43 -22.41 -5.91
CA ASN A 63 35.17 -22.80 -7.28
C ASN A 63 35.24 -24.31 -7.48
N ILE A 64 34.11 -24.94 -7.20
CA ILE A 64 34.03 -26.40 -7.19
C ILE A 64 33.17 -27.11 -8.23
N LYS A 65 33.79 -27.52 -9.33
CA LYS A 65 33.03 -28.21 -10.36
C LYS A 65 32.51 -29.56 -9.86
N GLU A 66 32.97 -30.65 -10.45
CA GLU A 66 32.56 -32.01 -10.11
C GLU A 66 33.08 -32.47 -8.75
N ASN A 67 32.26 -33.26 -8.07
CA ASN A 67 32.65 -33.85 -6.80
C ASN A 67 32.81 -35.36 -6.95
N LYS A 68 33.85 -35.78 -7.67
CA LYS A 68 34.05 -37.19 -7.99
C LYS A 68 34.25 -38.08 -6.75
N CYS A 69 33.27 -38.92 -6.47
CA CYS A 69 33.38 -39.94 -5.43
C CYS A 69 32.26 -40.96 -5.59
N ASN A 70 32.63 -42.24 -5.54
CA ASN A 70 31.67 -43.33 -5.52
C ASN A 70 31.27 -43.67 -4.10
N GLY A 71 31.71 -42.84 -3.17
CA GLY A 71 31.46 -43.01 -1.76
C GLY A 71 29.98 -43.14 -1.46
N THR A 72 29.66 -44.09 -0.60
CA THR A 72 28.28 -44.38 -0.22
C THR A 72 28.34 -44.57 1.28
N ASP A 73 29.15 -43.70 1.87
CA ASP A 73 29.23 -43.55 3.30
C ASP A 73 28.28 -42.41 3.60
N ALA A 74 27.55 -42.54 4.69
CA ALA A 74 26.48 -41.61 5.03
C ALA A 74 27.01 -40.20 5.22
N LYS A 75 28.17 -40.07 5.86
CA LYS A 75 28.75 -38.77 6.14
C LYS A 75 29.15 -38.12 4.81
N VAL A 76 29.77 -38.90 3.92
CA VAL A 76 30.18 -38.36 2.62
C VAL A 76 28.94 -38.10 1.75
N LYS A 77 27.92 -38.94 1.93
CA LYS A 77 26.61 -38.79 1.26
C LYS A 77 25.91 -37.47 1.57
N LEU A 78 25.99 -37.08 2.84
CA LEU A 78 25.44 -35.81 3.32
C LEU A 78 26.20 -34.67 2.68
N ILE A 79 27.50 -34.85 2.57
CA ILE A 79 28.34 -33.83 1.95
C ILE A 79 27.93 -33.64 0.49
N LYS A 80 27.63 -34.73 -0.23
CA LYS A 80 27.24 -34.54 -1.62
C LYS A 80 25.89 -33.83 -1.81
N GLN A 81 24.91 -34.06 -0.91
CA GLN A 81 23.65 -33.34 -0.99
C GLN A 81 23.79 -31.86 -0.62
N GLU A 82 24.60 -31.58 0.40
CA GLU A 82 24.86 -30.22 0.85
C GLU A 82 25.70 -29.44 -0.15
N LEU A 83 26.66 -30.13 -0.78
CA LEU A 83 27.51 -29.54 -1.79
C LEU A 83 26.67 -29.10 -2.99
N ASP A 84 25.63 -29.88 -3.27
CA ASP A 84 24.72 -29.59 -4.37
C ASP A 84 23.92 -28.33 -4.06
N LYS A 85 23.52 -28.17 -2.80
CA LYS A 85 22.82 -26.95 -2.39
C LYS A 85 23.70 -25.72 -2.59
N TYR A 86 25.00 -25.88 -2.34
CA TYR A 86 25.95 -24.80 -2.54
C TYR A 86 26.06 -24.46 -4.03
N LYS A 87 26.24 -25.48 -4.87
CA LYS A 87 26.35 -25.25 -6.32
C LYS A 87 25.04 -24.67 -6.86
N ASN A 88 23.92 -25.21 -6.41
CA ASN A 88 22.61 -24.73 -6.85
C ASN A 88 22.41 -23.27 -6.50
N ALA A 89 22.84 -22.89 -5.30
CA ALA A 89 22.70 -21.52 -4.85
C ALA A 89 23.51 -20.59 -5.75
N VAL A 90 24.74 -20.98 -6.08
CA VAL A 90 25.57 -20.20 -6.98
C VAL A 90 24.94 -20.03 -8.38
N THR A 91 24.53 -21.12 -8.98
CA THR A 91 23.90 -21.09 -10.31
C THR A 91 22.65 -20.22 -10.34
N GLU A 92 21.84 -20.35 -9.31
CA GLU A 92 20.59 -19.61 -9.16
C GLU A 92 20.88 -18.11 -9.09
N LEU A 93 21.89 -17.74 -8.31
CA LEU A 93 22.31 -16.34 -8.16
C LEU A 93 22.88 -15.80 -9.47
N GLN A 94 23.53 -16.66 -10.25
CA GLN A 94 24.08 -16.29 -11.55
C GLN A 94 23.00 -15.92 -12.56
N LEU A 95 21.91 -16.68 -12.61
CA LEU A 95 20.80 -16.36 -13.52
C LEU A 95 20.20 -14.99 -13.17
N LEU A 96 20.26 -14.63 -11.90
CA LEU A 96 19.67 -13.40 -11.40
C LEU A 96 20.36 -12.14 -11.92
N MET A 97 21.68 -12.23 -12.12
CA MET A 97 22.50 -11.10 -12.49
C MET A 97 22.74 -10.91 -13.99
N GLN A 98 22.39 -11.93 -14.78
CA GLN A 98 22.49 -11.82 -16.23
C GLN A 98 21.37 -10.97 -16.83
N PHE A 137 -3.02 12.90 3.51
CA PHE A 137 -4.04 13.15 2.51
C PHE A 137 -3.39 13.72 1.24
N LEU A 138 -2.32 14.50 1.42
CA LEU A 138 -1.75 15.34 0.37
C LEU A 138 -0.49 14.71 -0.25
N GLY A 139 -0.32 13.41 -0.02
CA GLY A 139 0.77 12.65 -0.60
C GLY A 139 0.89 12.76 -2.12
N PHE A 140 -0.24 12.95 -2.79
CA PHE A 140 -0.27 13.08 -4.23
C PHE A 140 0.52 14.31 -4.74
N LEU A 141 0.85 15.23 -3.84
CA LEU A 141 1.61 16.42 -4.21
C LEU A 141 3.11 16.15 -4.24
N LEU A 142 3.52 15.00 -3.70
CA LEU A 142 4.93 14.62 -3.59
C LEU A 142 5.55 14.33 -4.95
N GLY A 143 6.86 14.56 -5.06
CA GLY A 143 7.60 14.14 -6.23
C GLY A 143 7.85 12.65 -6.31
N VAL A 144 8.61 12.25 -7.33
CA VAL A 144 8.86 10.84 -7.58
C VAL A 144 10.35 10.55 -7.73
N GLY A 145 10.87 9.72 -6.84
CA GLY A 145 12.28 9.39 -6.83
C GLY A 145 12.64 8.03 -7.38
N SER A 146 13.94 7.73 -7.37
CA SER A 146 14.47 6.43 -7.71
C SER A 146 15.26 5.91 -6.52
N ALA A 147 14.59 5.10 -5.70
CA ALA A 147 15.08 4.77 -4.36
C ALA A 147 16.48 4.17 -4.30
N ILE A 148 16.79 3.31 -5.25
CA ILE A 148 18.09 2.64 -5.25
C ILE A 148 18.98 3.09 -6.39
N ALA A 149 18.76 4.30 -6.89
CA ALA A 149 19.59 4.84 -7.97
C ALA A 149 21.06 4.89 -7.59
N SER A 150 21.35 5.22 -6.34
CA SER A 150 22.74 5.33 -5.92
C SER A 150 23.37 3.95 -5.78
N GLY A 151 22.65 3.04 -5.14
CA GLY A 151 23.10 1.67 -5.01
C GLY A 151 23.30 0.96 -6.32
N VAL A 152 22.34 1.10 -7.23
CA VAL A 152 22.43 0.50 -8.55
C VAL A 152 23.62 1.03 -9.34
N ALA A 153 23.86 2.34 -9.19
CA ALA A 153 24.98 2.99 -9.86
C ALA A 153 26.30 2.42 -9.39
N VAL A 154 26.44 2.18 -8.09
CA VAL A 154 27.65 1.58 -7.55
C VAL A 154 27.80 0.16 -8.07
N CYS A 155 26.70 -0.55 -8.16
CA CYS A 155 26.69 -1.91 -8.67
C CYS A 155 27.08 -1.96 -10.15
N LYS A 156 26.62 -0.98 -10.93
CA LYS A 156 27.00 -0.91 -12.34
C LYS A 156 28.52 -0.81 -12.52
N VAL A 157 29.16 -0.01 -11.66
CA VAL A 157 30.60 0.16 -11.71
C VAL A 157 31.35 -1.13 -11.39
N LEU A 158 30.77 -1.94 -10.51
CA LEU A 158 31.36 -3.20 -10.11
C LEU A 158 31.43 -4.23 -11.25
N HIS A 159 30.66 -4.02 -12.31
CA HIS A 159 30.67 -4.95 -13.43
C HIS A 159 31.82 -4.66 -14.37
N LEU A 160 32.39 -3.46 -14.25
CA LEU A 160 33.54 -3.02 -15.04
C LEU A 160 34.79 -3.86 -14.78
N GLU A 161 35.61 -4.01 -15.82
CA GLU A 161 36.78 -4.90 -15.77
C GLU A 161 37.81 -4.44 -14.73
N GLY A 162 38.38 -5.41 -14.01
CA GLY A 162 39.37 -5.09 -13.00
C GLY A 162 38.80 -4.73 -11.65
N GLU A 163 37.52 -4.38 -11.64
CA GLU A 163 36.87 -3.83 -10.46
C GLU A 163 36.77 -4.86 -9.34
N VAL A 164 36.34 -6.06 -9.68
CA VAL A 164 36.27 -7.11 -8.68
C VAL A 164 37.65 -7.41 -8.13
N ASN A 165 38.68 -7.36 -8.98
CA ASN A 165 40.04 -7.64 -8.53
C ASN A 165 40.52 -6.66 -7.49
N LYS A 166 40.11 -5.39 -7.61
CA LYS A 166 40.49 -4.38 -6.62
C LYS A 166 39.96 -4.74 -5.25
N ILE A 167 38.67 -5.07 -5.20
CA ILE A 167 38.02 -5.47 -3.97
C ILE A 167 38.60 -6.75 -3.37
N LYS A 168 38.73 -7.76 -4.23
CA LYS A 168 39.28 -9.05 -3.85
C LYS A 168 40.69 -8.91 -3.28
N SER A 169 41.48 -8.01 -3.86
CA SER A 169 42.86 -7.77 -3.42
C SER A 169 42.88 -7.00 -2.11
N ALA A 170 41.97 -6.04 -1.99
CA ALA A 170 41.84 -5.20 -0.80
C ALA A 170 41.55 -6.00 0.47
N LEU A 171 40.71 -7.02 0.34
CA LEU A 171 40.24 -7.78 1.48
C LEU A 171 41.09 -9.02 1.69
N LEU A 172 42.30 -8.99 1.15
CA LEU A 172 43.21 -10.12 1.20
C LEU A 172 43.70 -10.40 2.63
N SER A 173 44.07 -9.34 3.35
CA SER A 173 44.67 -9.49 4.68
C SER A 173 43.77 -8.97 5.80
N THR A 174 42.58 -8.49 5.43
CA THR A 174 41.59 -8.01 6.39
C THR A 174 40.21 -8.31 5.84
N ASN A 175 39.20 -8.29 6.68
CA ASN A 175 37.84 -8.60 6.26
C ASN A 175 37.11 -7.28 6.02
N LYS A 176 37.73 -6.20 6.52
CA LYS A 176 37.18 -4.86 6.41
C LYS A 176 38.21 -3.99 5.70
N ALA A 177 37.77 -3.26 4.66
CA ALA A 177 38.64 -2.38 3.91
C ALA A 177 37.90 -1.30 3.14
N VAL A 178 38.52 -0.14 2.98
CA VAL A 178 37.99 0.92 2.13
C VAL A 178 38.62 0.80 0.75
N VAL A 179 37.77 0.83 -0.28
CA VAL A 179 38.24 0.73 -1.64
C VAL A 179 37.71 1.88 -2.48
N SER A 180 38.61 2.57 -3.19
CA SER A 180 38.18 3.58 -4.13
C SER A 180 37.89 2.92 -5.47
N LEU A 181 36.68 3.11 -5.96
CA LEU A 181 36.27 2.53 -7.24
C LEU A 181 36.80 3.35 -8.40
N SER A 182 36.64 2.85 -9.61
CA SER A 182 37.22 3.50 -10.78
C SER A 182 36.59 4.87 -11.08
N ASN A 183 35.38 5.12 -10.59
CA ASN A 183 34.75 6.42 -10.83
C ASN A 183 35.01 7.38 -9.68
N GLY A 184 35.90 6.98 -8.78
CA GLY A 184 36.33 7.79 -7.65
C GLY A 184 35.58 7.67 -6.34
N VAL A 185 34.47 6.95 -6.32
CA VAL A 185 33.72 6.79 -5.08
C VAL A 185 34.43 5.81 -4.13
N SER A 186 34.65 6.24 -2.89
CA SER A 186 35.30 5.41 -1.88
C SER A 186 34.25 4.73 -1.01
N VAL A 187 34.13 3.42 -1.21
CA VAL A 187 33.16 2.58 -0.50
C VAL A 187 33.81 1.61 0.48
N LEU A 188 33.11 1.37 1.59
CA LEU A 188 33.52 0.35 2.54
C LEU A 188 33.12 -1.03 2.07
N THR A 189 34.07 -1.96 2.17
CA THR A 189 33.88 -3.32 1.70
C THR A 189 34.08 -4.28 2.87
N PHE A 190 33.32 -5.37 2.88
CA PHE A 190 33.24 -6.25 4.03
C PHE A 190 33.11 -7.70 3.56
N LYS A 191 34.13 -8.50 3.85
CA LYS A 191 34.01 -9.94 3.62
C LYS A 191 33.41 -10.54 4.89
N VAL A 192 32.14 -10.94 4.80
CA VAL A 192 31.39 -11.39 5.97
C VAL A 192 31.39 -12.90 6.14
N LEU A 193 31.84 -13.61 5.12
CA LEU A 193 31.86 -15.06 5.15
C LEU A 193 32.86 -15.59 4.14
N ASP A 194 33.79 -16.40 4.61
CA ASP A 194 34.82 -16.98 3.77
C ASP A 194 34.57 -18.47 3.54
N LEU A 195 33.74 -18.80 2.56
CA LEU A 195 33.46 -20.20 2.26
C LEU A 195 34.61 -20.83 1.48
N LYS A 196 35.39 -20.01 0.79
CA LYS A 196 36.55 -20.49 0.05
C LYS A 196 37.55 -21.15 0.99
N ASN A 197 37.93 -20.42 2.03
CA ASN A 197 38.88 -20.92 3.02
C ASN A 197 38.37 -22.16 3.72
N TYR A 198 37.08 -22.17 4.05
CA TYR A 198 36.52 -23.29 4.78
C TYR A 198 36.50 -24.55 3.92
N ILE A 199 36.10 -24.44 2.66
CA ILE A 199 35.98 -25.65 1.86
C ILE A 199 37.33 -26.20 1.41
N ASP A 200 38.23 -25.30 1.03
CA ASP A 200 39.58 -25.69 0.60
C ASP A 200 40.52 -26.24 1.66
N LYS A 201 40.37 -25.75 2.90
CA LYS A 201 41.01 -26.33 4.09
C LYS A 201 40.32 -27.40 4.96
N GLN A 202 39.01 -27.52 4.87
CA GLN A 202 38.25 -28.56 5.57
C GLN A 202 37.83 -29.74 4.67
N LEU A 203 37.04 -29.42 3.66
CA LEU A 203 36.38 -30.35 2.75
C LEU A 203 37.27 -30.83 1.63
N LEU A 204 37.96 -29.92 0.95
CA LEU A 204 38.83 -30.28 -0.17
C LEU A 204 39.89 -31.37 0.13
N PRO A 205 40.53 -31.35 1.32
CA PRO A 205 41.45 -32.49 1.50
C PRO A 205 40.79 -33.87 1.48
N ILE A 206 39.52 -33.99 1.81
CA ILE A 206 38.92 -35.32 1.87
C ILE A 206 38.29 -35.75 0.54
N LEU A 207 37.87 -34.77 -0.27
CA LEU A 207 37.24 -35.08 -1.54
C LEU A 207 38.27 -35.15 -2.66
N ASN A 208 39.52 -34.88 -2.30
CA ASN A 208 40.64 -34.85 -3.25
C ASN A 208 40.63 -36.03 -4.21
N LYS A 209 40.60 -37.21 -3.64
CA LYS A 209 40.76 -38.43 -4.42
C LYS A 209 39.42 -39.12 -4.49
N GLN A 210 39.26 -39.96 -5.49
CA GLN A 210 38.09 -40.83 -5.62
C GLN A 210 37.93 -41.44 -4.22
N SER A 211 38.94 -42.19 -3.79
CA SER A 211 38.94 -42.85 -2.48
C SER A 211 38.78 -41.72 -1.44
N CYS A 212 37.68 -41.65 -0.69
CA CYS A 212 37.35 -40.40 0.01
C CYS A 212 37.38 -40.54 1.52
N SER A 213 38.23 -39.69 2.10
CA SER A 213 38.68 -39.77 3.47
C SER A 213 37.60 -39.23 4.38
N ILE A 214 36.93 -40.15 5.06
CA ILE A 214 35.61 -39.88 5.54
C ILE A 214 35.66 -38.96 6.73
N SER A 215 34.79 -37.96 6.72
CA SER A 215 34.93 -36.85 7.65
C SER A 215 34.09 -37.27 8.80
N ASN A 216 34.49 -36.88 10.01
CA ASN A 216 33.63 -37.16 11.15
C ASN A 216 32.31 -36.45 10.92
N ILE A 217 31.26 -36.94 11.57
CA ILE A 217 29.93 -36.42 11.31
C ILE A 217 29.86 -34.97 11.79
N GLU A 218 30.71 -34.64 12.75
CA GLU A 218 30.74 -33.31 13.31
C GLU A 218 31.30 -32.25 12.35
N THR A 219 32.15 -32.67 11.42
CA THR A 219 32.68 -31.77 10.39
C THR A 219 31.63 -31.39 9.33
N VAL A 220 30.86 -32.39 8.92
CA VAL A 220 29.71 -32.26 8.01
C VAL A 220 28.70 -31.23 8.48
N ILE A 221 28.34 -31.32 9.76
CA ILE A 221 27.38 -30.44 10.42
C ILE A 221 27.88 -29.00 10.36
N GLU A 222 29.18 -28.81 10.60
CA GLU A 222 29.79 -27.49 10.65
C GLU A 222 29.58 -26.86 9.27
N PHE A 223 29.73 -27.65 8.21
CA PHE A 223 29.54 -27.14 6.85
C PHE A 223 28.11 -26.65 6.66
N GLN A 224 27.12 -27.39 7.18
CA GLN A 224 25.73 -26.96 7.09
C GLN A 224 25.52 -25.60 7.77
N GLN A 225 26.20 -25.38 8.90
CA GLN A 225 26.09 -24.12 9.62
C GLN A 225 26.66 -22.96 8.81
N LYS A 226 27.86 -23.13 8.26
CA LYS A 226 28.51 -22.07 7.49
C LYS A 226 27.80 -21.78 6.17
N ASN A 227 27.33 -22.83 5.51
CA ASN A 227 26.68 -22.69 4.21
C ASN A 227 25.29 -22.08 4.31
N ASN A 228 24.65 -22.26 5.47
CA ASN A 228 23.26 -21.86 5.66
C ASN A 228 23.03 -20.38 5.39
N ARG A 229 23.98 -19.53 5.76
CA ARG A 229 23.84 -18.09 5.52
C ARG A 229 23.73 -17.83 4.02
N LEU A 230 24.58 -18.50 3.24
CA LEU A 230 24.55 -18.38 1.79
C LEU A 230 23.21 -18.81 1.20
N LEU A 231 22.67 -19.89 1.72
CA LEU A 231 21.39 -20.40 1.23
C LEU A 231 20.28 -19.39 1.52
N GLU A 232 20.35 -18.74 2.68
CA GLU A 232 19.31 -17.82 3.08
C GLU A 232 19.40 -16.50 2.33
N ILE A 233 20.62 -16.01 2.15
CA ILE A 233 20.82 -14.80 1.35
C ILE A 233 20.27 -15.00 -0.06
N THR A 234 20.62 -16.15 -0.65
CA THR A 234 20.13 -16.52 -1.98
C THR A 234 18.62 -16.67 -2.03
N ARG A 235 18.07 -17.29 -0.99
CA ARG A 235 16.63 -17.48 -0.85
C ARG A 235 15.92 -16.12 -0.88
N GLU A 236 16.40 -15.15 -0.11
CA GLU A 236 15.76 -13.84 -0.04
C GLU A 236 15.76 -13.16 -1.41
N PHE A 237 16.91 -13.18 -2.07
CA PHE A 237 17.07 -12.54 -3.38
C PHE A 237 16.22 -13.20 -4.47
N SER A 238 16.04 -14.50 -4.38
CA SER A 238 15.30 -15.25 -5.38
C SER A 238 13.81 -14.87 -5.45
N VAL A 239 13.24 -14.45 -4.33
CA VAL A 239 11.83 -14.08 -4.31
C VAL A 239 11.63 -12.56 -4.28
N ASN A 240 12.71 -11.82 -4.43
CA ASN A 240 12.61 -10.36 -4.44
C ASN A 240 13.29 -9.71 -5.64
N ALA A 241 13.59 -10.52 -6.67
CA ALA A 241 14.26 -10.06 -7.88
C ALA A 241 15.51 -9.23 -7.56
N GLY A 242 16.31 -9.74 -6.64
CA GLY A 242 17.61 -9.18 -6.31
C GLY A 242 17.64 -7.91 -5.46
N VAL A 243 16.48 -7.48 -4.98
CA VAL A 243 16.42 -6.28 -4.15
C VAL A 243 15.51 -6.49 -2.95
N THR A 244 16.07 -6.44 -1.75
CA THR A 244 15.28 -6.72 -0.56
C THR A 244 15.27 -5.54 0.39
N THR A 245 14.15 -5.39 1.11
CA THR A 245 14.02 -4.42 2.17
C THR A 245 12.83 -4.80 3.05
N PRO A 246 12.99 -4.79 4.38
CA PRO A 246 14.21 -4.43 5.12
C PRO A 246 15.38 -5.40 4.92
N VAL A 247 16.58 -4.94 5.24
CA VAL A 247 17.77 -5.75 5.13
C VAL A 247 17.81 -6.72 6.31
N SER A 248 17.77 -8.01 5.99
CA SER A 248 17.68 -9.04 7.01
C SER A 248 19.01 -9.27 7.70
N THR A 249 18.96 -10.10 8.75
CA THR A 249 20.16 -10.40 9.50
C THR A 249 21.00 -11.46 8.82
N TYR A 250 20.47 -12.03 7.75
CA TYR A 250 21.26 -12.87 6.86
C TYR A 250 22.15 -12.05 5.96
N MET A 251 21.60 -10.94 5.46
CA MET A 251 22.36 -10.02 4.62
C MET A 251 23.48 -9.38 5.45
N LEU A 252 23.15 -9.01 6.69
CA LEU A 252 24.05 -8.23 7.54
C LEU A 252 23.71 -8.38 9.02
N THR A 253 24.56 -9.09 9.75
CA THR A 253 24.33 -9.29 11.18
C THR A 253 24.44 -7.96 11.92
N ASN A 254 23.99 -7.95 13.17
CA ASN A 254 24.02 -6.75 14.00
C ASN A 254 25.44 -6.25 14.23
N SER A 255 26.36 -7.17 14.47
CA SER A 255 27.75 -6.78 14.67
C SER A 255 28.30 -6.20 13.37
N GLU A 256 28.02 -6.85 12.26
CA GLU A 256 28.44 -6.35 10.96
C GLU A 256 27.91 -4.93 10.68
N LEU A 257 26.61 -4.72 10.92
CA LEU A 257 25.98 -3.41 10.73
C LEU A 257 26.57 -2.36 11.67
N LEU A 258 26.74 -2.74 12.92
CA LEU A 258 27.28 -1.85 13.94
C LEU A 258 28.69 -1.39 13.56
N SER A 259 29.49 -2.30 13.04
CA SER A 259 30.86 -1.98 12.66
C SER A 259 30.86 -1.17 11.37
N LEU A 260 29.89 -1.45 10.50
CA LEU A 260 29.69 -0.64 9.30
C LEU A 260 29.42 0.81 9.66
N ILE A 261 28.48 1.01 10.59
CA ILE A 261 28.14 2.32 11.10
C ILE A 261 29.34 3.01 11.75
N ASN A 262 30.12 2.26 12.51
CA ASN A 262 31.27 2.81 13.18
C ASN A 262 32.34 3.27 12.19
N ASP A 263 32.49 2.53 11.10
CA ASP A 263 33.51 2.86 10.10
C ASP A 263 33.00 3.81 9.02
N MET A 264 31.76 4.27 9.17
CA MET A 264 31.10 5.12 8.19
C MET A 264 31.63 6.57 8.27
N PRO A 265 31.70 7.28 7.14
CA PRO A 265 32.11 8.69 7.13
C PRO A 265 31.02 9.65 7.61
N ILE A 266 30.67 9.56 8.89
CA ILE A 266 29.59 10.37 9.46
C ILE A 266 30.00 10.92 10.82
N THR A 267 29.25 11.88 11.34
CA THR A 267 29.57 12.43 12.65
C THR A 267 29.29 11.44 13.78
N ASN A 268 29.87 11.72 14.94
CA ASN A 268 29.66 10.89 16.12
C ASN A 268 28.20 10.85 16.60
N ASP A 269 27.51 11.98 16.47
CA ASP A 269 26.09 12.05 16.82
C ASP A 269 25.27 11.07 15.97
N GLN A 270 25.61 11.00 14.69
CA GLN A 270 24.96 10.10 13.73
C GLN A 270 25.29 8.65 14.04
N LYS A 271 26.56 8.39 14.32
CA LYS A 271 27.02 7.06 14.69
C LYS A 271 26.22 6.63 15.92
N LYS A 272 26.06 7.54 16.86
CA LYS A 272 25.32 7.25 18.08
C LYS A 272 23.86 6.98 17.78
N LEU A 273 23.25 7.82 16.94
CA LEU A 273 21.85 7.63 16.58
C LEU A 273 21.58 6.32 15.85
N MET A 274 22.42 6.00 14.87
CA MET A 274 22.26 4.78 14.10
C MET A 274 22.52 3.49 14.87
N SER A 275 23.51 3.50 15.75
CA SER A 275 23.84 2.31 16.52
C SER A 275 22.75 1.99 17.53
N ASN A 276 22.11 3.02 18.06
CA ASN A 276 21.04 2.84 19.05
C ASN A 276 19.68 2.53 18.42
N ASN A 277 19.61 2.58 17.09
CA ASN A 277 18.36 2.33 16.38
C ASN A 277 18.58 1.52 15.10
N VAL A 278 19.36 0.45 15.22
CA VAL A 278 19.74 -0.37 14.08
C VAL A 278 18.52 -1.00 13.43
N GLN A 279 17.47 -1.25 14.21
CA GLN A 279 16.26 -1.88 13.68
C GLN A 279 15.53 -0.96 12.70
N ILE A 280 15.63 0.35 12.93
CA ILE A 280 15.05 1.31 12.01
C ILE A 280 15.93 1.42 10.77
N VAL A 281 17.24 1.42 11.00
CA VAL A 281 18.22 1.45 9.92
C VAL A 281 17.98 0.30 8.95
N ARG A 282 17.67 -0.88 9.49
CA ARG A 282 17.39 -2.03 8.63
C ARG A 282 16.17 -1.79 7.76
N GLN A 283 15.14 -1.16 8.34
CA GLN A 283 13.90 -0.93 7.60
C GLN A 283 14.09 0.12 6.51
N GLN A 284 15.09 0.97 6.69
CA GLN A 284 15.35 2.04 5.73
C GLN A 284 16.53 1.71 4.83
N SER A 285 16.95 0.45 4.81
CA SER A 285 18.06 0.03 3.97
C SER A 285 17.60 -0.88 2.85
N TYR A 286 18.42 -0.97 1.82
CA TYR A 286 18.17 -1.88 0.71
C TYR A 286 19.37 -2.81 0.53
N SER A 287 19.11 -4.07 0.24
CA SER A 287 20.16 -4.97 -0.21
C SER A 287 20.00 -5.30 -1.70
N ILE A 288 21.01 -4.95 -2.50
CA ILE A 288 20.96 -5.11 -3.95
C ILE A 288 21.95 -6.14 -4.47
N MET A 289 21.46 -7.30 -4.88
CA MET A 289 22.31 -8.33 -5.46
C MET A 289 23.04 -7.80 -6.69
N CYS A 290 24.37 -7.96 -6.75
CA CYS A 290 25.11 -7.22 -7.76
C CYS A 290 25.91 -8.15 -8.69
N ILE A 291 26.81 -8.98 -8.17
CA ILE A 291 27.69 -9.78 -9.04
C ILE A 291 28.28 -11.04 -8.41
N ILE A 292 28.39 -12.08 -9.24
CA ILE A 292 29.19 -13.25 -8.92
C ILE A 292 30.21 -13.46 -10.03
N LYS A 293 31.48 -13.29 -9.71
CA LYS A 293 32.53 -13.36 -10.73
C LYS A 293 33.89 -13.63 -10.12
N GLU A 294 34.62 -14.59 -10.68
CA GLU A 294 35.95 -14.92 -10.20
C GLU A 294 35.94 -15.28 -8.72
N GLU A 295 35.04 -16.19 -8.37
CA GLU A 295 34.88 -16.72 -7.02
C GLU A 295 34.54 -15.66 -5.98
N VAL A 296 34.08 -14.50 -6.44
CA VAL A 296 33.61 -13.47 -5.52
C VAL A 296 32.11 -13.24 -5.67
N LEU A 297 31.35 -13.42 -4.60
CA LEU A 297 29.95 -12.99 -4.57
C LEU A 297 29.85 -11.63 -3.87
N ALA A 298 29.26 -10.65 -4.53
CA ALA A 298 29.18 -9.30 -3.95
C ALA A 298 27.78 -8.73 -4.10
N TYR A 299 27.20 -8.25 -2.99
CA TYR A 299 25.97 -7.47 -3.07
C TYR A 299 26.15 -6.11 -2.41
N VAL A 300 25.52 -5.09 -2.98
CA VAL A 300 25.60 -3.75 -2.41
C VAL A 300 24.51 -3.57 -1.35
N VAL A 301 24.91 -3.15 -0.15
CA VAL A 301 23.93 -2.77 0.86
C VAL A 301 23.88 -1.26 0.98
N GLN A 302 22.68 -0.71 0.71
CA GLN A 302 22.46 0.73 0.67
C GLN A 302 21.88 1.22 1.99
N LEU A 303 22.68 1.98 2.73
CA LEU A 303 22.30 2.38 4.07
C LEU A 303 21.87 3.85 4.15
N PRO A 304 20.89 4.15 5.01
CA PRO A 304 20.38 5.52 5.17
C PRO A 304 21.39 6.44 5.81
N LEU A 305 21.52 7.67 5.30
CA LEU A 305 22.28 8.70 5.99
C LEU A 305 21.34 9.71 6.66
N TYR A 306 21.45 9.85 7.97
CA TYR A 306 20.64 10.81 8.70
C TYR A 306 21.30 12.16 8.96
N GLY A 307 21.16 13.10 8.02
CA GLY A 307 21.82 14.39 8.14
C GLY A 307 21.11 15.45 8.95
N VAL A 308 19.89 15.15 9.40
CA VAL A 308 19.14 16.05 10.27
C VAL A 308 18.65 15.34 11.52
N ILE A 309 19.13 15.81 12.66
CA ILE A 309 18.84 15.20 13.96
C ILE A 309 18.49 16.25 15.03
N ASP A 310 17.47 15.96 15.83
CA ASP A 310 17.14 16.74 17.03
C ASP A 310 16.57 18.12 16.73
N THR A 311 15.93 18.28 15.58
CA THR A 311 15.16 19.51 15.34
C THR A 311 13.73 19.25 15.83
N PRO A 312 13.01 20.31 16.23
CA PRO A 312 11.64 20.10 16.71
C PRO A 312 10.73 19.53 15.64
N CYS A 313 9.90 18.57 16.03
CA CYS A 313 8.86 18.02 15.17
C CYS A 313 7.47 18.08 15.77
N TRP A 314 6.44 18.19 14.92
CA TRP A 314 5.09 18.09 15.45
C TRP A 314 4.16 17.37 14.46
N LYS A 315 3.17 16.68 14.99
CA LYS A 315 2.22 15.93 14.17
C LYS A 315 0.84 16.56 14.19
N LEU A 316 0.32 16.87 13.00
CA LEU A 316 -1.00 17.48 12.90
C LEU A 316 -2.09 16.47 12.58
N HIS A 317 -3.07 16.36 13.47
CA HIS A 317 -4.26 15.50 13.29
C HIS A 317 -5.46 16.37 12.96
N THR A 318 -6.27 15.93 12.00
CA THR A 318 -7.45 16.67 11.62
C THR A 318 -8.64 15.73 11.46
N SER A 319 -9.82 16.31 11.56
CA SER A 319 -11.07 15.55 11.53
C SER A 319 -12.16 16.48 11.00
N PRO A 320 -13.23 15.92 10.40
CA PRO A 320 -14.24 16.77 9.78
C PRO A 320 -15.01 17.68 10.73
N LEU A 321 -15.16 18.93 10.32
CA LEU A 321 -15.94 19.90 11.07
C LEU A 321 -17.23 20.22 10.33
N CYS A 322 -18.36 19.79 10.86
CA CYS A 322 -19.65 20.02 10.21
C CYS A 322 -20.63 20.80 11.07
N THR A 323 -21.58 21.46 10.40
CA THR A 323 -22.74 22.02 11.05
C THR A 323 -23.63 20.92 11.62
N THR A 324 -24.53 21.28 12.53
CA THR A 324 -25.32 20.29 13.24
C THR A 324 -26.83 20.59 13.15
N ASN A 325 -27.25 21.09 12.00
CA ASN A 325 -28.66 21.36 11.75
C ASN A 325 -29.50 20.09 11.79
N THR A 326 -30.78 20.25 12.09
CA THR A 326 -31.72 19.14 12.25
C THR A 326 -31.98 18.38 10.94
N LYS A 327 -32.28 19.13 9.88
CA LYS A 327 -32.58 18.54 8.58
C LYS A 327 -31.39 17.76 8.02
N GLU A 328 -31.58 16.46 7.78
CA GLU A 328 -30.49 15.64 7.26
C GLU A 328 -30.08 16.16 5.88
N GLY A 329 -28.78 16.19 5.60
CA GLY A 329 -28.29 16.61 4.30
C GLY A 329 -28.27 18.12 4.08
N SER A 330 -28.70 18.86 5.09
CA SER A 330 -28.72 20.32 5.02
C SER A 330 -27.44 20.88 5.62
N ASN A 331 -26.56 19.99 6.05
CA ASN A 331 -25.33 20.37 6.71
C ASN A 331 -24.15 20.48 5.76
N ILE A 332 -23.21 21.35 6.09
CA ILE A 332 -22.00 21.53 5.29
C ILE A 332 -20.81 21.20 6.17
N CYS A 333 -19.74 20.70 5.57
CA CYS A 333 -18.57 20.24 6.33
C CYS A 333 -17.26 20.76 5.77
N LEU A 334 -16.24 20.72 6.63
CA LEU A 334 -14.93 21.21 6.27
C LEU A 334 -13.88 20.40 7.01
N THR A 335 -12.81 20.03 6.31
CA THR A 335 -11.72 19.29 6.96
C THR A 335 -10.36 19.80 6.53
N ARG A 336 -9.50 20.14 7.48
CA ARG A 336 -8.11 20.48 7.15
C ARG A 336 -7.40 19.26 6.55
N THR A 337 -6.82 19.42 5.36
CA THR A 337 -6.20 18.30 4.65
C THR A 337 -4.68 18.20 4.87
N ASP A 338 -4.12 19.20 5.53
CA ASP A 338 -2.67 19.29 5.69
C ASP A 338 -2.14 18.51 6.89
N ARG A 339 -2.85 17.47 7.29
CA ARG A 339 -2.42 16.63 8.40
C ARG A 339 -1.19 15.80 8.04
N GLY A 340 -0.40 15.47 9.05
CA GLY A 340 0.83 14.72 8.87
C GLY A 340 1.92 15.18 9.82
N TRP A 341 3.14 14.70 9.61
CA TRP A 341 4.27 15.10 10.43
C TRP A 341 4.94 16.38 9.88
N TYR A 342 5.36 17.26 10.78
CA TYR A 342 6.07 18.48 10.42
C TYR A 342 7.38 18.60 11.20
N CYS A 343 8.46 18.95 10.52
CA CYS A 343 9.73 19.17 11.19
C CYS A 343 10.42 20.44 10.72
N ASP A 344 10.86 21.26 11.68
CA ASP A 344 11.73 22.39 11.34
C ASP A 344 12.99 21.87 10.69
N ASN A 345 13.38 22.49 9.59
CA ASN A 345 14.52 22.01 8.83
C ASN A 345 15.11 23.13 7.98
N ALA A 346 16.26 23.63 8.40
CA ALA A 346 17.05 24.56 7.60
C ALA A 346 16.28 25.81 7.20
N GLY A 347 15.54 26.38 8.14
CA GLY A 347 14.83 27.62 7.91
C GLY A 347 13.47 27.42 7.26
N SER A 348 13.20 26.19 6.84
CA SER A 348 11.90 25.87 6.29
C SER A 348 11.24 24.78 7.11
N VAL A 349 10.12 24.25 6.62
CA VAL A 349 9.48 23.15 7.31
C VAL A 349 9.29 21.95 6.38
N SER A 350 9.80 20.80 6.79
CA SER A 350 9.59 19.57 6.04
C SER A 350 8.26 18.94 6.44
N PHE A 351 7.39 18.73 5.47
CA PHE A 351 6.04 18.24 5.72
C PHE A 351 5.81 16.86 5.11
N PHE A 352 5.43 15.92 5.96
CA PHE A 352 5.21 14.54 5.52
C PHE A 352 3.73 14.24 5.60
N PRO A 353 3.01 14.42 4.48
CA PRO A 353 1.55 14.26 4.50
C PRO A 353 1.09 12.84 4.84
N GLN A 354 1.82 11.84 4.38
CA GLN A 354 1.48 10.47 4.76
C GLN A 354 2.23 10.01 5.99
N ALA A 355 1.71 10.39 7.15
CA ALA A 355 2.33 10.16 8.45
C ALA A 355 2.65 8.69 8.74
N GLU A 356 2.10 7.78 7.94
CA GLU A 356 2.41 6.37 8.07
C GLU A 356 3.78 6.03 7.49
N THR A 357 4.39 6.95 6.76
CA THR A 357 5.72 6.71 6.24
C THR A 357 6.79 7.02 7.29
N CYS A 358 6.36 7.61 8.40
CA CYS A 358 7.28 7.90 9.50
C CYS A 358 7.08 6.93 10.66
N LYS A 359 8.18 6.58 11.31
CA LYS A 359 8.14 5.70 12.48
C LYS A 359 8.63 6.41 13.73
N VAL A 360 7.85 6.31 14.79
CA VAL A 360 8.17 6.97 16.05
C VAL A 360 8.73 5.98 17.07
N GLN A 361 9.89 6.31 17.63
CA GLN A 361 10.51 5.54 18.70
C GLN A 361 10.66 6.48 19.89
N SER A 362 9.81 6.27 20.88
CA SER A 362 9.64 7.15 22.03
C SER A 362 9.28 8.58 21.60
N ASN A 363 10.23 9.51 21.67
CA ASN A 363 9.98 10.88 21.25
C ASN A 363 10.80 11.28 20.02
N ARG A 364 11.45 10.28 19.45
CA ARG A 364 12.24 10.42 18.23
C ARG A 364 11.39 10.00 17.03
N VAL A 365 11.39 10.79 15.96
CA VAL A 365 10.60 10.40 14.79
C VAL A 365 11.46 10.25 13.54
N PHE A 366 11.43 9.05 12.97
CA PHE A 366 12.22 8.75 11.78
C PHE A 366 11.40 8.92 10.51
N CYS A 367 11.85 9.81 9.63
CA CYS A 367 11.18 10.02 8.36
C CYS A 367 12.16 9.97 7.20
N ASP A 368 11.62 10.00 6.00
CA ASP A 368 12.43 9.98 4.80
C ASP A 368 12.10 11.24 3.99
N THR A 369 13.11 12.05 3.68
CA THR A 369 12.88 13.33 3.00
C THR A 369 12.34 13.09 1.60
N MET A 370 12.44 11.86 1.12
CA MET A 370 11.92 11.47 -0.19
C MET A 370 10.39 11.59 -0.17
N ASN A 371 9.79 11.46 1.02
CA ASN A 371 8.34 11.59 1.22
C ASN A 371 7.89 12.92 1.82
N SER A 372 8.60 14.00 1.54
CA SER A 372 8.19 15.29 2.10
C SER A 372 7.98 16.40 1.08
N LEU A 373 7.22 17.40 1.51
CA LEU A 373 7.24 18.68 0.83
C LEU A 373 8.08 19.66 1.63
N THR A 374 8.68 20.64 0.96
CA THR A 374 9.40 21.68 1.68
C THR A 374 8.55 22.94 1.68
N LEU A 375 8.08 23.35 2.86
CA LEU A 375 7.13 24.45 2.93
C LEU A 375 7.71 25.65 3.65
N PRO A 376 7.19 26.85 3.33
CA PRO A 376 7.53 28.05 4.11
C PRO A 376 7.12 27.84 5.56
N SER A 377 7.86 28.40 6.50
CA SER A 377 7.57 28.18 7.91
C SER A 377 6.25 28.84 8.33
N GLU A 378 5.73 29.72 7.46
CA GLU A 378 4.45 30.38 7.69
C GLU A 378 3.26 29.41 7.65
N VAL A 379 3.50 28.19 7.17
CA VAL A 379 2.49 27.13 7.17
C VAL A 379 1.94 26.84 8.56
N ASN A 380 2.74 27.12 9.58
CA ASN A 380 2.35 26.92 10.97
C ASN A 380 1.18 27.83 11.38
N LEU A 381 1.03 28.96 10.69
CA LEU A 381 0.00 29.93 11.04
C LEU A 381 -1.39 29.33 10.91
N CYS A 382 -1.54 28.27 10.12
CA CYS A 382 -2.85 27.66 9.93
C CYS A 382 -3.34 27.10 11.27
N ASN A 383 -2.38 26.91 12.17
CA ASN A 383 -2.67 26.37 13.48
C ASN A 383 -3.21 27.46 14.39
N VAL A 384 -2.60 28.64 14.33
CA VAL A 384 -3.05 29.75 15.15
C VAL A 384 -4.20 30.57 14.55
N ASP A 385 -4.16 30.81 13.24
CA ASP A 385 -5.21 31.60 12.59
C ASP A 385 -5.44 31.06 11.18
N ILE A 386 -6.44 30.21 10.98
CA ILE A 386 -6.63 29.58 9.68
C ILE A 386 -7.08 30.56 8.58
N PHE A 387 -7.47 31.77 8.97
CA PHE A 387 -7.86 32.77 7.97
C PHE A 387 -6.76 33.81 7.72
N ASN A 388 -5.57 33.55 8.26
CA ASN A 388 -4.42 34.44 8.08
C ASN A 388 -4.12 34.75 6.60
N PRO A 389 -3.66 35.96 6.34
CA PRO A 389 -3.46 36.40 4.95
C PRO A 389 -2.12 35.97 4.34
N LYS A 390 -1.28 35.28 5.11
CA LYS A 390 0.08 34.99 4.67
C LYS A 390 0.27 33.57 4.14
N TYR A 391 -0.62 32.65 4.49
CA TYR A 391 -0.50 31.31 3.94
C TYR A 391 -1.91 30.80 3.68
N ASP A 392 -2.12 30.23 2.50
CA ASP A 392 -3.45 29.76 2.13
C ASP A 392 -3.69 28.32 2.60
N CYS A 393 -4.30 28.17 3.77
CA CYS A 393 -4.44 26.86 4.40
C CYS A 393 -5.29 25.92 3.56
N LYS A 394 -4.87 24.68 3.44
CA LYS A 394 -5.54 23.73 2.56
C LYS A 394 -6.64 23.00 3.30
N ILE A 395 -7.80 22.91 2.66
CA ILE A 395 -8.98 22.25 3.22
C ILE A 395 -9.76 21.48 2.16
N MET A 396 -10.60 20.55 2.62
CA MET A 396 -11.59 19.93 1.74
C MET A 396 -12.98 20.22 2.29
N THR A 397 -13.97 20.23 1.40
CA THR A 397 -15.34 20.49 1.80
C THR A 397 -16.23 19.33 1.43
N SER A 398 -17.32 19.15 2.19
CA SER A 398 -18.28 18.11 1.85
C SER A 398 -19.61 18.31 2.57
N LYS A 399 -20.55 17.42 2.29
CA LYS A 399 -21.82 17.33 3.02
C LYS A 399 -21.92 15.98 3.70
N THR A 400 -20.78 15.29 3.78
CA THR A 400 -20.75 13.94 4.28
C THR A 400 -20.53 13.96 5.79
N ASP A 401 -21.61 14.11 6.54
CA ASP A 401 -21.52 14.21 7.98
C ASP A 401 -21.59 12.85 8.64
N VAL A 402 -20.50 12.09 8.48
CA VAL A 402 -20.35 10.80 9.14
C VAL A 402 -19.52 11.00 10.40
N SER A 403 -19.71 10.13 11.37
CA SER A 403 -19.05 10.25 12.65
C SER A 403 -17.74 9.49 12.67
N SER A 404 -16.74 10.04 13.37
CA SER A 404 -15.49 9.32 13.53
C SER A 404 -14.66 9.89 14.64
N SER A 405 -13.54 9.24 14.93
CA SER A 405 -12.61 9.78 15.90
C SER A 405 -11.20 9.66 15.35
N VAL A 406 -10.35 10.61 15.73
CA VAL A 406 -8.93 10.51 15.46
C VAL A 406 -8.16 10.44 16.78
N ILE A 407 -7.45 9.34 17.01
CA ILE A 407 -6.64 9.20 18.21
C ILE A 407 -5.33 9.94 18.02
N THR A 408 -5.08 10.90 18.91
CA THR A 408 -3.93 11.76 18.83
C THR A 408 -2.84 11.22 19.74
N SER A 409 -1.78 12.00 19.92
CA SER A 409 -0.71 11.62 20.82
C SER A 409 -1.16 11.55 22.28
N LEU A 410 -2.01 12.48 22.71
CA LEU A 410 -2.31 12.61 24.13
C LEU A 410 -3.82 12.63 24.44
N GLY A 411 -4.62 12.23 23.46
CA GLY A 411 -6.07 12.22 23.62
C GLY A 411 -6.77 11.69 22.40
N ALA A 412 -7.95 12.26 22.13
CA ALA A 412 -8.78 11.82 21.03
C ALA A 412 -9.68 12.94 20.54
N ILE A 413 -9.72 13.15 19.23
CA ILE A 413 -10.68 14.08 18.64
C ILE A 413 -11.92 13.29 18.24
N VAL A 414 -13.10 13.79 18.59
CA VAL A 414 -14.35 13.12 18.23
C VAL A 414 -15.26 13.99 17.35
N SER A 415 -15.53 13.53 16.14
CA SER A 415 -16.50 14.17 15.26
C SER A 415 -17.81 13.41 15.29
N CYS A 416 -18.76 13.90 16.08
CA CYS A 416 -19.99 13.14 16.27
C CYS A 416 -21.14 13.86 15.62
N TYR A 417 -21.74 13.20 14.64
CA TYR A 417 -22.83 13.81 13.88
C TYR A 417 -24.01 12.86 13.68
N GLY A 418 -25.15 13.45 13.38
CA GLY A 418 -26.37 12.73 13.08
C GLY A 418 -26.89 12.02 14.31
N LYS A 419 -27.25 10.75 14.15
CA LYS A 419 -27.81 9.99 15.26
C LYS A 419 -26.80 9.09 15.96
N THR A 420 -25.53 9.25 15.65
CA THR A 420 -24.49 8.38 16.18
C THR A 420 -24.30 8.51 17.68
N LYS A 421 -24.13 7.38 18.36
CA LYS A 421 -23.74 7.39 19.77
C LYS A 421 -22.23 7.49 19.86
N CYS A 422 -21.73 8.55 20.48
CA CYS A 422 -20.29 8.75 20.62
C CYS A 422 -19.97 8.98 22.08
N THR A 423 -19.12 8.11 22.63
CA THR A 423 -18.79 8.22 24.05
C THR A 423 -17.32 7.97 24.30
N ALA A 424 -16.90 8.33 25.50
CA ALA A 424 -15.57 8.05 26.01
C ALA A 424 -15.75 7.37 27.35
N SER A 425 -14.95 6.34 27.62
CA SER A 425 -15.14 5.61 28.86
C SER A 425 -13.84 5.50 29.63
N ASN A 426 -13.98 5.22 30.92
CA ASN A 426 -12.84 4.87 31.75
C ASN A 426 -12.81 3.37 32.04
N LYS A 427 -11.62 2.86 32.38
CA LYS A 427 -11.42 1.46 32.74
C LYS A 427 -12.42 1.02 33.80
N ASN A 428 -12.52 1.72 34.92
CA ASN A 428 -13.32 1.21 36.02
C ASN A 428 -14.73 1.80 36.08
N ARG A 429 -14.91 3.01 35.57
CA ARG A 429 -16.20 3.66 35.69
C ARG A 429 -17.12 3.28 34.53
N GLY A 430 -16.55 3.00 33.36
CA GLY A 430 -17.37 2.73 32.20
C GLY A 430 -17.57 4.05 31.50
N ILE A 431 -18.70 4.22 30.83
CA ILE A 431 -18.92 5.44 30.05
C ILE A 431 -18.97 6.63 31.01
N ILE A 432 -18.11 7.60 30.75
CA ILE A 432 -18.03 8.80 31.58
C ILE A 432 -18.37 10.08 30.82
N LYS A 433 -18.32 10.03 29.50
CA LYS A 433 -18.74 11.17 28.70
C LYS A 433 -19.49 10.78 27.44
N THR A 434 -20.60 11.46 27.22
CA THR A 434 -21.33 11.35 25.96
C THR A 434 -21.16 12.66 25.20
N PHE A 435 -20.64 12.56 23.98
CA PHE A 435 -20.38 13.72 23.15
C PHE A 435 -21.67 14.23 22.53
N SER A 436 -21.82 15.54 22.50
CA SER A 436 -22.92 16.12 21.74
C SER A 436 -22.46 16.27 20.30
N ASN A 437 -23.41 16.54 19.42
CA ASN A 437 -23.08 16.73 18.02
C ASN A 437 -22.10 17.88 17.83
N GLY A 438 -21.15 17.68 16.94
CA GLY A 438 -20.12 18.67 16.73
C GLY A 438 -18.75 18.03 16.80
N CYS A 439 -17.71 18.85 16.77
CA CYS A 439 -16.36 18.36 16.92
C CYS A 439 -15.82 18.73 18.29
N ASP A 440 -15.32 17.71 18.99
CA ASP A 440 -14.89 17.86 20.37
C ASP A 440 -13.64 17.04 20.61
N TYR A 441 -13.16 17.05 21.85
CA TYR A 441 -11.87 16.46 22.20
C TYR A 441 -11.86 16.03 23.65
N VAL A 442 -11.11 14.98 23.95
CA VAL A 442 -10.88 14.58 25.32
C VAL A 442 -9.43 14.12 25.48
N SER A 443 -8.83 14.42 26.63
CA SER A 443 -7.45 14.02 26.86
C SER A 443 -7.38 12.60 27.36
N ASN A 444 -6.19 12.00 27.32
CA ASN A 444 -6.04 10.61 27.72
C ASN A 444 -5.92 10.46 29.23
N LYS A 445 -5.96 11.58 29.94
CA LYS A 445 -5.91 11.55 31.39
C LYS A 445 -7.29 11.15 31.94
N GLY A 446 -7.37 9.97 32.56
CA GLY A 446 -8.62 9.46 33.08
C GLY A 446 -9.58 8.86 32.06
N VAL A 447 -9.18 8.86 30.80
CA VAL A 447 -9.95 8.23 29.73
C VAL A 447 -9.14 7.07 29.16
N ASP A 448 -9.77 5.92 28.96
CA ASP A 448 -9.06 4.77 28.43
C ASP A 448 -9.49 4.33 27.02
N THR A 449 -10.78 4.41 26.73
CA THR A 449 -11.27 4.03 25.41
C THR A 449 -12.27 5.06 24.90
N VAL A 450 -12.45 5.08 23.58
CA VAL A 450 -13.48 5.91 22.96
C VAL A 450 -14.28 5.06 21.99
N SER A 451 -15.59 5.28 21.96
CA SER A 451 -16.44 4.59 21.00
C SER A 451 -17.19 5.60 20.17
N VAL A 452 -17.07 5.45 18.86
CA VAL A 452 -17.85 6.26 17.94
C VAL A 452 -18.63 5.30 17.05
N GLY A 453 -19.94 5.29 17.21
CA GLY A 453 -20.75 4.32 16.51
C GLY A 453 -20.34 2.94 16.99
N ASN A 454 -20.12 2.04 16.04
CA ASN A 454 -19.73 0.67 16.37
C ASN A 454 -18.22 0.47 16.44
N THR A 455 -17.45 1.55 16.43
CA THR A 455 -16.00 1.45 16.45
C THR A 455 -15.39 1.81 17.79
N LEU A 456 -14.75 0.84 18.44
CA LEU A 456 -14.03 1.13 19.69
C LEU A 456 -12.58 1.48 19.42
N TYR A 457 -12.13 2.57 20.02
CA TYR A 457 -10.74 3.04 19.94
C TYR A 457 -10.12 2.97 21.32
N TYR A 458 -8.97 2.31 21.44
CA TYR A 458 -8.18 2.42 22.65
C TYR A 458 -7.31 3.66 22.51
N VAL A 459 -7.26 4.51 23.53
CA VAL A 459 -6.42 5.70 23.47
C VAL A 459 -4.97 5.47 23.91
N ASN A 460 -4.04 6.30 23.43
CA ASN A 460 -2.65 6.25 23.88
C ASN A 460 -2.49 6.72 25.32
N LYS A 461 -1.73 5.99 26.12
CA LYS A 461 -1.58 6.32 27.54
C LYS A 461 -0.29 7.03 27.93
N GLN A 462 0.40 7.65 26.98
CA GLN A 462 1.62 8.38 27.33
C GLN A 462 1.32 9.61 28.19
N GLU A 463 2.25 9.91 29.10
CA GLU A 463 2.16 11.06 29.99
C GLU A 463 2.42 12.34 29.21
N GLY A 464 1.65 13.38 29.52
CA GLY A 464 1.83 14.68 28.89
C GLY A 464 0.62 15.57 29.06
N LYS A 465 0.83 16.89 29.02
CA LYS A 465 -0.26 17.83 29.27
C LYS A 465 -0.97 18.23 27.98
N SER A 466 -2.29 18.31 28.05
CA SER A 466 -3.10 18.78 26.93
C SER A 466 -3.70 20.15 27.18
N LEU A 467 -3.85 20.93 26.11
CA LEU A 467 -4.51 22.23 26.21
C LEU A 467 -5.70 22.29 25.24
N TYR A 468 -6.88 22.57 25.78
CA TYR A 468 -8.08 22.69 24.96
C TYR A 468 -8.24 24.16 24.56
N VAL A 469 -8.04 24.47 23.28
CA VAL A 469 -8.17 25.85 22.83
C VAL A 469 -9.56 26.14 22.28
N LYS A 470 -10.37 26.86 23.06
CA LYS A 470 -11.73 27.15 22.66
C LYS A 470 -11.83 28.12 21.50
N GLY A 471 -12.87 27.96 20.70
CA GLY A 471 -13.14 28.85 19.59
C GLY A 471 -14.33 28.40 18.80
N GLU A 472 -15.08 29.34 18.23
CA GLU A 472 -16.21 29.00 17.39
C GLU A 472 -15.76 28.20 16.18
N PRO A 473 -16.38 27.03 15.97
CA PRO A 473 -16.14 26.23 14.76
C PRO A 473 -16.37 27.10 13.53
N ILE A 474 -15.36 27.18 12.67
CA ILE A 474 -15.36 28.15 11.57
C ILE A 474 -16.40 27.85 10.50
N ILE A 475 -16.92 26.62 10.48
CA ILE A 475 -17.95 26.24 9.55
C ILE A 475 -19.21 27.10 9.75
N ASN A 476 -19.33 27.67 10.95
CA ASN A 476 -20.46 28.55 11.26
C ASN A 476 -20.38 29.90 10.56
N PHE A 477 -19.22 30.22 10.01
CA PHE A 477 -19.01 31.51 9.36
C PHE A 477 -19.45 31.48 7.90
N TYR A 478 -19.95 30.34 7.45
CA TYR A 478 -20.28 30.18 6.04
C TYR A 478 -21.78 30.10 5.83
N ASP A 479 -22.23 30.78 4.78
CA ASP A 479 -23.61 30.70 4.35
C ASP A 479 -23.79 29.46 3.49
N PRO A 480 -24.59 28.51 3.97
CA PRO A 480 -24.76 27.20 3.31
C PRO A 480 -25.30 27.35 1.89
N LEU A 481 -25.92 28.50 1.60
CA LEU A 481 -26.54 28.73 0.30
C LEU A 481 -25.52 29.02 -0.80
N VAL A 482 -24.31 29.45 -0.44
CA VAL A 482 -23.30 29.71 -1.46
C VAL A 482 -22.02 28.94 -1.18
N PHE A 483 -22.11 28.01 -0.24
CA PHE A 483 -20.97 27.18 0.14
C PHE A 483 -20.63 26.09 -0.87
N PRO A 484 -19.40 26.12 -1.40
CA PRO A 484 -18.97 25.07 -2.34
C PRO A 484 -18.63 23.86 -1.47
N SER A 485 -19.57 22.93 -1.35
CA SER A 485 -19.34 21.71 -0.58
C SER A 485 -18.71 20.49 -1.24
N ASP A 486 -18.40 20.58 -2.51
CA ASP A 486 -17.85 19.46 -3.25
C ASP A 486 -16.44 19.76 -3.71
N GLU A 487 -15.70 20.47 -2.88
CA GLU A 487 -14.29 20.70 -3.11
C GLU A 487 -13.41 19.75 -2.31
N PHE A 488 -12.66 18.93 -3.03
CA PHE A 488 -11.81 17.90 -2.45
C PHE A 488 -10.38 18.42 -2.30
N ASP A 489 -9.76 18.86 -3.39
CA ASP A 489 -8.39 19.41 -3.38
C ASP A 489 -8.40 20.93 -3.26
N ALA A 490 -8.99 21.46 -2.19
CA ALA A 490 -9.22 22.89 -2.06
C ALA A 490 -8.35 23.60 -1.03
N SER A 491 -8.69 24.86 -0.78
CA SER A 491 -7.98 25.70 0.19
C SER A 491 -8.90 26.84 0.60
N ILE A 492 -8.52 27.57 1.63
CA ILE A 492 -9.31 28.69 2.15
C ILE A 492 -9.65 29.76 1.10
N SER A 493 -8.66 30.20 0.36
CA SER A 493 -8.86 31.25 -0.64
C SER A 493 -9.72 30.79 -1.81
N GLN A 494 -9.54 29.55 -2.24
CA GLN A 494 -10.31 29.04 -3.36
C GLN A 494 -11.80 28.97 -3.03
N VAL A 495 -12.10 28.52 -1.83
CA VAL A 495 -13.48 28.49 -1.36
C VAL A 495 -14.06 29.91 -1.32
N ASN A 496 -13.28 30.85 -0.76
CA ASN A 496 -13.63 32.26 -0.77
C ASN A 496 -13.87 32.77 -2.19
N GLU A 497 -12.97 32.38 -3.09
CA GLU A 497 -13.06 32.81 -4.48
C GLU A 497 -14.41 32.40 -5.05
N LYS A 498 -14.82 31.16 -4.79
CA LYS A 498 -16.08 30.69 -5.31
C LYS A 498 -17.28 31.31 -4.61
N ILE A 499 -17.18 31.50 -3.30
CA ILE A 499 -18.26 32.14 -2.57
C ILE A 499 -18.46 33.56 -3.09
N ASN A 500 -17.36 34.27 -3.32
CA ASN A 500 -17.43 35.62 -3.88
C ASN A 500 -18.08 35.68 -5.25
N GLN A 501 -17.86 34.67 -6.06
CA GLN A 501 -18.43 34.65 -7.39
C GLN A 501 -19.92 34.36 -7.36
N SER A 502 -20.34 33.46 -6.49
CA SER A 502 -21.77 33.19 -6.36
C SER A 502 -22.51 34.37 -5.76
N LEU A 503 -21.86 35.05 -4.82
CA LEU A 503 -22.45 36.23 -4.21
C LEU A 503 -22.49 37.43 -5.14
N ALA A 504 -21.49 37.54 -6.01
CA ALA A 504 -21.43 38.66 -6.94
C ALA A 504 -22.58 38.59 -7.93
N PHE A 505 -22.84 37.41 -8.46
CA PHE A 505 -23.90 37.24 -9.45
C PHE A 505 -25.28 37.29 -8.80
N ILE A 506 -25.33 37.26 -7.48
CA ILE A 506 -26.62 37.41 -6.84
C ILE A 506 -26.87 38.83 -6.37
N ARG A 507 -25.83 39.53 -5.92
CA ARG A 507 -25.97 40.95 -5.67
C ARG A 507 -26.38 41.63 -6.97
N LYS A 508 -25.52 41.50 -7.97
CA LYS A 508 -25.64 42.24 -9.21
C LYS A 508 -26.88 41.91 -10.03
N SER A 509 -27.22 40.63 -10.14
CA SER A 509 -28.37 40.26 -10.97
C SER A 509 -29.66 40.74 -10.32
N ASP A 510 -29.69 40.70 -9.00
CA ASP A 510 -30.86 41.20 -8.27
C ASP A 510 -30.85 42.72 -8.24
N GLU A 511 -29.65 43.31 -8.20
CA GLU A 511 -29.52 44.76 -8.36
C GLU A 511 -30.06 45.19 -9.71
N LEU A 512 -29.80 44.39 -10.74
CA LEU A 512 -30.20 44.71 -12.11
C LEU A 512 -31.69 44.55 -12.36
N LEU A 513 -32.30 43.48 -11.84
CA LEU A 513 -33.72 43.27 -12.07
C LEU A 513 -34.49 44.41 -11.40
N SER A 514 -34.02 44.81 -10.23
CA SER A 514 -34.47 46.06 -9.63
C SER A 514 -33.92 47.16 -10.53
N ALA A 515 -34.71 48.20 -10.77
CA ALA A 515 -34.33 49.34 -11.61
C ALA A 515 -34.41 49.06 -13.12
N ILE A 516 -34.78 47.86 -13.50
CA ILE A 516 -35.11 47.62 -14.90
C ILE A 516 -36.52 48.14 -15.05
N GLY A 517 -37.36 47.79 -14.09
CA GLY A 517 -38.73 48.26 -14.06
C GLY A 517 -38.82 49.78 -13.93
N GLY A 518 -37.68 50.43 -13.72
CA GLY A 518 -37.62 51.88 -13.58
C GLY A 518 -37.45 52.60 -14.91
N TYR A 519 -37.14 51.84 -15.96
CA TYR A 519 -36.87 52.40 -17.27
C TYR A 519 -38.11 52.37 -18.15
N ILE A 520 -38.15 53.27 -19.12
CA ILE A 520 -39.33 53.43 -19.96
C ILE A 520 -39.29 52.45 -21.12
N PRO A 521 -40.42 51.77 -21.38
CA PRO A 521 -40.44 50.87 -22.53
C PRO A 521 -40.53 51.64 -23.84
N GLU A 522 -40.49 50.90 -24.94
CA GLU A 522 -40.48 51.51 -26.26
C GLU A 522 -41.81 52.16 -26.58
N ALA A 523 -41.77 53.22 -27.39
CA ALA A 523 -42.97 53.83 -27.90
C ALA A 523 -43.46 53.08 -29.14
N PRO A 524 -44.75 53.25 -29.49
CA PRO A 524 -45.31 52.61 -30.69
C PRO A 524 -44.48 52.82 -31.95
N ARG A 525 -44.46 51.79 -32.80
CA ARG A 525 -43.70 51.79 -34.05
C ARG A 525 -44.62 51.89 -35.27
N ASP A 526 -45.29 53.02 -35.43
CA ASP A 526 -46.22 53.19 -36.55
C ASP A 526 -45.94 54.39 -37.46
N GLY A 527 -44.70 54.88 -37.47
CA GLY A 527 -44.36 56.01 -38.31
C GLY A 527 -44.98 57.32 -37.85
N GLN A 528 -45.30 57.39 -36.57
CA GLN A 528 -45.84 58.60 -35.95
C GLN A 528 -44.93 58.99 -34.79
N ALA A 529 -44.70 60.29 -34.61
CA ALA A 529 -43.85 60.75 -33.53
C ALA A 529 -44.59 60.76 -32.19
N TYR A 530 -43.88 60.40 -31.13
CA TYR A 530 -44.49 60.35 -29.81
C TYR A 530 -43.68 61.15 -28.80
N VAL A 531 -44.39 61.80 -27.88
CA VAL A 531 -43.77 62.49 -26.76
C VAL A 531 -44.24 61.86 -25.45
N ARG A 532 -43.58 62.20 -24.36
CA ARG A 532 -43.84 61.55 -23.08
C ARG A 532 -44.69 62.42 -22.16
N LYS A 533 -45.82 61.88 -21.70
CA LYS A 533 -46.70 62.61 -20.77
C LYS A 533 -47.45 61.68 -19.82
N ASP A 534 -47.34 61.96 -18.52
CA ASP A 534 -48.05 61.21 -17.49
C ASP A 534 -47.76 59.73 -17.53
N GLY A 535 -46.55 59.36 -17.93
CA GLY A 535 -46.15 57.96 -17.89
C GLY A 535 -46.57 57.13 -19.08
N GLU A 536 -47.07 57.79 -20.13
CA GLU A 536 -47.44 57.08 -21.35
C GLU A 536 -46.93 57.83 -22.56
N TRP A 537 -46.94 57.17 -23.71
CA TRP A 537 -46.58 57.84 -24.95
C TRP A 537 -47.80 58.45 -25.61
N VAL A 538 -47.70 59.72 -25.98
CA VAL A 538 -48.82 60.41 -26.59
C VAL A 538 -48.40 60.94 -27.96
N LEU A 539 -49.30 60.89 -28.92
CA LEU A 539 -49.03 61.37 -30.28
C LEU A 539 -48.67 62.85 -30.25
N LEU A 540 -47.59 63.21 -30.95
CA LEU A 540 -47.16 64.61 -31.02
C LEU A 540 -48.22 65.51 -31.59
N SER A 541 -48.95 65.00 -32.59
CA SER A 541 -50.01 65.77 -33.24
C SER A 541 -51.02 66.32 -32.25
N THR A 542 -51.26 65.58 -31.17
CA THR A 542 -52.21 65.96 -30.12
C THR A 542 -52.00 67.38 -29.61
N PHE A 543 -50.75 67.81 -29.58
CA PHE A 543 -50.40 69.07 -28.92
C PHE A 543 -50.20 70.19 -29.92
N LEU A 544 -50.52 69.93 -31.17
CA LEU A 544 -50.33 70.93 -32.21
C LEU A 544 -51.70 71.48 -32.61
N GLY A 545 -51.80 72.01 -33.82
CA GLY A 545 -53.06 72.46 -34.36
C GLY A 545 -53.38 71.71 -35.64
N GLY A 546 -52.63 70.64 -35.90
CA GLY A 546 -52.79 69.85 -37.11
C GLY A 546 -51.65 70.24 -38.03
N LEU A 547 -50.93 71.25 -37.56
CA LEU A 547 -49.89 71.92 -38.32
C LEU A 547 -48.60 71.11 -38.40
N ASN B 27 19.37 0.19 -26.22
CA ASN B 27 18.82 1.40 -26.82
C ASN B 27 17.69 1.98 -25.98
N ILE B 28 18.01 3.01 -25.20
CA ILE B 28 17.02 3.80 -24.46
C ILE B 28 17.14 5.31 -24.68
N THR B 29 16.04 5.93 -25.09
CA THR B 29 16.03 7.38 -25.29
C THR B 29 14.91 8.03 -24.49
N GLU B 30 15.00 9.34 -24.35
CA GLU B 30 14.07 10.12 -23.54
C GLU B 30 13.83 11.49 -24.16
N GLU B 31 12.60 11.98 -24.06
CA GLU B 31 12.28 13.31 -24.54
C GLU B 31 11.60 14.09 -23.44
N PHE B 32 12.06 15.31 -23.22
CA PHE B 32 11.40 16.21 -22.27
C PHE B 32 10.61 17.26 -23.00
N TYR B 33 9.34 17.42 -22.63
CA TYR B 33 8.54 18.45 -23.24
C TYR B 33 8.35 19.62 -22.30
N GLN B 34 9.11 20.69 -22.56
CA GLN B 34 9.01 21.91 -21.79
C GLN B 34 7.60 22.49 -21.78
N SER B 35 6.90 22.30 -22.89
CA SER B 35 5.59 22.92 -23.06
C SER B 35 4.54 22.37 -22.10
N THR B 36 4.71 21.13 -21.66
CA THR B 36 3.69 20.48 -20.84
C THR B 36 4.26 19.91 -19.56
N CYS B 37 5.53 20.20 -19.28
CA CYS B 37 6.18 19.75 -18.05
C CYS B 37 6.07 18.23 -17.90
N SER B 38 6.47 17.53 -18.94
CA SER B 38 6.39 16.09 -18.94
C SER B 38 7.53 15.49 -19.75
N ALA B 39 7.73 14.18 -19.61
CA ALA B 39 8.83 13.53 -20.27
C ALA B 39 8.47 12.10 -20.57
N VAL B 40 8.85 11.64 -21.76
CA VAL B 40 8.59 10.27 -22.16
C VAL B 40 9.90 9.50 -22.31
N SER B 41 10.02 8.37 -21.61
CA SER B 41 11.17 7.50 -21.77
C SER B 41 10.77 6.34 -22.66
N LYS B 42 11.49 6.12 -23.77
CA LYS B 42 11.11 5.03 -24.67
C LYS B 42 12.29 4.13 -25.03
N GLY B 43 12.00 3.06 -25.77
CA GLY B 43 12.99 2.06 -26.11
C GLY B 43 12.82 0.79 -25.31
N TYR B 44 11.77 0.74 -24.50
CA TYR B 44 11.49 -0.42 -23.66
C TYR B 44 10.69 -1.49 -24.39
N LEU B 45 10.85 -2.73 -23.95
CA LEU B 45 10.14 -3.87 -24.53
C LEU B 45 9.19 -4.53 -23.52
N SER B 46 8.01 -4.90 -24.00
CA SER B 46 6.93 -5.40 -23.15
C SER B 46 7.07 -6.87 -22.74
N ALA B 47 6.52 -7.17 -21.57
CA ALA B 47 6.23 -8.55 -21.18
C ALA B 47 4.98 -8.54 -20.30
N LEU B 48 3.82 -8.73 -20.92
CA LEU B 48 2.55 -8.59 -20.21
C LEU B 48 1.92 -9.93 -19.85
N ARG B 49 1.59 -10.10 -18.58
CA ARG B 49 0.82 -11.26 -18.15
C ARG B 49 -0.60 -11.08 -18.63
N THR B 50 -1.06 -11.97 -19.51
CA THR B 50 -2.37 -11.82 -20.10
C THR B 50 -3.32 -12.89 -19.60
N GLY B 51 -2.75 -13.98 -19.11
CA GLY B 51 -3.52 -15.12 -18.65
C GLY B 51 -2.89 -15.84 -17.48
N TRP B 52 -3.49 -16.97 -17.11
CA TRP B 52 -3.04 -17.75 -15.97
C TRP B 52 -2.94 -19.21 -16.35
N TYR B 53 -1.87 -19.85 -15.89
CA TYR B 53 -1.77 -21.30 -15.99
C TYR B 53 -1.77 -21.91 -14.59
N THR B 54 -2.54 -22.97 -14.41
CA THR B 54 -2.60 -23.60 -13.10
C THR B 54 -1.93 -24.95 -13.12
N SER B 55 -0.91 -25.09 -12.29
CA SER B 55 -0.25 -26.36 -12.09
C SER B 55 -0.61 -26.93 -10.74
N VAL B 56 -0.55 -28.25 -10.61
CA VAL B 56 -0.81 -28.90 -9.33
C VAL B 56 0.44 -29.53 -8.73
N ILE B 57 0.87 -28.99 -7.60
CA ILE B 57 2.08 -29.50 -6.94
C ILE B 57 1.66 -30.40 -5.80
N THR B 58 2.25 -31.59 -5.73
CA THR B 58 1.81 -32.55 -4.73
C THR B 58 2.98 -33.05 -3.88
N ILE B 59 2.68 -33.37 -2.63
CA ILE B 59 3.62 -34.02 -1.75
C ILE B 59 2.95 -35.29 -1.27
N GLU B 60 3.56 -36.42 -1.55
CA GLU B 60 2.95 -37.68 -1.15
C GLU B 60 3.24 -37.90 0.34
N LEU B 61 2.17 -38.15 1.10
CA LEU B 61 2.30 -38.24 2.56
C LEU B 61 2.18 -39.65 3.08
N SER B 62 2.74 -39.82 4.26
CA SER B 62 2.72 -41.05 5.03
C SER B 62 1.59 -40.94 6.03
N ASN B 63 0.91 -42.06 6.22
CA ASN B 63 -0.22 -42.17 7.13
C ASN B 63 0.18 -42.86 8.42
N ILE B 64 0.70 -42.01 9.32
CA ILE B 64 1.28 -42.50 10.56
C ILE B 64 0.58 -42.15 11.87
N LYS B 65 -0.30 -43.03 12.31
CA LYS B 65 -1.01 -42.77 13.56
C LYS B 65 -0.03 -42.74 14.72
N GLU B 66 -0.17 -43.71 15.63
CA GLU B 66 0.64 -43.81 16.84
C GLU B 66 2.09 -44.20 16.54
N ASN B 67 2.98 -43.69 17.39
CA ASN B 67 4.41 -43.96 17.26
C ASN B 67 4.85 -44.89 18.37
N LYS B 68 4.52 -46.16 18.21
CA LYS B 68 4.75 -47.21 19.20
C LYS B 68 6.24 -47.27 19.54
N CYS B 69 6.62 -46.86 20.75
CA CYS B 69 8.00 -47.04 21.25
C CYS B 69 8.18 -46.85 22.75
N ASN B 70 8.90 -47.79 23.36
CA ASN B 70 9.36 -47.63 24.74
C ASN B 70 10.76 -47.02 24.76
N GLY B 71 11.26 -46.70 23.58
CA GLY B 71 12.59 -46.14 23.43
C GLY B 71 12.97 -44.86 24.16
N THR B 72 14.16 -44.90 24.75
CA THR B 72 14.74 -43.76 25.43
C THR B 72 16.18 -43.67 24.92
N ASP B 73 16.36 -44.02 23.65
CA ASP B 73 17.62 -43.88 22.96
C ASP B 73 17.64 -42.53 22.25
N ALA B 74 18.80 -41.88 22.22
CA ALA B 74 18.92 -40.52 21.71
C ALA B 74 18.51 -40.39 20.24
N LYS B 75 18.91 -41.36 19.44
CA LYS B 75 18.63 -41.31 18.00
C LYS B 75 17.13 -41.48 17.73
N VAL B 76 16.47 -42.40 18.43
CA VAL B 76 15.03 -42.62 18.24
C VAL B 76 14.26 -41.44 18.83
N LYS B 77 14.79 -40.87 19.91
CA LYS B 77 14.24 -39.68 20.54
C LYS B 77 14.18 -38.48 19.61
N LEU B 78 15.24 -38.32 18.81
CA LEU B 78 15.30 -37.24 17.84
C LEU B 78 14.22 -37.47 16.81
N ILE B 79 14.06 -38.73 16.41
CA ILE B 79 13.04 -39.06 15.43
C ILE B 79 11.64 -38.77 15.96
N LYS B 80 11.35 -39.06 17.23
CA LYS B 80 10.01 -38.77 17.71
C LYS B 80 9.70 -37.29 17.79
N GLN B 81 10.68 -36.45 18.11
CA GLN B 81 10.39 -35.03 18.10
C GLN B 81 10.22 -34.60 16.64
N GLU B 82 11.06 -35.14 15.75
CA GLU B 82 10.94 -34.82 14.34
C GLU B 82 9.71 -35.44 13.69
N LEU B 83 9.37 -36.65 14.09
CA LEU B 83 8.17 -37.31 13.58
C LEU B 83 6.92 -36.55 14.00
N ASP B 84 7.00 -35.98 15.21
CA ASP B 84 5.91 -35.20 15.76
C ASP B 84 5.73 -33.92 14.97
N LYS B 85 6.84 -33.34 14.52
CA LYS B 85 6.77 -32.16 13.67
C LYS B 85 6.06 -32.50 12.36
N TYR B 86 6.28 -33.71 11.86
CA TYR B 86 5.62 -34.17 10.66
C TYR B 86 4.11 -34.31 10.87
N LYS B 87 3.72 -34.99 11.94
CA LYS B 87 2.31 -35.18 12.26
C LYS B 87 1.62 -33.84 12.53
N ASN B 88 2.28 -32.97 13.27
CA ASN B 88 1.72 -31.67 13.58
C ASN B 88 1.46 -30.86 12.32
N ALA B 89 2.39 -30.93 11.37
CA ALA B 89 2.24 -30.19 10.12
C ALA B 89 1.01 -30.65 9.35
N VAL B 90 0.82 -31.97 9.26
CA VAL B 90 -0.35 -32.52 8.58
C VAL B 90 -1.64 -32.06 9.26
N THR B 91 -1.71 -32.23 10.58
CA THR B 91 -2.88 -31.81 11.35
C THR B 91 -3.17 -30.33 11.16
N GLU B 92 -2.10 -29.54 11.19
CA GLU B 92 -2.14 -28.09 11.04
C GLU B 92 -2.70 -27.69 9.66
N LEU B 93 -2.22 -28.36 8.62
CA LEU B 93 -2.68 -28.14 7.25
C LEU B 93 -4.13 -28.58 7.02
N GLN B 94 -4.52 -29.63 7.73
CA GLN B 94 -5.89 -30.13 7.66
C GLN B 94 -6.88 -29.12 8.23
N LEU B 95 -6.52 -28.51 9.35
CA LEU B 95 -7.35 -27.48 9.99
C LEU B 95 -7.50 -26.27 9.06
N LEU B 96 -6.48 -26.02 8.24
CA LEU B 96 -6.40 -24.87 7.35
C LEU B 96 -7.46 -24.90 6.25
N MET B 97 -7.79 -26.11 5.80
CA MET B 97 -8.70 -26.30 4.68
C MET B 97 -10.15 -26.51 5.09
N GLN B 98 -10.38 -26.66 6.39
CA GLN B 98 -11.75 -26.75 6.90
C GLN B 98 -12.42 -25.38 6.89
N PHE B 137 -1.70 7.78 -11.12
CA PHE B 137 -2.71 8.67 -10.57
C PHE B 137 -4.13 8.17 -10.82
N LEU B 138 -4.31 7.53 -11.98
CA LEU B 138 -5.63 7.23 -12.52
C LEU B 138 -6.00 5.79 -12.25
N GLY B 139 -5.30 5.17 -11.30
CA GLY B 139 -5.60 3.82 -10.86
C GLY B 139 -7.04 3.62 -10.45
N PHE B 140 -7.66 4.65 -9.91
CA PHE B 140 -9.06 4.54 -9.48
C PHE B 140 -10.01 4.24 -10.65
N LEU B 141 -9.54 4.40 -11.89
CA LEU B 141 -10.35 4.12 -13.07
C LEU B 141 -10.34 2.63 -13.45
N LEU B 142 -9.41 1.88 -12.85
CA LEU B 142 -9.24 0.45 -13.15
C LEU B 142 -10.40 -0.38 -12.65
N GLY B 143 -10.67 -1.48 -13.34
CA GLY B 143 -11.61 -2.46 -12.85
C GLY B 143 -11.10 -3.30 -11.69
N VAL B 144 -11.90 -4.26 -11.27
CA VAL B 144 -11.57 -5.07 -10.11
C VAL B 144 -11.68 -6.56 -10.44
N GLY B 145 -10.57 -7.26 -10.33
CA GLY B 145 -10.52 -8.68 -10.65
C GLY B 145 -10.51 -9.62 -9.46
N SER B 146 -10.45 -10.91 -9.75
CA SER B 146 -10.28 -11.93 -8.73
C SER B 146 -9.03 -12.73 -9.07
N ALA B 147 -7.92 -12.34 -8.43
CA ALA B 147 -6.58 -12.75 -8.83
C ALA B 147 -6.39 -14.27 -8.88
N ILE B 148 -6.99 -14.98 -7.94
CA ILE B 148 -6.82 -16.44 -7.90
C ILE B 148 -8.10 -17.20 -8.26
N ALA B 149 -8.99 -16.54 -9.01
CA ALA B 149 -10.25 -17.17 -9.42
C ALA B 149 -10.04 -18.45 -10.22
N SER B 150 -9.02 -18.46 -11.08
CA SER B 150 -8.77 -19.63 -11.91
C SER B 150 -8.19 -20.77 -11.07
N GLY B 151 -7.22 -20.44 -10.23
CA GLY B 151 -6.63 -21.41 -9.33
C GLY B 151 -7.62 -22.02 -8.36
N VAL B 152 -8.45 -21.17 -7.76
CA VAL B 152 -9.46 -21.63 -6.82
C VAL B 152 -10.47 -22.56 -7.50
N ALA B 153 -10.82 -22.23 -8.73
CA ALA B 153 -11.75 -23.07 -9.49
C ALA B 153 -11.17 -24.45 -9.71
N VAL B 154 -9.88 -24.51 -10.05
CA VAL B 154 -9.20 -25.80 -10.23
C VAL B 154 -9.14 -26.53 -8.91
N CYS B 155 -8.89 -25.78 -7.84
CA CYS B 155 -8.84 -26.34 -6.50
C CYS B 155 -10.23 -26.87 -6.13
N LYS B 156 -11.28 -26.15 -6.51
CA LYS B 156 -12.65 -26.60 -6.27
C LYS B 156 -12.93 -27.95 -6.92
N VAL B 157 -12.43 -28.13 -8.14
CA VAL B 157 -12.61 -29.39 -8.84
C VAL B 157 -11.92 -30.53 -8.12
N LEU B 158 -10.76 -30.25 -7.51
CA LEU B 158 -10.04 -31.30 -6.81
C LEU B 158 -10.79 -31.79 -5.57
N HIS B 159 -11.75 -31.00 -5.10
CA HIS B 159 -12.53 -31.41 -3.93
C HIS B 159 -13.70 -32.32 -4.29
N LEU B 160 -14.09 -32.34 -5.57
CA LEU B 160 -15.16 -33.21 -6.04
C LEU B 160 -14.79 -34.67 -5.89
N GLU B 161 -15.79 -35.52 -5.63
CA GLU B 161 -15.51 -36.92 -5.34
C GLU B 161 -14.90 -37.61 -6.56
N GLY B 162 -13.91 -38.46 -6.31
CA GLY B 162 -13.23 -39.19 -7.37
C GLY B 162 -12.10 -38.42 -8.03
N GLU B 163 -12.10 -37.11 -7.87
CA GLU B 163 -11.17 -36.22 -8.58
C GLU B 163 -9.71 -36.42 -8.16
N VAL B 164 -9.47 -36.48 -6.85
CA VAL B 164 -8.14 -36.72 -6.32
C VAL B 164 -7.62 -38.08 -6.78
N ASN B 165 -8.51 -39.05 -6.88
CA ASN B 165 -8.12 -40.39 -7.30
C ASN B 165 -7.54 -40.38 -8.71
N LYS B 166 -8.09 -39.51 -9.57
CA LYS B 166 -7.58 -39.39 -10.93
C LYS B 166 -6.12 -38.97 -10.93
N ILE B 167 -5.81 -37.93 -10.16
CA ILE B 167 -4.44 -37.43 -10.03
C ILE B 167 -3.47 -38.43 -9.40
N LYS B 168 -3.90 -39.01 -8.28
CA LYS B 168 -3.15 -40.00 -7.53
C LYS B 168 -2.73 -41.24 -8.33
N SER B 169 -3.63 -41.70 -9.19
CA SER B 169 -3.36 -42.89 -10.00
C SER B 169 -2.36 -42.54 -11.09
N ALA B 170 -2.52 -41.34 -11.64
CA ALA B 170 -1.66 -40.82 -12.70
C ALA B 170 -0.18 -40.71 -12.31
N LEU B 171 0.12 -40.30 -11.08
CA LEU B 171 1.52 -40.03 -10.72
C LEU B 171 2.35 -41.12 -10.03
N LEU B 172 1.95 -42.39 -10.13
CA LEU B 172 2.66 -43.48 -9.45
C LEU B 172 4.06 -43.78 -9.99
N SER B 173 4.20 -43.81 -11.30
CA SER B 173 5.45 -44.24 -11.93
C SER B 173 6.20 -43.12 -12.62
N THR B 174 5.69 -41.89 -12.52
CA THR B 174 6.37 -40.74 -13.08
C THR B 174 6.01 -39.63 -12.12
N ASN B 175 6.78 -38.55 -12.14
CA ASN B 175 6.55 -37.43 -11.24
C ASN B 175 5.81 -36.30 -11.93
N LYS B 176 5.78 -36.39 -13.25
CA LYS B 176 5.17 -35.39 -14.10
C LYS B 176 4.08 -36.04 -14.97
N ALA B 177 2.90 -35.45 -14.98
CA ALA B 177 1.79 -35.96 -15.79
C ALA B 177 0.73 -34.92 -16.07
N VAL B 178 0.08 -35.03 -17.22
CA VAL B 178 -1.05 -34.20 -17.56
C VAL B 178 -2.34 -34.93 -17.20
N VAL B 179 -3.23 -34.24 -16.48
CA VAL B 179 -4.50 -34.84 -16.07
C VAL B 179 -5.68 -33.98 -16.49
N SER B 180 -6.67 -34.58 -17.15
CA SER B 180 -7.91 -33.87 -17.46
C SER B 180 -8.93 -33.98 -16.32
N LEU B 181 -9.38 -32.84 -15.83
CA LEU B 181 -10.34 -32.80 -14.73
C LEU B 181 -11.76 -33.05 -15.24
N SER B 182 -12.71 -33.22 -14.32
CA SER B 182 -14.07 -33.57 -14.70
C SER B 182 -14.76 -32.45 -15.49
N ASN B 183 -14.26 -31.22 -15.34
CA ASN B 183 -14.85 -30.09 -16.05
C ASN B 183 -14.13 -29.82 -17.37
N GLY B 184 -13.27 -30.76 -17.74
CA GLY B 184 -12.56 -30.69 -19.01
C GLY B 184 -11.21 -29.99 -18.98
N VAL B 185 -10.85 -29.37 -17.86
CA VAL B 185 -9.56 -28.69 -17.78
C VAL B 185 -8.38 -29.66 -17.65
N SER B 186 -7.41 -29.50 -18.53
CA SER B 186 -6.20 -30.32 -18.55
C SER B 186 -5.03 -29.61 -17.85
N VAL B 187 -4.65 -30.11 -16.67
CA VAL B 187 -3.59 -29.53 -15.86
C VAL B 187 -2.32 -30.38 -15.75
N LEU B 188 -1.16 -29.72 -15.70
CA LEU B 188 0.13 -30.35 -15.43
C LEU B 188 0.32 -30.64 -13.95
N THR B 189 0.77 -31.85 -13.66
CA THR B 189 0.93 -32.33 -12.28
C THR B 189 2.38 -32.72 -12.00
N PHE B 190 2.79 -32.50 -10.75
CA PHE B 190 4.18 -32.60 -10.29
C PHE B 190 4.27 -33.18 -8.89
N LYS B 191 4.86 -34.37 -8.76
CA LYS B 191 5.15 -34.89 -7.43
C LYS B 191 6.52 -34.38 -7.03
N VAL B 192 6.53 -33.43 -6.12
CA VAL B 192 7.77 -32.77 -5.77
C VAL B 192 8.44 -33.37 -4.53
N LEU B 193 7.70 -34.21 -3.80
CA LEU B 193 8.22 -34.81 -2.58
C LEU B 193 7.43 -36.05 -2.20
N ASP B 194 8.11 -37.19 -2.03
CA ASP B 194 7.42 -38.42 -1.65
C ASP B 194 7.72 -38.82 -0.20
N LEU B 195 6.98 -38.26 0.76
CA LEU B 195 7.19 -38.63 2.17
C LEU B 195 6.56 -39.98 2.52
N LYS B 196 5.56 -40.39 1.74
CA LYS B 196 4.91 -41.69 1.94
C LYS B 196 5.90 -42.82 1.78
N ASN B 197 6.58 -42.81 0.65
CA ASN B 197 7.58 -43.82 0.34
C ASN B 197 8.71 -43.81 1.35
N TYR B 198 9.15 -42.63 1.77
CA TYR B 198 10.27 -42.56 2.70
C TYR B 198 10.00 -43.10 4.09
N ILE B 199 8.87 -42.75 4.68
CA ILE B 199 8.63 -43.18 6.05
C ILE B 199 8.22 -44.65 6.11
N ASP B 200 7.38 -45.04 5.16
CA ASP B 200 6.90 -46.41 5.05
C ASP B 200 7.94 -47.44 4.63
N LYS B 201 8.89 -47.03 3.82
CA LYS B 201 10.08 -47.84 3.55
C LYS B 201 11.37 -47.67 4.40
N GLN B 202 11.57 -46.53 5.07
CA GLN B 202 12.72 -46.44 5.96
C GLN B 202 12.45 -46.50 7.46
N LEU B 203 11.72 -45.54 8.02
CA LEU B 203 11.56 -45.49 9.47
C LEU B 203 10.42 -46.38 9.98
N LEU B 204 9.64 -46.95 9.06
CA LEU B 204 8.52 -47.83 9.41
C LEU B 204 8.96 -49.00 10.31
N PRO B 205 10.14 -49.59 10.06
CA PRO B 205 10.51 -50.66 11.00
C PRO B 205 10.66 -50.26 12.47
N ILE B 206 10.94 -49.01 12.82
CA ILE B 206 11.13 -48.75 14.25
C ILE B 206 9.81 -48.36 14.95
N LEU B 207 8.92 -47.77 14.16
CA LEU B 207 7.57 -47.24 14.48
C LEU B 207 6.25 -48.03 14.36
N ASN B 208 6.25 -49.30 13.95
CA ASN B 208 4.94 -49.94 13.77
C ASN B 208 4.63 -51.14 14.65
N LYS B 209 5.47 -51.30 15.67
CA LYS B 209 5.47 -52.45 16.55
C LYS B 209 5.74 -51.73 17.86
N GLN B 210 5.22 -52.22 18.99
CA GLN B 210 5.61 -51.64 20.29
C GLN B 210 7.14 -51.77 20.29
N SER B 211 7.59 -53.01 20.11
CA SER B 211 8.99 -53.43 20.08
C SER B 211 9.79 -52.67 19.01
N CYS B 212 10.77 -51.84 19.36
CA CYS B 212 11.26 -50.83 18.40
C CYS B 212 12.71 -51.00 17.96
N SER B 213 12.85 -51.31 16.67
CA SER B 213 14.12 -51.76 16.10
C SER B 213 14.86 -50.50 15.71
N ILE B 214 15.88 -50.12 16.46
CA ILE B 214 16.31 -48.71 16.54
C ILE B 214 16.84 -48.11 15.20
N SER B 215 17.25 -46.85 15.27
CA SER B 215 17.51 -45.89 14.20
C SER B 215 18.87 -45.21 14.46
N ASN B 216 19.55 -44.77 13.40
CA ASN B 216 20.80 -44.04 13.57
C ASN B 216 20.78 -42.64 12.94
N ILE B 217 21.67 -41.78 13.44
CA ILE B 217 21.65 -40.36 13.11
C ILE B 217 21.94 -39.90 11.70
N GLU B 218 22.68 -40.66 10.91
CA GLU B 218 22.93 -40.15 9.57
C GLU B 218 21.60 -40.29 8.83
N THR B 219 20.79 -41.26 9.27
CA THR B 219 19.45 -41.47 8.74
C THR B 219 18.51 -40.36 9.26
N VAL B 220 18.67 -40.04 10.56
CA VAL B 220 17.99 -38.93 11.23
C VAL B 220 18.17 -37.58 10.51
N ILE B 221 19.41 -37.27 10.17
CA ILE B 221 19.75 -36.02 9.48
C ILE B 221 19.02 -36.01 8.15
N GLU B 222 19.06 -37.14 7.45
CA GLU B 222 18.47 -37.25 6.13
C GLU B 222 16.97 -36.99 6.31
N PHE B 223 16.39 -37.55 7.37
CA PHE B 223 14.96 -37.33 7.64
C PHE B 223 14.64 -35.85 7.92
N GLN B 224 15.48 -35.17 8.71
CA GLN B 224 15.28 -33.75 8.98
C GLN B 224 15.29 -32.92 7.72
N GLN B 225 16.17 -33.27 6.80
CA GLN B 225 16.29 -32.55 5.54
C GLN B 225 15.02 -32.71 4.70
N LYS B 226 14.55 -33.95 4.57
CA LYS B 226 13.36 -34.22 3.75
C LYS B 226 12.09 -33.64 4.37
N ASN B 227 11.95 -33.75 5.68
CA ASN B 227 10.74 -33.28 6.35
C ASN B 227 10.63 -31.75 6.43
N ASN B 228 11.77 -31.09 6.43
CA ASN B 228 11.83 -29.64 6.63
C ASN B 228 11.02 -28.85 5.62
N ARG B 229 11.03 -29.30 4.38
CA ARG B 229 10.31 -28.66 3.30
C ARG B 229 8.81 -28.63 3.59
N LEU B 230 8.28 -29.75 4.07
CA LEU B 230 6.86 -29.86 4.44
C LEU B 230 6.52 -28.84 5.53
N LEU B 231 7.41 -28.70 6.50
CA LEU B 231 7.20 -27.77 7.60
C LEU B 231 7.16 -26.32 7.11
N GLU B 232 7.99 -25.99 6.12
CA GLU B 232 8.07 -24.61 5.63
C GLU B 232 6.88 -24.26 4.76
N ILE B 233 6.47 -25.21 3.92
CA ILE B 233 5.28 -24.99 3.13
C ILE B 233 4.08 -24.74 4.07
N THR B 234 3.96 -25.57 5.10
CA THR B 234 2.91 -25.39 6.09
C THR B 234 3.00 -24.05 6.81
N ARG B 235 4.22 -23.70 7.19
CA ARG B 235 4.51 -22.43 7.84
C ARG B 235 4.07 -21.24 7.00
N GLU B 236 4.42 -21.25 5.72
CA GLU B 236 4.10 -20.15 4.83
C GLU B 236 2.59 -20.00 4.74
N PHE B 237 1.92 -21.13 4.53
CA PHE B 237 0.46 -21.17 4.39
C PHE B 237 -0.26 -20.75 5.67
N SER B 238 0.33 -21.08 6.82
CA SER B 238 -0.29 -20.78 8.10
C SER B 238 -0.40 -19.29 8.37
N VAL B 239 0.52 -18.49 7.84
CA VAL B 239 0.48 -17.04 8.05
C VAL B 239 -0.02 -16.28 6.84
N ASN B 240 -0.48 -17.01 5.82
CA ASN B 240 -1.00 -16.38 4.62
C ASN B 240 -2.38 -16.90 4.28
N ALA B 241 -3.01 -17.58 5.24
CA ALA B 241 -4.33 -18.15 5.04
C ALA B 241 -4.40 -18.98 3.76
N GLY B 242 -3.40 -19.82 3.54
CA GLY B 242 -3.37 -20.78 2.45
C GLY B 242 -3.09 -20.26 1.07
N VAL B 243 -2.75 -18.98 0.95
CA VAL B 243 -2.46 -18.36 -0.35
C VAL B 243 -1.23 -17.48 -0.23
N THR B 244 -0.17 -17.83 -0.95
CA THR B 244 1.09 -17.08 -0.83
C THR B 244 1.53 -16.46 -2.14
N THR B 245 2.19 -15.31 -2.03
CA THR B 245 2.83 -14.64 -3.16
C THR B 245 3.84 -13.61 -2.66
N PRO B 246 5.05 -13.61 -3.25
CA PRO B 246 5.55 -14.48 -4.32
C PRO B 246 5.69 -15.95 -3.90
N VAL B 247 5.77 -16.84 -4.88
CA VAL B 247 5.93 -18.26 -4.62
C VAL B 247 7.39 -18.53 -4.27
N SER B 248 7.62 -19.00 -3.05
CA SER B 248 8.98 -19.20 -2.54
C SER B 248 9.65 -20.44 -3.11
N THR B 249 10.94 -20.61 -2.82
CA THR B 249 11.68 -21.76 -3.31
C THR B 249 11.45 -23.01 -2.47
N TYR B 250 10.73 -22.87 -1.35
CA TYR B 250 10.24 -24.03 -0.60
C TYR B 250 9.03 -24.61 -1.32
N MET B 251 8.18 -23.73 -1.81
CA MET B 251 7.00 -24.12 -2.56
C MET B 251 7.43 -24.78 -3.85
N LEU B 252 8.47 -24.21 -4.48
CA LEU B 252 8.90 -24.60 -5.82
C LEU B 252 10.35 -24.20 -6.06
N THR B 253 11.24 -25.18 -6.10
CA THR B 253 12.66 -24.88 -6.33
C THR B 253 12.85 -24.33 -7.75
N ASN B 254 14.03 -23.77 -8.00
CA ASN B 254 14.34 -23.19 -9.30
C ASN B 254 14.28 -24.21 -10.43
N SER B 255 14.81 -25.40 -10.18
CA SER B 255 14.80 -26.48 -11.18
C SER B 255 13.39 -26.98 -11.46
N GLU B 256 12.61 -27.15 -10.40
CA GLU B 256 11.22 -27.56 -10.49
C GLU B 256 10.42 -26.60 -11.35
N LEU B 257 10.58 -25.31 -11.09
CA LEU B 257 9.90 -24.27 -11.86
C LEU B 257 10.32 -24.31 -13.33
N LEU B 258 11.61 -24.44 -13.56
CA LEU B 258 12.15 -24.46 -14.92
C LEU B 258 11.62 -25.62 -15.76
N SER B 259 11.51 -26.80 -15.14
CA SER B 259 11.01 -27.95 -15.88
C SER B 259 9.51 -27.83 -16.06
N LEU B 260 8.86 -27.20 -15.08
CA LEU B 260 7.45 -26.87 -15.20
C LEU B 260 7.20 -25.98 -16.42
N ILE B 261 7.98 -24.91 -16.53
CA ILE B 261 7.92 -24.00 -17.67
C ILE B 261 8.20 -24.66 -19.02
N ASN B 262 9.18 -25.55 -19.03
CA ASN B 262 9.56 -26.25 -20.25
C ASN B 262 8.45 -27.17 -20.76
N ASP B 263 7.72 -27.77 -19.82
CA ASP B 263 6.64 -28.70 -20.16
C ASP B 263 5.30 -27.99 -20.33
N MET B 264 5.32 -26.65 -20.26
CA MET B 264 4.11 -25.84 -20.34
C MET B 264 3.61 -25.74 -21.78
N PRO B 265 2.29 -25.67 -21.98
CA PRO B 265 1.75 -25.50 -23.33
C PRO B 265 1.85 -24.10 -23.91
N ILE B 266 3.06 -23.62 -24.15
CA ILE B 266 3.25 -22.28 -24.67
C ILE B 266 4.31 -22.32 -25.76
N THR B 267 4.43 -21.24 -26.52
CA THR B 267 5.42 -21.18 -27.58
C THR B 267 6.83 -21.05 -27.00
N ASN B 268 7.83 -21.34 -27.83
CA ASN B 268 9.24 -21.23 -27.46
C ASN B 268 9.77 -19.85 -27.04
N ASP B 269 9.28 -18.80 -27.68
CA ASP B 269 9.68 -17.43 -27.33
C ASP B 269 9.28 -17.14 -25.86
N GLN B 270 8.09 -17.62 -25.48
CA GLN B 270 7.57 -17.46 -24.13
C GLN B 270 8.39 -18.26 -23.13
N LYS B 271 8.73 -19.50 -23.50
CA LYS B 271 9.55 -20.34 -22.64
C LYS B 271 10.88 -19.65 -22.34
N LYS B 272 11.47 -19.02 -23.35
CA LYS B 272 12.74 -18.32 -23.17
C LYS B 272 12.63 -17.12 -22.25
N LEU B 273 11.59 -16.33 -22.44
CA LEU B 273 11.36 -15.14 -21.62
C LEU B 273 11.21 -15.48 -20.15
N MET B 274 10.41 -16.50 -19.86
CA MET B 274 10.15 -16.92 -18.49
C MET B 274 11.39 -17.54 -17.84
N SER B 275 12.16 -18.31 -18.61
CA SER B 275 13.36 -18.95 -18.06
C SER B 275 14.46 -17.96 -17.72
N ASN B 276 14.56 -16.89 -18.49
CA ASN B 276 15.58 -15.87 -18.25
C ASN B 276 15.15 -14.88 -17.18
N ASN B 277 13.92 -15.01 -16.71
CA ASN B 277 13.38 -14.11 -15.71
C ASN B 277 12.51 -14.84 -14.69
N VAL B 278 13.02 -15.97 -14.20
CA VAL B 278 12.25 -16.83 -13.29
C VAL B 278 11.90 -16.09 -12.01
N GLN B 279 12.74 -15.14 -11.61
CA GLN B 279 12.52 -14.37 -10.39
C GLN B 279 11.30 -13.47 -10.51
N ILE B 280 11.02 -13.01 -11.72
CA ILE B 280 9.83 -12.22 -12.00
C ILE B 280 8.60 -13.12 -12.04
N VAL B 281 8.76 -14.28 -12.67
CA VAL B 281 7.69 -15.27 -12.75
C VAL B 281 7.19 -15.64 -11.35
N ARG B 282 8.11 -15.78 -10.40
CA ARG B 282 7.74 -16.10 -9.03
C ARG B 282 6.88 -15.03 -8.37
N GLN B 283 7.22 -13.76 -8.60
CA GLN B 283 6.51 -12.65 -7.98
C GLN B 283 5.09 -12.47 -8.52
N GLN B 284 4.86 -12.98 -9.73
CA GLN B 284 3.56 -12.87 -10.36
C GLN B 284 2.81 -14.20 -10.26
N SER B 285 3.28 -15.06 -9.37
CA SER B 285 2.64 -16.36 -9.17
C SER B 285 1.96 -16.45 -7.80
N TYR B 286 1.01 -17.37 -7.70
CA TYR B 286 0.36 -17.65 -6.43
C TYR B 286 0.48 -19.12 -6.06
N SER B 287 0.69 -19.39 -4.78
CA SER B 287 0.58 -20.76 -4.28
C SER B 287 -0.68 -20.91 -3.44
N ILE B 288 -1.58 -21.78 -3.88
CA ILE B 288 -2.86 -21.95 -3.21
C ILE B 288 -3.02 -23.32 -2.56
N MET B 289 -2.95 -23.35 -1.23
CA MET B 289 -3.16 -24.59 -0.48
C MET B 289 -4.54 -25.11 -0.81
N CYS B 290 -4.65 -26.39 -1.19
CA CYS B 290 -5.91 -26.82 -1.79
C CYS B 290 -6.56 -27.97 -1.01
N ILE B 291 -5.85 -29.09 -0.84
CA ILE B 291 -6.50 -30.26 -0.24
C ILE B 291 -5.52 -31.27 0.39
N ILE B 292 -5.94 -31.87 1.50
CA ILE B 292 -5.27 -33.04 2.08
C ILE B 292 -6.25 -34.18 2.24
N LYS B 293 -6.05 -35.24 1.46
CA LYS B 293 -6.98 -36.35 1.42
C LYS B 293 -6.28 -37.58 0.89
N GLU B 294 -6.46 -38.70 1.60
CA GLU B 294 -5.89 -40.01 1.24
C GLU B 294 -4.37 -39.94 1.04
N GLU B 295 -3.70 -39.37 2.05
CA GLU B 295 -2.25 -39.25 2.10
C GLU B 295 -1.63 -38.42 0.98
N VAL B 296 -2.43 -37.61 0.31
CA VAL B 296 -1.91 -36.70 -0.71
C VAL B 296 -2.08 -35.25 -0.27
N LEU B 297 -0.98 -34.51 -0.17
CA LEU B 297 -1.04 -33.07 0.00
C LEU B 297 -0.88 -32.39 -1.36
N ALA B 298 -1.83 -31.55 -1.72
CA ALA B 298 -1.80 -30.89 -3.02
C ALA B 298 -2.08 -29.41 -2.85
N TYR B 299 -1.21 -28.57 -3.42
CA TYR B 299 -1.51 -27.16 -3.50
C TYR B 299 -1.42 -26.72 -4.96
N VAL B 300 -2.30 -25.81 -5.36
CA VAL B 300 -2.29 -25.30 -6.71
C VAL B 300 -1.32 -24.14 -6.82
N VAL B 301 -0.39 -24.22 -7.78
CA VAL B 301 0.47 -23.08 -8.06
C VAL B 301 0.00 -22.43 -9.35
N GLN B 302 -0.39 -21.16 -9.25
CA GLN B 302 -0.97 -20.42 -10.35
C GLN B 302 0.10 -19.55 -11.02
N LEU B 303 0.48 -19.90 -12.25
CA LEU B 303 1.60 -19.23 -12.91
C LEU B 303 1.16 -18.26 -14.00
N PRO B 304 1.89 -17.15 -14.16
CA PRO B 304 1.57 -16.14 -15.18
C PRO B 304 1.81 -16.63 -16.61
N LEU B 305 0.89 -16.33 -17.51
CA LEU B 305 1.11 -16.50 -18.94
C LEU B 305 1.35 -15.15 -19.59
N TYR B 306 2.51 -14.99 -20.24
CA TYR B 306 2.83 -13.73 -20.94
C TYR B 306 2.50 -13.73 -22.42
N GLY B 307 1.27 -13.34 -22.75
CA GLY B 307 0.79 -13.38 -24.12
C GLY B 307 1.16 -12.19 -24.99
N VAL B 308 1.80 -11.19 -24.39
CA VAL B 308 2.28 -10.05 -25.15
C VAL B 308 3.76 -9.82 -24.83
N ILE B 309 4.60 -9.97 -25.85
CA ILE B 309 6.04 -9.87 -25.69
C ILE B 309 6.68 -9.04 -26.81
N ASP B 310 7.62 -8.17 -26.43
CA ASP B 310 8.48 -7.43 -27.37
C ASP B 310 7.75 -6.35 -28.16
N THR B 311 6.67 -5.81 -27.60
CA THR B 311 6.06 -4.63 -28.18
C THR B 311 6.71 -3.41 -27.53
N PRO B 312 6.74 -2.27 -28.24
CA PRO B 312 7.36 -1.08 -27.66
C PRO B 312 6.65 -0.60 -26.41
N CYS B 313 7.42 -0.19 -25.41
CA CYS B 313 6.87 0.42 -24.21
C CYS B 313 7.50 1.78 -23.92
N TRP B 314 6.73 2.66 -23.31
CA TRP B 314 7.28 3.92 -22.87
C TRP B 314 6.67 4.37 -21.55
N LYS B 315 7.45 5.10 -20.78
CA LYS B 315 7.03 5.60 -19.48
C LYS B 315 6.83 7.11 -19.51
N LEU B 316 5.63 7.54 -19.15
CA LEU B 316 5.34 8.96 -19.14
C LEU B 316 5.50 9.52 -17.73
N HIS B 317 6.41 10.47 -17.56
CA HIS B 317 6.61 11.16 -16.30
C HIS B 317 6.01 12.54 -16.42
N THR B 318 5.30 12.99 -15.39
CA THR B 318 4.71 14.33 -15.43
C THR B 318 4.94 15.05 -14.11
N SER B 319 4.85 16.37 -14.15
CA SER B 319 5.13 17.21 -13.00
C SER B 319 4.35 18.51 -13.15
N PRO B 320 4.04 19.20 -12.03
CA PRO B 320 3.19 20.39 -12.13
C PRO B 320 3.79 21.53 -12.92
N LEU B 321 2.98 22.12 -13.78
CA LEU B 321 3.37 23.28 -14.56
C LEU B 321 2.60 24.50 -14.06
N CYS B 322 3.31 25.43 -13.42
CA CYS B 322 2.67 26.62 -12.87
C CYS B 322 3.20 27.93 -13.43
N THR B 323 2.36 28.96 -13.34
CA THR B 323 2.79 30.34 -13.59
C THR B 323 3.77 30.75 -12.50
N THR B 324 4.49 31.83 -12.75
CA THR B 324 5.57 32.20 -11.85
C THR B 324 5.51 33.64 -11.34
N ASN B 325 4.31 34.15 -11.08
CA ASN B 325 4.13 35.48 -10.51
C ASN B 325 4.76 35.56 -9.13
N THR B 326 5.14 36.76 -8.71
CA THR B 326 5.82 36.94 -7.43
C THR B 326 4.90 36.61 -6.26
N LYS B 327 3.69 37.17 -6.28
CA LYS B 327 2.71 36.94 -5.22
C LYS B 327 2.35 35.46 -5.20
N GLU B 328 2.59 34.80 -4.06
CA GLU B 328 2.34 33.36 -3.90
C GLU B 328 0.89 32.90 -4.09
N GLY B 329 -0.08 33.78 -3.87
CA GLY B 329 -1.47 33.40 -4.08
C GLY B 329 -2.02 33.71 -5.45
N SER B 330 -1.20 34.29 -6.32
CA SER B 330 -1.62 34.60 -7.69
C SER B 330 -1.30 33.57 -8.77
N ASN B 331 -0.69 32.45 -8.41
CA ASN B 331 -0.31 31.49 -9.44
C ASN B 331 -1.32 30.39 -9.72
N ILE B 332 -1.32 29.91 -10.97
CA ILE B 332 -2.19 28.82 -11.40
C ILE B 332 -1.33 27.67 -11.91
N CYS B 333 -1.81 26.44 -11.74
CA CYS B 333 -1.03 25.26 -12.10
C CYS B 333 -1.79 24.26 -12.94
N LEU B 334 -1.03 23.41 -13.61
CA LEU B 334 -1.61 22.40 -14.48
C LEU B 334 -0.68 21.20 -14.44
N THR B 335 -1.24 20.00 -14.37
CA THR B 335 -0.44 18.78 -14.38
C THR B 335 -1.04 17.69 -15.26
N ARG B 336 -0.28 17.13 -16.19
CA ARG B 336 -0.78 15.97 -16.90
C ARG B 336 -0.98 14.81 -15.92
N THR B 337 -2.17 14.24 -15.87
CA THR B 337 -2.47 13.21 -14.88
C THR B 337 -2.29 11.81 -15.46
N ASP B 338 -2.06 11.73 -16.76
CA ASP B 338 -2.01 10.45 -17.47
C ASP B 338 -0.64 9.77 -17.44
N ARG B 339 0.14 10.07 -16.41
CA ARG B 339 1.44 9.43 -16.25
C ARG B 339 1.31 7.96 -15.90
N GLY B 340 2.33 7.19 -16.28
CA GLY B 340 2.35 5.76 -16.07
C GLY B 340 3.03 5.06 -17.23
N TRP B 341 2.95 3.74 -17.28
CA TRP B 341 3.54 2.97 -18.38
C TRP B 341 2.57 2.81 -19.55
N TYR B 342 3.09 2.90 -20.77
CA TYR B 342 2.28 2.67 -21.96
C TYR B 342 2.93 1.61 -22.84
N CYS B 343 2.14 0.67 -23.32
CA CYS B 343 2.62 -0.35 -24.24
C CYS B 343 1.70 -0.58 -25.43
N ASP B 344 2.25 -0.59 -26.64
CA ASP B 344 1.49 -1.01 -27.80
C ASP B 344 1.01 -2.43 -27.59
N ASN B 345 -0.26 -2.69 -27.87
CA ASN B 345 -0.81 -4.01 -27.62
C ASN B 345 -2.04 -4.24 -28.49
N ALA B 346 -1.88 -5.07 -29.52
CA ALA B 346 -2.99 -5.55 -30.35
C ALA B 346 -3.79 -4.40 -30.98
N GLY B 347 -3.06 -3.42 -31.51
CA GLY B 347 -3.67 -2.31 -32.22
C GLY B 347 -4.15 -1.17 -31.34
N SER B 348 -4.12 -1.39 -30.04
CA SER B 348 -4.47 -0.37 -29.06
C SER B 348 -3.28 -0.13 -28.15
N VAL B 349 -3.48 0.65 -27.10
CA VAL B 349 -2.42 0.86 -26.12
C VAL B 349 -2.84 0.48 -24.71
N SER B 350 -2.07 -0.40 -24.08
CA SER B 350 -2.32 -0.75 -22.69
C SER B 350 -1.63 0.26 -21.78
N PHE B 351 -2.42 0.89 -20.93
CA PHE B 351 -1.92 1.96 -20.08
C PHE B 351 -1.97 1.58 -18.61
N PHE B 352 -0.82 1.63 -17.96
CA PHE B 352 -0.71 1.24 -16.56
C PHE B 352 -0.43 2.49 -15.73
N PRO B 353 -1.49 3.11 -15.18
CA PRO B 353 -1.33 4.39 -14.46
C PRO B 353 -0.45 4.31 -13.20
N GLN B 354 -0.53 3.20 -12.46
CA GLN B 354 0.33 3.00 -11.30
C GLN B 354 1.60 2.24 -11.66
N ALA B 355 2.59 2.98 -12.16
CA ALA B 355 3.84 2.41 -12.68
C ALA B 355 4.59 1.53 -11.69
N GLU B 356 4.20 1.58 -10.41
CA GLU B 356 4.79 0.72 -9.39
C GLU B 356 4.29 -0.73 -9.44
N THR B 357 3.25 -0.97 -10.23
CA THR B 357 2.73 -2.33 -10.40
C THR B 357 3.53 -3.06 -11.47
N CYS B 358 4.40 -2.33 -12.15
CA CYS B 358 5.28 -2.90 -13.15
C CYS B 358 6.71 -3.02 -12.63
N LYS B 359 7.39 -4.08 -13.04
CA LYS B 359 8.78 -4.30 -12.65
C LYS B 359 9.66 -4.26 -13.88
N VAL B 360 10.72 -3.47 -13.82
CA VAL B 360 11.61 -3.32 -14.97
C VAL B 360 12.91 -4.11 -14.79
N GLN B 361 13.23 -4.92 -15.78
CA GLN B 361 14.51 -5.63 -15.78
C GLN B 361 15.24 -5.26 -17.07
N SER B 362 16.26 -4.42 -16.90
CA SER B 362 17.00 -3.77 -17.99
C SER B 362 16.09 -2.95 -18.91
N ASN B 363 15.80 -3.47 -20.10
CA ASN B 363 14.89 -2.77 -21.02
C ASN B 363 13.59 -3.53 -21.28
N ARG B 364 13.40 -4.59 -20.50
CA ARG B 364 12.18 -5.40 -20.53
C ARG B 364 11.26 -4.93 -19.40
N VAL B 365 9.98 -4.73 -19.67
CA VAL B 365 9.08 -4.30 -18.61
C VAL B 365 7.95 -5.30 -18.40
N PHE B 366 7.88 -5.82 -17.18
CA PHE B 366 6.86 -6.80 -16.85
C PHE B 366 5.66 -6.12 -16.21
N CYS B 367 4.50 -6.26 -16.83
CA CYS B 367 3.27 -5.71 -16.26
C CYS B 367 2.18 -6.76 -16.24
N ASP B 368 1.07 -6.40 -15.61
CA ASP B 368 -0.08 -7.27 -15.51
C ASP B 368 -1.27 -6.52 -16.10
N THR B 369 -1.93 -7.11 -17.09
CA THR B 369 -3.00 -6.43 -17.80
C THR B 369 -4.16 -6.17 -16.86
N MET B 370 -4.15 -6.83 -15.71
CA MET B 370 -5.17 -6.64 -14.70
C MET B 370 -5.09 -5.20 -14.19
N ASN B 371 -3.90 -4.60 -14.27
CA ASN B 371 -3.69 -3.21 -13.86
C ASN B 371 -3.63 -2.22 -15.02
N SER B 372 -4.34 -2.49 -16.11
CA SER B 372 -4.29 -1.54 -17.23
C SER B 372 -5.64 -1.05 -17.69
N LEU B 373 -5.62 0.09 -18.37
CA LEU B 373 -6.72 0.50 -19.21
C LEU B 373 -6.39 0.22 -20.67
N THR B 374 -7.40 -0.01 -21.49
CA THR B 374 -7.19 -0.17 -22.92
C THR B 374 -7.62 1.11 -23.64
N LEU B 375 -6.64 1.79 -24.21
CA LEU B 375 -6.87 3.09 -24.80
C LEU B 375 -6.67 3.08 -26.31
N PRO B 376 -7.34 4.00 -27.03
CA PRO B 376 -7.07 4.22 -28.46
C PRO B 376 -5.63 4.64 -28.65
N SER B 377 -5.00 4.28 -29.77
CA SER B 377 -3.59 4.58 -29.95
C SER B 377 -3.34 6.09 -30.10
N GLU B 378 -4.41 6.84 -30.33
CA GLU B 378 -4.33 8.30 -30.43
C GLU B 378 -3.93 8.95 -29.11
N VAL B 379 -3.97 8.19 -28.01
CA VAL B 379 -3.55 8.68 -26.70
C VAL B 379 -2.10 9.18 -26.71
N ASN B 380 -1.30 8.67 -27.64
CA ASN B 380 0.09 9.09 -27.78
C ASN B 380 0.19 10.56 -28.18
N LEU B 381 -0.86 11.07 -28.82
CA LEU B 381 -0.85 12.44 -29.31
C LEU B 381 -0.68 13.49 -28.22
N CYS B 382 -1.00 13.15 -26.97
CA CYS B 382 -0.88 14.15 -25.89
C CYS B 382 0.58 14.56 -25.73
N ASN B 383 1.47 13.71 -26.22
CA ASN B 383 2.90 13.93 -26.15
C ASN B 383 3.36 14.92 -27.21
N VAL B 384 2.82 14.76 -28.42
CA VAL B 384 3.19 15.65 -29.51
C VAL B 384 2.35 16.94 -29.59
N ASP B 385 1.06 16.86 -29.32
CA ASP B 385 0.19 18.04 -29.38
C ASP B 385 -0.89 17.92 -28.31
N ILE B 386 -0.71 18.55 -27.15
CA ILE B 386 -1.67 18.33 -26.07
C ILE B 386 -3.05 18.96 -26.34
N PHE B 387 -3.14 19.82 -27.34
CA PHE B 387 -4.42 20.43 -27.73
C PHE B 387 -5.02 19.77 -28.97
N ASN B 388 -4.44 18.65 -29.39
CA ASN B 388 -4.92 17.91 -30.55
C ASN B 388 -6.41 17.59 -30.44
N PRO B 389 -7.10 17.58 -31.59
CA PRO B 389 -8.55 17.41 -31.61
C PRO B 389 -8.98 15.94 -31.56
N LYS B 390 -8.03 15.01 -31.52
CA LYS B 390 -8.36 13.59 -31.65
C LYS B 390 -8.41 12.83 -30.33
N TYR B 391 -7.75 13.35 -29.30
CA TYR B 391 -7.80 12.70 -27.98
C TYR B 391 -7.83 13.74 -26.88
N ASP B 392 -8.73 13.57 -25.92
CA ASP B 392 -8.86 14.56 -24.85
C ASP B 392 -7.90 14.30 -23.69
N CYS B 393 -6.73 14.93 -23.73
CA CYS B 393 -5.67 14.64 -22.77
C CYS B 393 -6.10 14.99 -21.35
N LYS B 394 -5.79 14.12 -20.38
CA LYS B 394 -6.27 14.36 -19.03
C LYS B 394 -5.28 15.19 -18.21
N ILE B 395 -5.83 16.17 -17.50
CA ILE B 395 -5.05 17.05 -16.64
C ILE B 395 -5.81 17.38 -15.35
N MET B 396 -5.09 17.84 -14.34
CA MET B 396 -5.75 18.43 -13.18
C MET B 396 -5.28 19.86 -13.02
N THR B 397 -6.10 20.69 -12.39
CA THR B 397 -5.75 22.09 -12.20
C THR B 397 -5.75 22.38 -10.71
N SER B 398 -4.94 23.34 -10.30
CA SER B 398 -4.90 23.76 -8.90
C SER B 398 -4.20 25.10 -8.76
N LYS B 399 -4.13 25.58 -7.51
CA LYS B 399 -3.32 26.75 -7.21
C LYS B 399 -2.20 26.39 -6.26
N THR B 400 -1.93 25.10 -6.11
CA THR B 400 -0.95 24.65 -5.13
C THR B 400 0.43 24.54 -5.77
N ASP B 401 1.15 25.65 -5.80
CA ASP B 401 2.46 25.69 -6.45
C ASP B 401 3.58 25.33 -5.47
N VAL B 402 3.66 24.05 -5.12
CA VAL B 402 4.75 23.54 -4.29
C VAL B 402 5.81 22.93 -5.19
N SER B 403 7.05 22.91 -4.70
CA SER B 403 8.17 22.45 -5.51
C SER B 403 8.42 20.98 -5.34
N SER B 404 8.81 20.34 -6.43
CA SER B 404 9.18 18.93 -6.41
C SER B 404 9.97 18.55 -7.64
N SER B 405 10.43 17.31 -7.65
CA SER B 405 11.11 16.75 -8.82
C SER B 405 10.61 15.37 -9.15
N VAL B 406 10.65 15.03 -10.42
CA VAL B 406 10.39 13.66 -10.84
C VAL B 406 11.66 13.13 -11.47
N ILE B 407 12.24 12.09 -10.87
CA ILE B 407 13.43 11.48 -11.44
C ILE B 407 12.98 10.57 -12.57
N THR B 408 13.49 10.84 -13.76
CA THR B 408 13.04 10.10 -14.94
C THR B 408 14.03 8.98 -15.19
N SER B 409 13.89 8.32 -16.34
CA SER B 409 14.83 7.27 -16.71
C SER B 409 16.22 7.83 -16.94
N LEU B 410 16.32 9.01 -17.57
CA LEU B 410 17.61 9.50 -18.04
C LEU B 410 17.88 10.92 -17.57
N GLY B 411 17.12 11.36 -16.57
CA GLY B 411 17.30 12.71 -16.07
C GLY B 411 16.37 13.03 -14.92
N ALA B 412 15.95 14.28 -14.85
CA ALA B 412 15.11 14.75 -13.77
C ALA B 412 14.28 15.95 -14.22
N ILE B 413 12.98 15.91 -13.95
CA ILE B 413 12.16 17.08 -14.16
C ILE B 413 12.12 17.85 -12.86
N VAL B 414 12.33 19.15 -12.92
CA VAL B 414 12.29 19.94 -11.71
C VAL B 414 11.22 21.01 -11.81
N SER B 415 10.23 20.91 -10.94
CA SER B 415 9.23 21.96 -10.83
C SER B 415 9.56 22.81 -9.62
N CYS B 416 10.20 23.94 -9.85
CA CYS B 416 10.71 24.76 -8.77
C CYS B 416 9.87 26.03 -8.74
N TYR B 417 9.17 26.23 -7.63
CA TYR B 417 8.29 27.38 -7.53
C TYR B 417 8.43 28.09 -6.19
N GLY B 418 7.99 29.33 -6.18
CA GLY B 418 7.96 30.17 -5.00
C GLY B 418 9.38 30.47 -4.58
N LYS B 419 9.67 30.33 -3.29
CA LYS B 419 11.00 30.66 -2.79
C LYS B 419 11.93 29.46 -2.60
N THR B 420 11.54 28.30 -3.10
CA THR B 420 12.32 27.08 -2.88
C THR B 420 13.69 27.15 -3.55
N LYS B 421 14.73 26.71 -2.86
CA LYS B 421 16.03 26.55 -3.47
C LYS B 421 16.11 25.18 -4.14
N CYS B 422 16.33 25.20 -5.46
CA CYS B 422 16.41 23.98 -6.26
C CYS B 422 17.70 23.93 -7.06
N THR B 423 18.49 22.89 -6.86
CA THR B 423 19.77 22.79 -7.55
C THR B 423 20.06 21.39 -8.06
N ALA B 424 21.06 21.31 -8.92
CA ALA B 424 21.61 20.07 -9.44
C ALA B 424 23.12 20.09 -9.26
N SER B 425 23.69 18.96 -8.84
CA SER B 425 25.11 18.96 -8.57
C SER B 425 25.80 17.84 -9.32
N ASN B 426 27.11 17.99 -9.48
CA ASN B 426 27.95 16.90 -9.97
C ASN B 426 28.75 16.28 -8.82
N LYS B 427 29.17 15.02 -9.01
CA LYS B 427 29.99 14.32 -8.02
C LYS B 427 31.19 15.17 -7.58
N ASN B 428 31.99 15.62 -8.54
CA ASN B 428 33.26 16.25 -8.19
C ASN B 428 33.18 17.76 -8.17
N ARG B 429 32.25 18.32 -8.93
CA ARG B 429 32.17 19.78 -9.07
C ARG B 429 31.31 20.43 -7.98
N GLY B 430 30.31 19.70 -7.50
CA GLY B 430 29.36 20.25 -6.53
C GLY B 430 28.21 20.88 -7.28
N ILE B 431 27.59 21.90 -6.71
CA ILE B 431 26.40 22.49 -7.31
C ILE B 431 26.80 23.12 -8.64
N ILE B 432 26.13 22.72 -9.72
CA ILE B 432 26.46 23.26 -11.03
C ILE B 432 25.31 24.02 -11.69
N LYS B 433 24.09 23.79 -11.21
CA LYS B 433 22.95 24.55 -11.72
C LYS B 433 21.94 24.92 -10.65
N THR B 434 21.52 26.18 -10.67
CA THR B 434 20.43 26.61 -9.81
C THR B 434 19.24 26.86 -10.74
N PHE B 435 18.15 26.17 -10.47
CA PHE B 435 16.96 26.26 -11.31
C PHE B 435 16.22 27.53 -10.99
N SER B 436 15.74 28.20 -12.04
CA SER B 436 14.83 29.32 -11.85
C SER B 436 13.42 28.79 -11.74
N ASN B 437 12.50 29.65 -11.32
CA ASN B 437 11.11 29.25 -11.21
C ASN B 437 10.52 28.79 -12.53
N GLY B 438 9.73 27.74 -12.46
CA GLY B 438 9.16 27.14 -13.65
C GLY B 438 9.40 25.64 -13.67
N CYS B 439 9.04 25.01 -14.78
CA CYS B 439 9.32 23.60 -14.95
C CYS B 439 10.46 23.43 -15.91
N ASP B 440 11.45 22.66 -15.49
CA ASP B 440 12.69 22.52 -16.23
C ASP B 440 13.14 21.07 -16.13
N TYR B 441 14.28 20.77 -16.73
CA TYR B 441 14.74 19.41 -16.86
C TYR B 441 16.26 19.42 -16.97
N VAL B 442 16.88 18.37 -16.50
CA VAL B 442 18.30 18.19 -16.71
C VAL B 442 18.55 16.72 -16.99
N SER B 443 19.51 16.42 -17.88
CA SER B 443 19.81 15.04 -18.19
C SER B 443 20.78 14.48 -17.17
N ASN B 444 20.92 13.15 -17.16
CA ASN B 444 21.76 12.48 -16.18
C ASN B 444 23.22 12.52 -16.59
N LYS B 445 23.46 13.11 -17.76
CA LYS B 445 24.81 13.28 -18.27
C LYS B 445 25.49 14.43 -17.52
N GLY B 446 26.52 14.11 -16.75
CA GLY B 446 27.24 15.12 -15.98
C GLY B 446 26.54 15.59 -14.72
N VAL B 447 25.35 15.06 -14.45
CA VAL B 447 24.62 15.39 -13.23
C VAL B 447 24.46 14.13 -12.38
N ASP B 448 24.71 14.25 -11.09
CA ASP B 448 24.60 13.10 -10.22
C ASP B 448 23.45 13.21 -9.21
N THR B 449 23.23 14.41 -8.68
CA THR B 449 22.15 14.60 -7.73
C THR B 449 21.35 15.86 -8.03
N VAL B 450 20.13 15.89 -7.52
CA VAL B 450 19.28 17.07 -7.60
C VAL B 450 18.74 17.35 -6.20
N SER B 451 18.67 18.62 -5.82
CA SER B 451 18.09 18.97 -4.54
C SER B 451 16.95 19.95 -4.76
N VAL B 452 15.78 19.61 -4.22
CA VAL B 452 14.65 20.52 -4.23
C VAL B 452 14.19 20.75 -2.80
N GLY B 453 14.37 21.96 -2.30
CA GLY B 453 14.11 22.22 -0.91
C GLY B 453 15.01 21.36 -0.05
N ASN B 454 14.43 20.70 0.94
CA ASN B 454 15.18 19.85 1.84
C ASN B 454 15.27 18.40 1.38
N THR B 455 14.85 18.14 0.13
CA THR B 455 14.86 16.77 -0.41
C THR B 455 15.98 16.50 -1.41
N LEU B 456 16.90 15.59 -1.08
CA LEU B 456 17.92 15.20 -2.05
C LEU B 456 17.49 13.98 -2.88
N TYR B 457 17.62 14.10 -4.20
CA TYR B 457 17.33 13.00 -5.14
C TYR B 457 18.61 12.56 -5.86
N TYR B 458 18.89 11.27 -5.83
CA TYR B 458 19.93 10.70 -6.69
C TYR B 458 19.30 10.39 -8.05
N VAL B 459 19.96 10.77 -9.14
CA VAL B 459 19.43 10.45 -10.47
C VAL B 459 19.87 9.08 -10.97
N ASN B 460 19.08 8.50 -11.87
CA ASN B 460 19.44 7.25 -12.53
C ASN B 460 20.62 7.45 -13.49
N LYS B 461 21.59 6.54 -13.42
CA LYS B 461 22.80 6.66 -14.23
C LYS B 461 22.85 5.78 -15.48
N GLN B 462 21.72 5.29 -15.95
CA GLN B 462 21.74 4.47 -17.17
C GLN B 462 22.13 5.29 -18.40
N GLU B 463 22.85 4.66 -19.32
CA GLU B 463 23.29 5.30 -20.57
C GLU B 463 22.15 5.49 -21.57
N GLY B 464 22.13 6.64 -22.24
CA GLY B 464 21.15 6.93 -23.26
C GLY B 464 21.05 8.43 -23.53
N LYS B 465 20.64 8.80 -24.74
CA LYS B 465 20.60 10.22 -25.10
C LYS B 465 19.23 10.84 -24.78
N SER B 466 19.26 12.05 -24.26
CA SER B 466 18.06 12.83 -24.01
C SER B 466 17.89 13.96 -25.00
N LEU B 467 16.64 14.28 -25.29
CA LEU B 467 16.30 15.41 -26.15
C LEU B 467 15.37 16.37 -25.41
N TYR B 468 15.81 17.62 -25.33
CA TYR B 468 15.02 18.67 -24.68
C TYR B 468 14.16 19.36 -25.73
N VAL B 469 12.84 19.16 -25.67
CA VAL B 469 11.98 19.79 -26.66
C VAL B 469 11.41 21.11 -26.13
N LYS B 470 11.95 22.22 -26.64
CA LYS B 470 11.53 23.54 -26.19
C LYS B 470 10.14 23.92 -26.66
N GLY B 471 9.46 24.72 -25.85
CA GLY B 471 8.14 25.23 -26.19
C GLY B 471 7.60 26.03 -25.03
N GLU B 472 6.79 27.05 -25.32
CA GLU B 472 6.19 27.84 -24.25
C GLU B 472 5.28 26.98 -23.38
N PRO B 473 5.50 27.01 -22.06
CA PRO B 473 4.63 26.33 -21.08
C PRO B 473 3.18 26.78 -21.27
N ILE B 474 2.30 25.80 -21.47
CA ILE B 474 0.93 26.07 -21.88
C ILE B 474 0.12 26.75 -20.78
N ILE B 475 0.61 26.71 -19.55
CA ILE B 475 -0.08 27.39 -18.46
C ILE B 475 -0.14 28.90 -18.75
N ASN B 476 0.77 29.38 -19.59
CA ASN B 476 0.77 30.78 -19.97
C ASN B 476 -0.38 31.12 -20.92
N PHE B 477 -1.02 30.10 -21.49
CA PHE B 477 -2.08 30.34 -22.47
C PHE B 477 -3.44 30.56 -21.82
N TYR B 478 -3.49 30.50 -20.50
CA TYR B 478 -4.77 30.60 -19.81
C TYR B 478 -4.85 31.93 -19.08
N ASP B 479 -6.02 32.55 -19.17
CA ASP B 479 -6.32 33.75 -18.43
C ASP B 479 -6.75 33.36 -17.04
N PRO B 480 -5.96 33.72 -16.03
CA PRO B 480 -6.17 33.31 -14.64
C PRO B 480 -7.52 33.75 -14.09
N LEU B 481 -8.16 34.74 -14.71
CA LEU B 481 -9.43 35.26 -14.21
C LEU B 481 -10.59 34.33 -14.51
N VAL B 482 -10.43 33.43 -15.48
CA VAL B 482 -11.49 32.49 -15.79
C VAL B 482 -11.03 31.03 -15.74
N PHE B 483 -9.83 30.83 -15.20
CA PHE B 483 -9.22 29.52 -15.06
C PHE B 483 -9.86 28.70 -13.93
N PRO B 484 -10.39 27.51 -14.24
CA PRO B 484 -10.97 26.63 -13.23
C PRO B 484 -9.83 25.94 -12.48
N SER B 485 -9.49 26.49 -11.31
CA SER B 485 -8.43 25.92 -10.46
C SER B 485 -8.77 24.80 -9.48
N ASP B 486 -10.03 24.37 -9.43
CA ASP B 486 -10.45 23.34 -8.49
C ASP B 486 -10.91 22.11 -9.27
N GLU B 487 -10.26 21.83 -10.39
CA GLU B 487 -10.50 20.58 -11.10
C GLU B 487 -9.45 19.51 -10.83
N PHE B 488 -9.92 18.43 -10.22
CA PHE B 488 -9.05 17.34 -9.82
C PHE B 488 -9.09 16.25 -10.91
N ASP B 489 -10.28 15.74 -11.21
CA ASP B 489 -10.43 14.69 -12.25
C ASP B 489 -10.77 15.31 -13.64
N ALA B 490 -9.93 16.19 -14.16
CA ALA B 490 -10.27 16.95 -15.37
C ALA B 490 -9.50 16.55 -16.64
N SER B 491 -9.69 17.37 -17.69
CA SER B 491 -9.04 17.16 -18.97
C SER B 491 -9.05 18.48 -19.75
N ILE B 492 -8.29 18.52 -20.84
CA ILE B 492 -8.20 19.71 -21.70
C ILE B 492 -9.55 20.23 -22.21
N SER B 493 -10.36 19.34 -22.75
CA SER B 493 -11.65 19.74 -23.31
C SER B 493 -12.60 20.21 -22.22
N GLN B 494 -12.56 19.56 -21.06
CA GLN B 494 -13.46 19.95 -19.96
C GLN B 494 -13.11 21.35 -19.46
N VAL B 495 -11.82 21.63 -19.31
CA VAL B 495 -11.33 22.95 -18.94
C VAL B 495 -11.69 24.00 -19.99
N ASN B 496 -11.47 23.66 -21.26
CA ASN B 496 -11.86 24.52 -22.36
C ASN B 496 -13.35 24.84 -22.31
N GLU B 497 -14.18 23.82 -22.06
CA GLU B 497 -15.62 24.03 -22.00
C GLU B 497 -15.99 25.07 -20.95
N LYS B 498 -15.38 24.98 -19.77
CA LYS B 498 -15.70 25.92 -18.71
C LYS B 498 -15.18 27.31 -19.01
N ILE B 499 -13.99 27.39 -19.61
CA ILE B 499 -13.48 28.70 -20.01
C ILE B 499 -14.41 29.35 -21.04
N ASN B 500 -14.89 28.57 -22.01
CA ASN B 500 -15.84 29.12 -23.00
C ASN B 500 -17.10 29.63 -22.35
N GLN B 501 -17.53 28.95 -21.30
CA GLN B 501 -18.73 29.34 -20.59
C GLN B 501 -18.51 30.58 -19.77
N SER B 502 -17.33 30.69 -19.16
CA SER B 502 -17.01 31.89 -18.40
C SER B 502 -16.84 33.10 -19.31
N LEU B 503 -16.28 32.85 -20.49
CA LEU B 503 -16.11 33.92 -21.48
C LEU B 503 -17.44 34.32 -22.09
N ALA B 504 -18.34 33.34 -22.21
CA ALA B 504 -19.67 33.56 -22.76
C ALA B 504 -20.46 34.50 -21.85
N PHE B 505 -20.38 34.23 -20.55
CA PHE B 505 -21.08 34.99 -19.52
C PHE B 505 -20.46 36.36 -19.31
N ILE B 506 -19.29 36.59 -19.89
CA ILE B 506 -18.70 37.92 -19.81
C ILE B 506 -19.01 38.71 -21.07
N ARG B 507 -19.09 38.04 -22.21
CA ARG B 507 -19.62 38.70 -23.40
C ARG B 507 -21.02 39.20 -23.07
N LYS B 508 -21.90 38.29 -22.65
CA LYS B 508 -23.30 38.62 -22.44
C LYS B 508 -23.55 39.63 -21.31
N SER B 509 -22.87 39.47 -20.18
CA SER B 509 -23.14 40.35 -19.04
C SER B 509 -22.64 41.75 -19.31
N ASP B 510 -21.56 41.88 -20.07
CA ASP B 510 -21.05 43.20 -20.40
C ASP B 510 -21.93 43.89 -21.42
N GLU B 511 -22.50 43.12 -22.34
CA GLU B 511 -23.51 43.62 -23.26
C GLU B 511 -24.75 44.12 -22.51
N LEU B 512 -25.10 43.42 -21.45
CA LEU B 512 -26.28 43.74 -20.67
C LEU B 512 -26.09 45.01 -19.83
N LEU B 513 -24.94 45.09 -19.17
CA LEU B 513 -24.60 46.23 -18.32
C LEU B 513 -24.43 47.50 -19.14
N SER B 514 -23.91 47.34 -20.35
CA SER B 514 -23.81 48.42 -21.32
C SER B 514 -25.16 48.97 -21.72
N ALA B 515 -26.06 48.09 -22.15
CA ALA B 515 -27.38 48.49 -22.63
C ALA B 515 -28.25 49.10 -21.53
N ILE B 516 -28.06 48.64 -20.30
CA ILE B 516 -28.83 49.15 -19.17
C ILE B 516 -28.32 50.53 -18.76
N GLY B 517 -27.01 50.67 -18.63
CA GLY B 517 -26.44 51.97 -18.29
C GLY B 517 -26.73 53.01 -19.36
N GLY B 518 -27.32 52.55 -20.46
CA GLY B 518 -27.71 53.41 -21.57
C GLY B 518 -29.13 53.94 -21.47
N TYR B 519 -29.92 53.44 -20.53
CA TYR B 519 -31.35 53.78 -20.51
C TYR B 519 -31.71 54.95 -19.61
N ILE B 520 -32.70 55.72 -20.05
CA ILE B 520 -33.17 56.94 -19.37
C ILE B 520 -34.36 56.65 -18.45
N PRO B 521 -34.41 57.34 -17.28
CA PRO B 521 -35.52 57.18 -16.32
C PRO B 521 -36.81 57.88 -16.79
N GLU B 522 -37.85 57.75 -15.98
CA GLU B 522 -39.17 58.27 -16.33
C GLU B 522 -39.18 59.79 -16.34
N ALA B 523 -40.05 60.36 -17.18
CA ALA B 523 -40.28 61.79 -17.19
C ALA B 523 -41.30 62.14 -16.10
N PRO B 524 -41.32 63.41 -15.66
CA PRO B 524 -42.25 63.91 -14.65
C PRO B 524 -43.71 63.52 -14.90
N ARG B 525 -44.45 63.30 -13.81
CA ARG B 525 -45.84 62.87 -13.91
C ARG B 525 -46.83 63.97 -13.62
N ASP B 526 -46.81 64.98 -14.47
CA ASP B 526 -47.74 66.09 -14.40
C ASP B 526 -48.46 66.21 -15.76
N GLY B 527 -49.55 66.97 -15.81
CA GLY B 527 -50.29 67.14 -17.06
C GLY B 527 -49.52 67.73 -18.23
N GLN B 528 -48.20 67.52 -18.24
CA GLN B 528 -47.37 68.06 -19.30
C GLN B 528 -46.57 67.03 -20.10
N ALA B 529 -46.49 67.26 -21.40
CA ALA B 529 -45.76 66.42 -22.33
C ALA B 529 -44.27 66.76 -22.30
N TYR B 530 -43.42 65.76 -22.46
CA TYR B 530 -41.98 66.00 -22.41
C TYR B 530 -41.25 65.47 -23.64
N VAL B 531 -40.22 66.20 -24.06
CA VAL B 531 -39.32 65.74 -25.10
C VAL B 531 -37.92 65.64 -24.52
N ARG B 532 -37.02 64.97 -25.21
CA ARG B 532 -35.69 64.74 -24.66
C ARG B 532 -34.68 65.70 -25.31
N LYS B 533 -33.96 66.46 -24.47
CA LYS B 533 -32.95 67.39 -24.96
C LYS B 533 -31.81 67.58 -23.95
N ASP B 534 -30.58 67.39 -24.43
CA ASP B 534 -29.36 67.58 -23.63
C ASP B 534 -29.31 66.71 -22.38
N GLY B 535 -29.87 65.50 -22.48
CA GLY B 535 -29.76 64.53 -21.42
C GLY B 535 -30.79 64.66 -20.31
N GLU B 536 -31.79 65.51 -20.50
CA GLU B 536 -32.87 65.67 -19.53
C GLU B 536 -34.23 65.77 -20.21
N TRP B 537 -35.31 65.72 -19.42
CA TRP B 537 -36.64 65.91 -19.97
C TRP B 537 -37.00 67.38 -20.00
N VAL B 538 -37.45 67.86 -21.16
CA VAL B 538 -37.82 69.25 -21.35
C VAL B 538 -39.27 69.34 -21.81
N LEU B 539 -39.98 70.36 -21.34
CA LEU B 539 -41.37 70.59 -21.71
C LEU B 539 -41.53 70.77 -23.21
N LEU B 540 -42.52 70.09 -23.79
CA LEU B 540 -42.82 70.22 -25.22
C LEU B 540 -43.20 71.65 -25.59
N SER B 541 -43.95 72.29 -24.70
CA SER B 541 -44.39 73.67 -24.87
C SER B 541 -43.26 74.64 -25.15
N THR B 542 -42.09 74.36 -24.58
CA THR B 542 -40.90 75.19 -24.74
C THR B 542 -40.58 75.49 -26.20
N PHE B 543 -40.83 74.50 -27.05
CA PHE B 543 -40.38 74.52 -28.44
C PHE B 543 -41.47 74.84 -29.44
N LEU B 544 -42.64 75.26 -28.95
CA LEU B 544 -43.76 75.47 -29.85
C LEU B 544 -44.02 76.94 -30.16
N GLY B 545 -43.32 77.82 -29.46
CA GLY B 545 -43.39 79.25 -29.74
C GLY B 545 -43.03 79.52 -31.19
N GLY B 546 -43.95 80.14 -31.94
CA GLY B 546 -43.76 80.35 -33.35
C GLY B 546 -44.67 79.60 -34.32
N LEU B 547 -45.52 78.69 -33.83
CA LEU B 547 -46.44 77.99 -34.75
C LEU B 547 -47.59 78.89 -35.14
N VAL B 548 -47.74 80.00 -34.42
CA VAL B 548 -48.70 81.03 -34.77
C VAL B 548 -47.98 82.37 -34.99
N PRO B 549 -48.19 82.98 -36.17
CA PRO B 549 -49.01 82.42 -37.25
C PRO B 549 -48.20 81.72 -38.33
N ASN C 27 -25.35 -20.28 1.65
CA ASN C 27 -26.34 -19.68 0.76
C ASN C 27 -25.89 -18.30 0.31
N ILE C 28 -25.36 -18.21 -0.91
CA ILE C 28 -25.04 -16.93 -1.55
C ILE C 28 -25.83 -16.54 -2.81
N THR C 29 -26.45 -15.37 -2.78
CA THR C 29 -27.18 -14.86 -3.94
C THR C 29 -26.67 -13.47 -4.32
N GLU C 30 -27.01 -13.01 -5.52
CA GLU C 30 -26.53 -11.72 -6.03
C GLU C 30 -27.57 -11.01 -6.89
N GLU C 31 -27.60 -9.68 -6.78
CA GLU C 31 -28.49 -8.86 -7.59
C GLU C 31 -27.73 -7.78 -8.32
N PHE C 32 -27.99 -7.66 -9.61
CA PHE C 32 -27.41 -6.58 -10.41
C PHE C 32 -28.45 -5.51 -10.67
N TYR C 33 -28.10 -4.25 -10.41
CA TYR C 33 -29.02 -3.16 -10.70
C TYR C 33 -28.57 -2.41 -11.95
N GLN C 34 -29.27 -2.69 -13.05
CA GLN C 34 -29.02 -2.03 -14.33
C GLN C 34 -29.14 -0.52 -14.21
N SER C 35 -30.03 -0.05 -13.33
CA SER C 35 -30.31 1.37 -13.24
C SER C 35 -29.12 2.16 -12.69
N THR C 36 -28.27 1.51 -11.89
CA THR C 36 -27.18 2.24 -11.23
C THR C 36 -25.82 1.58 -11.47
N CYS C 37 -25.77 0.59 -12.35
CA CYS C 37 -24.51 -0.09 -12.69
C CYS C 37 -23.81 -0.59 -11.44
N SER C 38 -24.54 -1.34 -10.63
CA SER C 38 -24.01 -1.84 -9.40
C SER C 38 -24.61 -3.20 -9.07
N ALA C 39 -24.02 -3.90 -8.11
CA ALA C 39 -24.48 -5.24 -7.79
C ALA C 39 -24.24 -5.57 -6.32
N VAL C 40 -25.22 -6.24 -5.73
CA VAL C 40 -25.11 -6.66 -4.33
C VAL C 40 -25.06 -8.17 -4.19
N SER C 41 -24.03 -8.64 -3.51
CA SER C 41 -23.86 -10.05 -3.15
C SER C 41 -24.23 -10.24 -1.69
N LYS C 42 -25.16 -11.15 -1.40
CA LYS C 42 -25.60 -11.35 -0.02
C LYS C 42 -25.53 -12.80 0.38
N GLY C 43 -25.80 -13.06 1.66
CA GLY C 43 -25.69 -14.39 2.23
C GLY C 43 -24.49 -14.62 3.11
N TYR C 44 -23.70 -13.57 3.31
CA TYR C 44 -22.48 -13.67 4.12
C TYR C 44 -22.73 -13.50 5.62
N LEU C 45 -21.85 -14.08 6.42
CA LEU C 45 -21.94 -14.00 7.87
C LEU C 45 -20.76 -13.24 8.45
N SER C 46 -21.04 -12.39 9.43
CA SER C 46 -20.03 -11.49 9.97
C SER C 46 -19.09 -12.12 10.97
N ALA C 47 -17.87 -11.58 11.02
CA ALA C 47 -16.97 -11.81 12.13
C ALA C 47 -16.14 -10.56 12.33
N LEU C 48 -16.61 -9.67 13.19
CA LEU C 48 -15.99 -8.36 13.37
C LEU C 48 -15.13 -8.28 14.61
N ARG C 49 -13.88 -7.86 14.43
CA ARG C 49 -13.01 -7.58 15.56
C ARG C 49 -13.47 -6.28 16.20
N THR C 50 -13.90 -6.36 17.45
CA THR C 50 -14.44 -5.19 18.11
C THR C 50 -13.51 -4.72 19.21
N GLY C 51 -12.68 -5.63 19.69
CA GLY C 51 -11.79 -5.32 20.79
C GLY C 51 -10.46 -6.04 20.70
N TRP C 52 -9.67 -5.91 21.75
CA TRP C 52 -8.33 -6.49 21.81
C TRP C 52 -8.11 -7.21 23.13
N TYR C 53 -7.50 -8.38 23.07
CA TYR C 53 -7.04 -9.04 24.28
C TYR C 53 -5.52 -9.11 24.26
N THR C 54 -4.89 -8.78 25.38
CA THR C 54 -3.44 -8.82 25.44
C THR C 54 -2.97 -9.94 26.35
N SER C 55 -2.20 -10.86 25.77
CA SER C 55 -1.57 -11.92 26.53
C SER C 55 -0.07 -11.71 26.64
N VAL C 56 0.54 -12.26 27.68
CA VAL C 56 1.97 -12.16 27.84
C VAL C 56 2.67 -13.49 27.63
N ILE C 57 3.48 -13.57 26.59
CA ILE C 57 4.19 -14.80 26.26
C ILE C 57 5.63 -14.68 26.73
N THR C 58 6.13 -15.69 27.45
CA THR C 58 7.45 -15.59 28.03
C THR C 58 8.34 -16.77 27.63
N ILE C 59 9.64 -16.50 27.54
CA ILE C 59 10.63 -17.55 27.33
C ILE C 59 11.64 -17.43 28.45
N GLU C 60 11.80 -18.48 29.24
CA GLU C 60 12.74 -18.41 30.35
C GLU C 60 14.16 -18.58 29.83
N LEU C 61 15.02 -17.63 30.20
CA LEU C 61 16.37 -17.59 29.67
C LEU C 61 17.43 -18.00 30.67
N SER C 62 18.55 -18.43 30.13
CA SER C 62 19.72 -18.80 30.88
C SER C 62 20.64 -17.58 30.89
N ASN C 63 21.26 -17.34 32.03
CA ASN C 63 22.21 -16.23 32.23
C ASN C 63 23.66 -16.71 32.22
N ILE C 64 24.23 -16.81 31.01
CA ILE C 64 25.55 -17.39 30.85
C ILE C 64 26.69 -16.48 30.37
N LYS C 65 27.53 -16.06 31.33
CA LYS C 65 28.66 -15.19 31.03
C LYS C 65 29.67 -15.93 30.13
N GLU C 66 30.87 -16.16 30.68
CA GLU C 66 31.96 -16.84 29.97
C GLU C 66 31.70 -18.35 29.76
N ASN C 67 32.24 -18.88 28.66
CA ASN C 67 32.10 -20.29 28.30
C ASN C 67 33.39 -21.09 28.48
N LYS C 68 33.72 -21.39 29.73
CA LYS C 68 35.00 -22.02 30.08
C LYS C 68 35.28 -23.40 29.46
N CYS C 69 36.18 -23.40 28.47
CA CYS C 69 36.79 -24.61 27.91
C CYS C 69 37.93 -24.25 26.96
N ASN C 70 39.07 -24.92 27.14
CA ASN C 70 40.17 -24.83 26.19
C ASN C 70 40.03 -25.92 25.13
N GLY C 71 38.93 -26.65 25.22
CA GLY C 71 38.63 -27.73 24.31
C GLY C 71 38.61 -27.32 22.86
N THR C 72 39.18 -28.19 22.02
CA THR C 72 39.22 -27.96 20.59
C THR C 72 38.70 -29.21 19.92
N ASP C 73 37.69 -29.78 20.56
CA ASP C 73 36.95 -30.92 20.02
C ASP C 73 35.81 -30.39 19.17
N ALA C 74 35.49 -31.11 18.11
CA ALA C 74 34.51 -30.65 17.13
C ALA C 74 33.16 -30.44 17.79
N LYS C 75 32.80 -31.36 18.67
CA LYS C 75 31.50 -31.30 19.32
C LYS C 75 31.42 -30.12 20.27
N VAL C 76 32.46 -29.87 21.06
CA VAL C 76 32.41 -28.73 21.96
C VAL C 76 32.51 -27.46 21.14
N LYS C 77 33.28 -27.52 20.06
CA LYS C 77 33.38 -26.39 19.14
C LYS C 77 32.03 -26.03 18.55
N LEU C 78 31.27 -27.06 18.19
CA LEU C 78 29.94 -26.86 17.67
C LEU C 78 29.07 -26.29 18.77
N ILE C 79 29.24 -26.82 19.98
CA ILE C 79 28.47 -26.32 21.09
C ILE C 79 28.84 -24.86 21.31
N LYS C 80 30.13 -24.54 21.23
CA LYS C 80 30.53 -23.14 21.45
C LYS C 80 30.08 -22.17 20.36
N GLN C 81 30.03 -22.60 19.09
CA GLN C 81 29.50 -21.72 18.04
C GLN C 81 28.01 -21.52 18.18
N GLU C 82 27.31 -22.60 18.51
CA GLU C 82 25.86 -22.55 18.70
C GLU C 82 25.47 -21.78 19.96
N LEU C 83 26.28 -21.94 20.99
CA LEU C 83 26.07 -21.25 22.27
C LEU C 83 26.21 -19.72 22.10
N ASP C 84 27.11 -19.33 21.20
CA ASP C 84 27.36 -17.93 20.87
C ASP C 84 26.15 -17.34 20.18
N LYS C 85 25.49 -18.15 19.35
CA LYS C 85 24.26 -17.74 18.69
C LYS C 85 23.17 -17.43 19.71
N TYR C 86 23.14 -18.18 20.80
CA TYR C 86 22.18 -17.92 21.88
C TYR C 86 22.45 -16.58 22.56
N LYS C 87 23.71 -16.36 22.93
CA LYS C 87 24.12 -15.12 23.58
C LYS C 87 23.89 -13.90 22.68
N ASN C 88 24.23 -14.03 21.41
CA ASN C 88 24.07 -12.93 20.45
C ASN C 88 22.61 -12.52 20.33
N ALA C 89 21.72 -13.50 20.35
CA ALA C 89 20.29 -13.26 20.25
C ALA C 89 19.77 -12.43 21.42
N VAL C 90 20.21 -12.74 22.62
CA VAL C 90 19.81 -11.98 23.80
C VAL C 90 20.23 -10.51 23.69
N THR C 91 21.51 -10.29 23.37
CA THR C 91 22.03 -8.93 23.21
C THR C 91 21.26 -8.14 22.16
N GLU C 92 20.98 -8.79 21.04
CA GLU C 92 20.26 -8.20 19.93
C GLU C 92 18.86 -7.77 20.37
N LEU C 93 18.20 -8.64 21.11
CA LEU C 93 16.87 -8.39 21.68
C LEU C 93 16.93 -7.30 22.73
N GLN C 94 18.05 -7.22 23.43
CA GLN C 94 18.27 -6.18 24.43
C GLN C 94 18.32 -4.81 23.79
N LEU C 95 19.03 -4.68 22.66
CA LEU C 95 19.10 -3.41 21.92
C LEU C 95 17.72 -2.98 21.43
N LEU C 96 16.88 -3.97 21.15
CA LEU C 96 15.56 -3.76 20.59
C LEU C 96 14.57 -3.05 21.52
N MET C 97 14.64 -3.29 22.82
CA MET C 97 13.63 -2.73 23.70
C MET C 97 14.02 -1.38 24.32
N GLN C 98 15.28 -1.00 24.21
CA GLN C 98 15.69 0.33 24.68
C GLN C 98 15.23 1.42 23.72
N PHE C 137 -13.27 3.03 -1.95
CA PHE C 137 -13.09 4.41 -2.45
C PHE C 137 -13.15 5.40 -1.27
N LEU C 138 -13.97 5.13 -0.27
CA LEU C 138 -14.32 6.15 0.72
C LEU C 138 -13.48 5.90 1.96
N GLY C 139 -12.41 5.13 1.81
CA GLY C 139 -11.48 4.88 2.90
C GLY C 139 -10.97 6.15 3.55
N PHE C 140 -10.85 7.21 2.77
CA PHE C 140 -10.37 8.49 3.28
C PHE C 140 -11.34 9.09 4.33
N LEU C 141 -12.55 8.55 4.40
CA LEU C 141 -13.56 9.01 5.35
C LEU C 141 -13.36 8.37 6.72
N LEU C 142 -12.54 7.33 6.77
CA LEU C 142 -12.32 6.59 8.00
C LEU C 142 -11.59 7.41 9.04
N GLY C 143 -11.84 7.12 10.31
CA GLY C 143 -11.06 7.70 11.39
C GLY C 143 -9.68 7.10 11.51
N VAL C 144 -8.95 7.52 12.54
CA VAL C 144 -7.57 7.09 12.72
C VAL C 144 -7.30 6.56 14.11
N GLY C 145 -6.92 5.29 14.17
CA GLY C 145 -6.65 4.61 15.43
C GLY C 145 -5.18 4.43 15.77
N SER C 146 -4.93 3.81 16.92
CA SER C 146 -3.59 3.40 17.30
C SER C 146 -3.66 1.90 17.52
N ALA C 147 -3.28 1.14 16.50
CA ALA C 147 -3.58 -0.28 16.45
C ALA C 147 -3.08 -1.08 17.64
N ILE C 148 -1.89 -0.74 18.13
CA ILE C 148 -1.34 -1.49 19.24
C ILE C 148 -1.28 -0.68 20.52
N ALA C 149 -2.13 0.34 20.64
CA ALA C 149 -2.15 1.17 21.86
C ALA C 149 -2.43 0.37 23.13
N SER C 150 -3.32 -0.61 23.04
CA SER C 150 -3.68 -1.40 24.21
C SER C 150 -2.54 -2.36 24.59
N GLY C 151 -1.98 -3.02 23.59
CA GLY C 151 -0.85 -3.92 23.76
C GLY C 151 0.37 -3.22 24.34
N VAL C 152 0.67 -2.05 23.81
CA VAL C 152 1.79 -1.25 24.25
C VAL C 152 1.63 -0.84 25.72
N ALA C 153 0.40 -0.54 26.11
CA ALA C 153 0.13 -0.17 27.50
C ALA C 153 0.46 -1.30 28.47
N VAL C 154 0.10 -2.52 28.09
CA VAL C 154 0.41 -3.67 28.92
C VAL C 154 1.92 -3.88 29.00
N CYS C 155 2.61 -3.67 27.89
CA CYS C 155 4.06 -3.81 27.85
C CYS C 155 4.75 -2.77 28.74
N LYS C 156 4.23 -1.55 28.72
CA LYS C 156 4.76 -0.48 29.57
C LYS C 156 4.66 -0.82 31.06
N VAL C 157 3.56 -1.45 31.47
CA VAL C 157 3.36 -1.84 32.85
C VAL C 157 4.41 -2.87 33.28
N LEU C 158 4.78 -3.74 32.34
CA LEU C 158 5.75 -4.79 32.61
C LEU C 158 7.16 -4.27 32.91
N HIS C 159 7.44 -3.01 32.55
CA HIS C 159 8.74 -2.39 32.78
C HIS C 159 8.88 -1.82 34.19
N LEU C 160 7.74 -1.65 34.85
CA LEU C 160 7.63 -1.15 36.22
C LEU C 160 8.29 -2.05 37.25
N GLU C 161 8.81 -1.43 38.31
CA GLU C 161 9.58 -2.15 39.32
C GLU C 161 8.73 -3.20 40.01
N GLY C 162 9.32 -4.37 40.25
CA GLY C 162 8.62 -5.45 40.91
C GLY C 162 7.75 -6.29 40.00
N GLU C 163 7.44 -5.73 38.83
CA GLU C 163 6.45 -6.32 37.93
C GLU C 163 6.82 -7.66 37.29
N VAL C 164 8.03 -7.78 36.76
CA VAL C 164 8.46 -9.05 36.17
C VAL C 164 8.47 -10.13 37.25
N ASN C 165 8.84 -9.76 38.47
CA ASN C 165 8.88 -10.74 39.56
C ASN C 165 7.51 -11.31 39.82
N LYS C 166 6.47 -10.48 39.65
CA LYS C 166 5.10 -10.94 39.81
C LYS C 166 4.80 -12.04 38.81
N ILE C 167 5.15 -11.79 37.55
CA ILE C 167 4.96 -12.78 36.50
C ILE C 167 5.77 -14.05 36.68
N LYS C 168 7.06 -13.86 36.92
CA LYS C 168 8.00 -14.95 37.15
C LYS C 168 7.60 -15.86 38.32
N SER C 169 7.07 -15.27 39.39
CA SER C 169 6.64 -16.00 40.57
C SER C 169 5.34 -16.74 40.27
N ALA C 170 4.47 -16.07 39.51
CA ALA C 170 3.18 -16.61 39.09
C ALA C 170 3.36 -17.89 38.28
N LEU C 171 4.38 -17.91 37.42
CA LEU C 171 4.58 -19.03 36.50
C LEU C 171 5.58 -20.02 37.08
N LEU C 172 5.74 -19.99 38.40
CA LEU C 172 6.70 -20.84 39.09
C LEU C 172 6.28 -22.32 39.01
N SER C 173 5.00 -22.59 39.24
CA SER C 173 4.53 -23.97 39.31
C SER C 173 3.59 -24.38 38.17
N THR C 174 3.35 -23.47 37.24
CA THR C 174 2.52 -23.73 36.06
C THR C 174 3.03 -22.92 34.88
N ASN C 175 2.63 -23.30 33.67
CA ASN C 175 3.08 -22.62 32.45
C ASN C 175 2.00 -21.65 32.02
N LYS C 176 0.81 -21.84 32.60
CA LYS C 176 -0.36 -21.03 32.29
C LYS C 176 -0.80 -20.42 33.62
N ALA C 177 -1.02 -19.11 33.63
CA ALA C 177 -1.47 -18.42 34.82
C ALA C 177 -2.11 -17.09 34.51
N VAL C 178 -3.08 -16.71 35.34
CA VAL C 178 -3.66 -15.40 35.24
C VAL C 178 -2.87 -14.57 36.24
N VAL C 179 -2.41 -13.42 35.78
CA VAL C 179 -1.63 -12.54 36.63
C VAL C 179 -2.26 -11.16 36.61
N SER C 180 -2.51 -10.63 37.80
CA SER C 180 -2.97 -9.25 37.90
C SER C 180 -1.78 -8.32 37.93
N LEU C 181 -1.76 -7.38 36.99
CA LEU C 181 -0.68 -6.41 36.90
C LEU C 181 -0.94 -5.34 37.94
N SER C 182 0.01 -4.44 38.13
CA SER C 182 -0.11 -3.45 39.21
C SER C 182 -1.28 -2.50 38.99
N ASN C 183 -1.75 -2.36 37.75
CA ASN C 183 -2.87 -1.48 37.48
C ASN C 183 -4.21 -2.22 37.50
N GLY C 184 -4.19 -3.46 37.93
CA GLY C 184 -5.41 -4.26 38.08
C GLY C 184 -5.84 -5.09 36.88
N VAL C 185 -5.18 -4.92 35.74
CA VAL C 185 -5.55 -5.70 34.57
C VAL C 185 -5.05 -7.15 34.71
N SER C 186 -5.96 -8.09 34.54
CA SER C 186 -5.63 -9.52 34.63
C SER C 186 -5.38 -10.10 33.24
N VAL C 187 -4.12 -10.39 32.98
CA VAL C 187 -3.66 -10.93 31.71
C VAL C 187 -3.24 -12.40 31.83
N LEU C 188 -3.50 -13.16 30.79
CA LEU C 188 -3.01 -14.54 30.72
C LEU C 188 -1.54 -14.55 30.34
N THR C 189 -0.78 -15.35 31.08
CA THR C 189 0.66 -15.44 30.94
C THR C 189 1.08 -16.87 30.60
N PHE C 190 2.13 -16.99 29.79
CA PHE C 190 2.53 -18.28 29.19
C PHE C 190 4.03 -18.42 29.12
N LYS C 191 4.59 -19.37 29.87
CA LYS C 191 5.99 -19.68 29.69
C LYS C 191 6.06 -20.75 28.59
N VAL C 192 6.50 -20.35 27.39
CA VAL C 192 6.46 -21.26 26.24
C VAL C 192 7.77 -21.99 25.97
N LEU C 193 8.85 -21.58 26.63
CA LEU C 193 10.16 -22.19 26.41
C LEU C 193 11.09 -21.91 27.59
N ASP C 194 11.63 -22.96 28.18
CA ASP C 194 12.54 -22.82 29.31
C ASP C 194 13.98 -23.16 28.89
N LEU C 195 14.71 -22.19 28.35
CA LEU C 195 16.09 -22.44 27.95
C LEU C 195 17.02 -22.45 29.16
N LYS C 196 16.58 -21.80 30.24
CA LYS C 196 17.33 -21.77 31.51
C LYS C 196 17.50 -23.20 32.02
N ASN C 197 16.39 -23.91 32.12
CA ASN C 197 16.38 -25.29 32.59
C ASN C 197 17.23 -26.17 31.68
N TYR C 198 17.15 -25.95 30.37
CA TYR C 198 17.89 -26.81 29.46
C TYR C 198 19.40 -26.63 29.57
N ILE C 199 19.88 -25.41 29.67
CA ILE C 199 21.33 -25.26 29.69
C ILE C 199 21.92 -25.65 31.03
N ASP C 200 21.24 -25.25 32.10
CA ASP C 200 21.68 -25.57 33.46
C ASP C 200 21.60 -27.03 33.90
N LYS C 201 20.62 -27.75 33.40
CA LYS C 201 20.56 -29.21 33.51
C LYS C 201 21.18 -30.10 32.42
N GLN C 202 21.38 -29.57 31.22
CA GLN C 202 22.07 -30.35 30.18
C GLN C 202 23.53 -29.94 29.99
N LEU C 203 23.77 -28.69 29.61
CA LEU C 203 25.13 -28.22 29.26
C LEU C 203 25.98 -27.78 30.44
N LEU C 204 25.37 -27.41 31.55
CA LEU C 204 26.16 -26.96 32.68
C LEU C 204 27.18 -28.04 33.03
N PRO C 205 26.80 -29.33 33.00
CA PRO C 205 27.92 -30.22 33.26
C PRO C 205 29.07 -30.18 32.24
N ILE C 206 28.91 -29.82 30.98
CA ILE C 206 30.13 -29.93 30.18
C ILE C 206 30.98 -28.66 30.14
N LEU C 207 30.31 -27.53 30.31
CA LEU C 207 30.85 -26.17 30.30
C LEU C 207 31.31 -25.53 31.61
N ASN C 208 31.19 -26.21 32.74
CA ASN C 208 31.55 -25.54 33.99
C ASN C 208 32.67 -26.10 34.88
N LYS C 209 33.81 -26.35 34.23
CA LYS C 209 35.03 -27.01 34.74
C LYS C 209 36.08 -27.02 33.65
N GLN C 210 37.34 -26.96 34.06
CA GLN C 210 38.47 -27.13 33.16
C GLN C 210 38.33 -28.51 32.51
N SER C 211 38.47 -29.55 33.32
CA SER C 211 38.39 -30.93 32.84
C SER C 211 37.03 -31.07 32.17
N CYS C 212 36.96 -31.27 30.86
CA CYS C 212 35.68 -31.09 30.19
C CYS C 212 35.11 -32.35 29.59
N SER C 213 33.92 -32.65 30.08
CA SER C 213 33.18 -33.88 29.93
C SER C 213 32.45 -33.70 28.61
N ILE C 214 32.87 -34.39 27.55
CA ILE C 214 32.74 -33.91 26.18
C ILE C 214 32.13 -35.02 25.35
N SER C 215 30.81 -34.93 25.33
CA SER C 215 29.89 -35.97 24.90
C SER C 215 29.92 -36.26 23.40
N ASN C 216 28.87 -36.97 23.00
CA ASN C 216 28.48 -37.34 21.64
C ASN C 216 27.63 -36.29 20.92
N ILE C 217 27.61 -36.43 19.60
CA ILE C 217 27.05 -35.54 18.58
C ILE C 217 25.52 -35.32 18.63
N GLU C 218 24.76 -36.22 19.24
CA GLU C 218 23.31 -36.08 19.27
C GLU C 218 22.90 -34.90 20.17
N THR C 219 23.73 -34.52 21.13
CA THR C 219 23.47 -33.35 21.98
C THR C 219 23.59 -32.02 21.22
N VAL C 220 24.60 -31.90 20.35
CA VAL C 220 24.75 -30.73 19.47
C VAL C 220 23.47 -30.49 18.67
N ILE C 221 22.93 -31.54 18.06
CA ILE C 221 21.71 -31.46 17.27
C ILE C 221 20.57 -30.99 18.18
N GLU C 222 20.50 -31.58 19.36
CA GLU C 222 19.43 -31.35 20.33
C GLU C 222 19.40 -29.89 20.79
N PHE C 223 20.56 -29.29 21.03
CA PHE C 223 20.65 -27.90 21.46
C PHE C 223 20.08 -27.00 20.38
N GLN C 224 20.39 -27.34 19.14
CA GLN C 224 19.88 -26.61 17.98
C GLN C 224 18.34 -26.61 17.91
N GLN C 225 17.70 -27.72 18.26
CA GLN C 225 16.24 -27.76 18.21
C GLN C 225 15.62 -26.82 19.24
N LYS C 226 16.07 -26.86 20.49
CA LYS C 226 15.48 -26.00 21.53
C LYS C 226 15.82 -24.54 21.29
N ASN C 227 17.04 -24.29 20.84
CA ASN C 227 17.51 -22.93 20.60
C ASN C 227 16.87 -22.32 19.37
N ASN C 228 16.47 -23.15 18.41
CA ASN C 228 15.97 -22.64 17.15
C ASN C 228 14.77 -21.71 17.29
N ARG C 229 13.85 -22.02 18.21
CA ARG C 229 12.68 -21.17 18.39
C ARG C 229 13.08 -19.77 18.84
N LEU C 230 14.02 -19.70 19.78
CA LEU C 230 14.52 -18.42 20.26
C LEU C 230 15.17 -17.61 19.16
N LEU C 231 15.96 -18.28 18.32
CA LEU C 231 16.65 -17.61 17.22
C LEU C 231 15.67 -17.06 16.18
N GLU C 232 14.59 -17.79 15.93
CA GLU C 232 13.64 -17.37 14.91
C GLU C 232 12.78 -16.22 15.43
N ILE C 233 12.37 -16.30 16.69
CA ILE C 233 11.64 -15.20 17.31
C ILE C 233 12.46 -13.92 17.28
N THR C 234 13.73 -14.05 17.65
CA THR C 234 14.67 -12.93 17.61
C THR C 234 14.86 -12.41 16.20
N ARG C 235 14.98 -13.34 15.26
CA ARG C 235 15.11 -13.04 13.85
C ARG C 235 13.93 -12.18 13.36
N GLU C 236 12.71 -12.58 13.69
CA GLU C 236 11.52 -11.86 13.23
C GLU C 236 11.47 -10.41 13.74
N PHE C 237 11.70 -10.23 15.04
CA PHE C 237 11.65 -8.92 15.69
C PHE C 237 12.69 -7.93 15.21
N SER C 238 13.86 -8.41 14.85
CA SER C 238 14.96 -7.55 14.41
C SER C 238 14.66 -6.81 13.11
N VAL C 239 13.84 -7.39 12.24
CA VAL C 239 13.51 -6.76 10.96
C VAL C 239 12.12 -6.14 10.94
N ASN C 240 11.45 -6.09 12.09
CA ASN C 240 10.12 -5.49 12.17
C ASN C 240 10.00 -4.46 13.29
N ALA C 241 11.15 -4.00 13.79
CA ALA C 241 11.20 -3.03 14.88
C ALA C 241 10.29 -3.40 16.04
N GLY C 242 10.36 -4.66 16.44
CA GLY C 242 9.70 -5.17 17.63
C GLY C 242 8.20 -5.39 17.55
N VAL C 243 7.62 -5.22 16.37
CA VAL C 243 6.18 -5.42 16.20
C VAL C 243 5.91 -6.19 14.91
N THR C 244 5.35 -7.40 15.03
CA THR C 244 5.13 -8.23 13.86
C THR C 244 3.64 -8.55 13.68
N THR C 245 3.24 -8.69 12.42
CA THR C 245 1.89 -9.14 12.06
C THR C 245 1.90 -9.62 10.62
N PRO C 246 1.28 -10.77 10.34
CA PRO C 246 0.62 -11.72 11.24
C PRO C 246 1.54 -12.39 12.26
N VAL C 247 0.94 -12.93 13.31
CA VAL C 247 1.70 -13.63 14.34
C VAL C 247 2.07 -15.01 13.83
N SER C 248 3.37 -15.24 13.70
CA SER C 248 3.89 -16.47 13.11
C SER C 248 3.78 -17.61 14.10
N THR C 249 4.08 -18.82 13.62
CA THR C 249 4.02 -19.99 14.49
C THR C 249 5.27 -20.12 15.34
N TYR C 250 6.25 -19.25 15.09
CA TYR C 250 7.40 -19.12 15.99
C TYR C 250 7.02 -18.32 17.24
N MET C 251 6.24 -17.25 17.02
CA MET C 251 5.76 -16.40 18.12
C MET C 251 4.81 -17.20 19.00
N LEU C 252 3.96 -17.99 18.36
CA LEU C 252 2.88 -18.69 19.02
C LEU C 252 2.45 -19.88 18.17
N THR C 253 2.76 -21.09 18.65
CA THR C 253 2.41 -22.30 17.92
C THR C 253 0.90 -22.47 17.87
N ASN C 254 0.44 -23.37 17.02
CA ASN C 254 -0.99 -23.61 16.84
C ASN C 254 -1.67 -24.08 18.12
N SER C 255 -1.01 -24.97 18.83
CA SER C 255 -1.52 -25.47 20.10
C SER C 255 -1.57 -24.38 21.16
N GLU C 256 -0.50 -23.60 21.23
CA GLU C 256 -0.43 -22.46 22.16
C GLU C 256 -1.54 -21.46 21.97
N LEU C 257 -1.77 -21.06 20.72
CA LEU C 257 -2.83 -20.12 20.38
C LEU C 257 -4.20 -20.68 20.74
N LEU C 258 -4.43 -21.93 20.38
CA LEU C 258 -5.72 -22.59 20.65
C LEU C 258 -6.03 -22.64 22.13
N SER C 259 -5.04 -22.93 22.95
CA SER C 259 -5.26 -23.00 24.39
C SER C 259 -5.38 -21.58 24.96
N LEU C 260 -4.68 -20.63 24.37
CA LEU C 260 -4.86 -19.23 24.73
C LEU C 260 -6.31 -18.80 24.50
N ILE C 261 -6.83 -19.12 23.32
CA ILE C 261 -8.22 -18.85 22.97
C ILE C 261 -9.16 -19.55 23.94
N ASN C 262 -8.83 -20.80 24.29
CA ASN C 262 -9.67 -21.57 25.20
C ASN C 262 -9.70 -20.97 26.60
N ASP C 263 -8.58 -20.42 27.05
CA ASP C 263 -8.48 -19.84 28.39
C ASP C 263 -8.88 -18.37 28.43
N MET C 264 -9.31 -17.83 27.29
CA MET C 264 -9.66 -16.42 27.16
C MET C 264 -11.03 -16.13 27.80
N PRO C 265 -11.19 -14.93 28.38
CA PRO C 265 -12.49 -14.52 28.96
C PRO C 265 -13.52 -14.12 27.91
N ILE C 266 -13.97 -15.09 27.11
CA ILE C 266 -14.92 -14.82 26.04
C ILE C 266 -16.00 -15.90 25.99
N THR C 267 -17.05 -15.65 25.23
CA THR C 267 -18.15 -16.60 25.10
C THR C 267 -17.75 -17.84 24.29
N ASN C 268 -18.55 -18.89 24.43
CA ASN C 268 -18.34 -20.13 23.69
C ASN C 268 -18.44 -19.94 22.18
N ASP C 269 -19.33 -19.04 21.77
CA ASP C 269 -19.48 -18.73 20.34
C ASP C 269 -18.21 -18.18 19.77
N GLN C 270 -17.56 -17.32 20.55
CA GLN C 270 -16.31 -16.70 20.14
C GLN C 270 -15.19 -17.73 20.12
N LYS C 271 -15.15 -18.56 21.15
CA LYS C 271 -14.17 -19.63 21.25
C LYS C 271 -14.27 -20.56 20.04
N LYS C 272 -15.49 -20.90 19.64
CA LYS C 272 -15.67 -21.80 18.51
C LYS C 272 -15.21 -21.14 17.21
N LEU C 273 -15.59 -19.89 17.01
CA LEU C 273 -15.19 -19.15 15.82
C LEU C 273 -13.68 -18.99 15.67
N MET C 274 -13.01 -18.62 16.75
CA MET C 274 -11.57 -18.42 16.73
C MET C 274 -10.78 -19.72 16.55
N SER C 275 -11.23 -20.80 17.18
CA SER C 275 -10.53 -22.06 17.07
C SER C 275 -10.64 -22.67 15.67
N ASN C 276 -11.77 -22.45 15.01
CA ASN C 276 -12.00 -22.97 13.67
C ASN C 276 -11.41 -22.09 12.57
N ASN C 277 -10.84 -20.95 12.96
CA ASN C 277 -10.27 -20.02 11.99
C ASN C 277 -8.97 -19.39 12.47
N VAL C 278 -8.06 -20.22 13.00
CA VAL C 278 -6.81 -19.72 13.56
C VAL C 278 -5.93 -18.98 12.55
N GLN C 279 -6.01 -19.35 11.27
CA GLN C 279 -5.17 -18.69 10.26
C GLN C 279 -5.61 -17.23 10.09
N ILE C 280 -6.89 -16.96 10.29
CA ILE C 280 -7.40 -15.60 10.25
C ILE C 280 -7.03 -14.85 11.53
N VAL C 281 -7.17 -15.53 12.65
CA VAL C 281 -6.81 -14.97 13.96
C VAL C 281 -5.36 -14.47 13.98
N ARG C 282 -4.46 -15.24 13.38
CA ARG C 282 -3.05 -14.85 13.32
C ARG C 282 -2.86 -13.56 12.55
N GLN C 283 -3.60 -13.40 11.46
CA GLN C 283 -3.46 -12.21 10.62
C GLN C 283 -4.01 -10.96 11.28
N GLN C 284 -4.91 -11.13 12.24
CA GLN C 284 -5.52 -10.00 12.93
C GLN C 284 -4.90 -9.81 14.31
N SER C 285 -3.75 -10.46 14.54
CA SER C 285 -3.05 -10.35 15.81
C SER C 285 -1.73 -9.60 15.69
N TYR C 286 -1.23 -9.10 16.81
CA TYR C 286 0.08 -8.46 16.84
C TYR C 286 0.98 -9.12 17.87
N SER C 287 2.25 -9.27 17.53
CA SER C 287 3.26 -9.64 18.49
C SER C 287 4.18 -8.46 18.79
N ILE C 288 4.19 -8.03 20.04
CA ILE C 288 4.94 -6.86 20.43
C ILE C 288 6.10 -7.19 21.35
N MET C 289 7.32 -7.14 20.84
CA MET C 289 8.50 -7.38 21.67
C MET C 289 8.50 -6.38 22.82
N CYS C 290 8.66 -6.88 24.04
CA CYS C 290 8.38 -6.02 25.18
C CYS C 290 9.56 -5.85 26.13
N ILE C 291 10.09 -6.95 26.67
CA ILE C 291 11.11 -6.80 27.69
C ILE C 291 12.01 -8.02 27.87
N ILE C 292 13.29 -7.76 28.15
CA ILE C 292 14.21 -8.78 28.64
C ILE C 292 14.82 -8.32 29.96
N LYS C 293 14.49 -9.04 31.03
CA LYS C 293 14.90 -8.66 32.37
C LYS C 293 14.86 -9.85 33.31
N GLU C 294 15.93 -10.04 34.08
CA GLU C 294 15.99 -11.15 35.04
C GLU C 294 15.74 -12.51 34.39
N GLU C 295 16.48 -12.79 33.32
CA GLU C 295 16.40 -14.08 32.62
C GLU C 295 15.02 -14.39 32.04
N VAL C 296 14.18 -13.38 31.92
CA VAL C 296 12.87 -13.54 31.28
C VAL C 296 12.80 -12.78 29.97
N LEU C 297 12.54 -13.48 28.87
CA LEU C 297 12.18 -12.81 27.63
C LEU C 297 10.67 -12.82 27.52
N ALA C 298 10.07 -11.64 27.36
CA ALA C 298 8.62 -11.55 27.31
C ALA C 298 8.16 -10.67 26.14
N TYR C 299 7.26 -11.19 25.33
CA TYR C 299 6.59 -10.37 24.34
C TYR C 299 5.07 -10.44 24.51
N VAL C 300 4.41 -9.33 24.28
CA VAL C 300 2.96 -9.24 24.36
C VAL C 300 2.35 -9.65 23.03
N VAL C 301 1.42 -10.59 23.07
CA VAL C 301 0.64 -10.95 21.89
C VAL C 301 -0.76 -10.36 21.99
N GLN C 302 -1.09 -9.50 21.03
CA GLN C 302 -2.34 -8.76 21.02
C GLN C 302 -3.33 -9.48 20.11
N LEU C 303 -4.36 -10.06 20.72
CA LEU C 303 -5.29 -10.90 19.98
C LEU C 303 -6.63 -10.21 19.74
N PRO C 304 -7.25 -10.47 18.59
CA PRO C 304 -8.55 -9.88 18.24
C PRO C 304 -9.68 -10.43 19.11
N LEU C 305 -10.58 -9.56 19.56
CA LEU C 305 -11.83 -10.02 20.17
C LEU C 305 -12.98 -9.83 19.18
N TYR C 306 -13.67 -10.92 18.83
CA TYR C 306 -14.81 -10.83 17.92
C TYR C 306 -16.18 -10.72 18.59
N GLY C 307 -16.60 -9.49 18.87
CA GLY C 307 -17.83 -9.26 19.59
C GLY C 307 -19.07 -9.27 18.73
N VAL C 308 -18.87 -9.38 17.42
CA VAL C 308 -19.97 -9.49 16.48
C VAL C 308 -19.76 -10.70 15.58
N ILE C 309 -20.68 -11.65 15.70
CA ILE C 309 -20.60 -12.90 14.97
C ILE C 309 -21.96 -13.26 14.39
N ASP C 310 -21.98 -13.72 13.14
CA ASP C 310 -23.16 -14.30 12.50
C ASP C 310 -24.27 -13.30 12.20
N THR C 311 -23.92 -12.04 12.00
CA THR C 311 -24.88 -11.07 11.49
C THR C 311 -24.77 -11.07 9.97
N PRO C 312 -25.86 -10.70 9.28
CA PRO C 312 -25.82 -10.67 7.81
C PRO C 312 -24.80 -9.67 7.26
N CYS C 313 -24.07 -10.07 6.23
CA CYS C 313 -23.17 -9.18 5.52
C CYS C 313 -23.47 -9.16 4.03
N TRP C 314 -23.20 -8.04 3.38
CA TRP C 314 -23.33 -8.02 1.94
C TRP C 314 -22.26 -7.12 1.34
N LYS C 315 -21.86 -7.47 0.12
CA LYS C 315 -20.82 -6.74 -0.59
C LYS C 315 -21.39 -5.97 -1.78
N LEU C 316 -21.15 -4.67 -1.80
CA LEU C 316 -21.65 -3.83 -2.89
C LEU C 316 -20.56 -3.61 -3.92
N HIS C 317 -20.83 -4.04 -5.14
CA HIS C 317 -19.91 -3.83 -6.26
C HIS C 317 -20.46 -2.73 -7.16
N THR C 318 -19.59 -1.82 -7.61
CA THR C 318 -20.00 -0.72 -8.48
C THR C 318 -19.02 -0.51 -9.63
N SER C 319 -19.51 0.14 -10.68
CA SER C 319 -18.75 0.36 -11.92
C SER C 319 -19.29 1.60 -12.60
N PRO C 320 -18.46 2.28 -13.41
CA PRO C 320 -18.92 3.54 -14.01
C PRO C 320 -20.09 3.39 -14.98
N LEU C 321 -21.06 4.29 -14.83
CA LEU C 321 -22.22 4.38 -15.70
C LEU C 321 -22.17 5.63 -16.56
N CYS C 322 -21.96 5.46 -17.87
CA CYS C 322 -21.88 6.63 -18.74
C CYS C 322 -22.94 6.61 -19.84
N THR C 323 -23.27 7.79 -20.35
CA THR C 323 -24.05 7.91 -21.57
C THR C 323 -23.26 7.36 -22.74
N THR C 324 -23.96 7.06 -23.83
CA THR C 324 -23.34 6.39 -24.96
C THR C 324 -23.54 7.09 -26.29
N ASN C 325 -23.54 8.43 -26.27
CA ASN C 325 -23.65 9.19 -27.51
C ASN C 325 -22.46 8.94 -28.43
N THR C 326 -22.67 9.11 -29.73
CA THR C 326 -21.62 8.84 -30.72
C THR C 326 -20.47 9.82 -30.54
N LYS C 327 -20.78 11.11 -30.44
CA LYS C 327 -19.76 12.15 -30.28
C LYS C 327 -19.05 11.89 -28.95
N GLU C 328 -17.74 11.68 -29.01
CA GLU C 328 -16.95 11.37 -27.82
C GLU C 328 -16.92 12.46 -26.74
N GLY C 329 -16.91 13.72 -27.13
CA GLY C 329 -16.93 14.79 -26.15
C GLY C 329 -18.30 15.05 -25.56
N SER C 330 -19.31 14.32 -26.01
CA SER C 330 -20.65 14.50 -25.49
C SER C 330 -21.09 13.58 -24.35
N ASN C 331 -20.25 12.67 -23.88
CA ASN C 331 -20.75 11.78 -22.83
C ASN C 331 -20.48 12.22 -21.41
N ILE C 332 -21.39 11.85 -20.51
CA ILE C 332 -21.26 12.14 -19.09
C ILE C 332 -21.29 10.84 -18.29
N CYS C 333 -20.61 10.78 -17.14
CA CYS C 333 -20.54 9.53 -16.40
C CYS C 333 -20.82 9.75 -14.91
N LEU C 334 -21.21 8.68 -14.23
CA LEU C 334 -21.51 8.72 -12.79
C LEU C 334 -21.18 7.34 -12.25
N THR C 335 -20.58 7.29 -11.06
CA THR C 335 -20.26 6.02 -10.42
C THR C 335 -20.61 6.06 -8.94
N ARG C 336 -21.37 5.07 -8.48
CA ARG C 336 -21.59 4.95 -7.05
C ARG C 336 -20.26 4.69 -6.35
N THR C 337 -19.95 5.53 -5.36
CA THR C 337 -18.68 5.47 -4.67
C THR C 337 -18.73 4.66 -3.37
N ASP C 338 -19.93 4.26 -2.98
CA ASP C 338 -20.14 3.59 -1.70
C ASP C 338 -19.91 2.09 -1.73
N ARG C 339 -19.08 1.61 -2.65
CA ARG C 339 -18.77 0.20 -2.73
C ARG C 339 -17.92 -0.25 -1.54
N GLY C 340 -18.06 -1.52 -1.18
CA GLY C 340 -17.36 -2.09 -0.05
C GLY C 340 -18.23 -3.12 0.66
N TRP C 341 -17.78 -3.57 1.84
CA TRP C 341 -18.56 -4.52 2.64
C TRP C 341 -19.53 -3.82 3.59
N TYR C 342 -20.72 -4.40 3.74
CA TYR C 342 -21.71 -3.90 4.69
C TYR C 342 -22.16 -5.01 5.63
N CYS C 343 -22.23 -4.71 6.92
CA CYS C 343 -22.75 -5.67 7.91
C CYS C 343 -23.73 -5.03 8.87
N ASP C 344 -24.87 -5.67 9.06
CA ASP C 344 -25.79 -5.27 10.12
C ASP C 344 -25.09 -5.37 11.46
N ASN C 345 -25.22 -4.32 12.27
CA ASN C 345 -24.53 -4.28 13.54
C ASN C 345 -25.22 -3.33 14.50
N ALA C 346 -25.91 -3.90 15.50
CA ALA C 346 -26.48 -3.14 16.61
C ALA C 346 -27.45 -2.05 16.17
N GLY C 347 -28.33 -2.36 15.23
CA GLY C 347 -29.35 -1.41 14.81
C GLY C 347 -28.86 -0.45 13.75
N SER C 348 -27.56 -0.51 13.47
CA SER C 348 -26.97 0.31 12.43
C SER C 348 -26.30 -0.58 11.39
N VAL C 349 -25.59 0.02 10.46
CA VAL C 349 -24.86 -0.76 9.48
C VAL C 349 -23.38 -0.40 9.48
N SER C 350 -22.53 -1.39 9.65
CA SER C 350 -21.09 -1.18 9.58
C SER C 350 -20.61 -1.25 8.14
N PHE C 351 -19.97 -0.18 7.68
CA PHE C 351 -19.56 -0.07 6.29
C PHE C 351 -18.04 -0.03 6.14
N PHE C 352 -17.51 -0.98 5.37
CA PHE C 352 -16.06 -1.09 5.18
C PHE C 352 -15.71 -0.73 3.75
N PRO C 353 -15.37 0.55 3.50
CA PRO C 353 -15.14 0.98 2.12
C PRO C 353 -13.97 0.30 1.41
N GLN C 354 -12.89 0.00 2.13
CA GLN C 354 -11.77 -0.74 1.55
C GLN C 354 -11.87 -2.23 1.77
N ALA C 355 -12.64 -2.88 0.90
CA ALA C 355 -12.97 -4.29 1.01
C ALA C 355 -11.75 -5.23 1.09
N GLU C 356 -10.56 -4.73 0.77
CA GLU C 356 -9.35 -5.52 0.91
C GLU C 356 -8.93 -5.65 2.37
N THR C 357 -9.54 -4.87 3.25
CA THR C 357 -9.26 -4.96 4.67
C THR C 357 -10.05 -6.08 5.34
N CYS C 358 -10.97 -6.66 4.58
CA CYS C 358 -11.76 -7.79 5.05
C CYS C 358 -11.28 -9.07 4.39
N LYS C 359 -11.32 -10.16 5.14
CA LYS C 359 -10.95 -11.47 4.61
C LYS C 359 -12.16 -12.37 4.62
N VAL C 360 -12.42 -13.00 3.48
CA VAL C 360 -13.59 -13.87 3.37
C VAL C 360 -13.18 -15.34 3.43
N GLN C 361 -13.84 -16.07 4.32
CA GLN C 361 -13.65 -17.51 4.42
C GLN C 361 -15.00 -18.19 4.23
N SER C 362 -15.17 -18.81 3.07
CA SER C 362 -16.43 -19.37 2.59
C SER C 362 -17.54 -18.32 2.59
N ASN C 363 -18.45 -18.36 3.56
CA ASN C 363 -19.51 -17.34 3.62
C ASN C 363 -19.36 -16.48 4.87
N ARG C 364 -18.23 -16.67 5.54
CA ARG C 364 -17.88 -15.90 6.72
C ARG C 364 -16.95 -14.78 6.30
N VAL C 365 -17.23 -13.57 6.77
CA VAL C 365 -16.37 -12.44 6.42
C VAL C 365 -15.77 -11.81 7.66
N PHE C 366 -14.44 -11.78 7.70
CA PHE C 366 -13.74 -11.22 8.83
C PHE C 366 -13.35 -9.78 8.54
N CYS C 367 -13.82 -8.85 9.38
CA CYS C 367 -13.47 -7.45 9.24
C CYS C 367 -13.02 -6.87 10.57
N ASP C 368 -12.54 -5.63 10.51
CA ASP C 368 -12.07 -4.91 11.66
C ASP C 368 -12.87 -3.62 11.77
N THR C 369 -13.52 -3.38 12.91
CA THR C 369 -14.40 -2.21 13.04
C THR C 369 -13.59 -0.92 12.95
N MET C 370 -12.27 -1.04 13.10
CA MET C 370 -11.36 0.09 12.99
C MET C 370 -11.42 0.65 11.56
N ASN C 371 -11.77 -0.21 10.60
CA ASN C 371 -11.89 0.20 9.22
C ASN C 371 -13.34 0.41 8.77
N SER C 372 -14.21 0.80 9.69
CA SER C 372 -15.60 0.99 9.29
C SER C 372 -16.19 2.36 9.58
N LEU C 373 -17.24 2.69 8.85
CA LEU C 373 -18.16 3.74 9.25
C LEU C 373 -19.43 3.12 9.83
N THR C 374 -20.09 3.84 10.73
CA THR C 374 -21.37 3.41 11.26
C THR C 374 -22.49 4.19 10.62
N LEU C 375 -23.30 3.51 9.83
CA LEU C 375 -24.30 4.21 9.03
C LEU C 375 -25.71 3.85 9.48
N PRO C 376 -26.66 4.77 9.23
CA PRO C 376 -28.09 4.52 9.42
C PRO C 376 -28.53 3.35 8.55
N SER C 377 -29.50 2.55 8.99
CA SER C 377 -29.90 1.38 8.23
C SER C 377 -30.56 1.77 6.91
N GLU C 378 -30.93 3.04 6.81
CA GLU C 378 -31.52 3.58 5.59
C GLU C 378 -30.53 3.58 4.43
N VAL C 379 -29.25 3.39 4.73
CA VAL C 379 -28.20 3.28 3.70
C VAL C 379 -28.49 2.18 2.69
N ASN C 380 -29.24 1.18 3.10
CA ASN C 380 -29.62 0.08 2.22
C ASN C 380 -30.49 0.55 1.07
N LEU C 381 -31.21 1.65 1.28
CA LEU C 381 -32.13 2.18 0.28
C LEU C 381 -31.46 2.56 -1.04
N CYS C 382 -30.17 2.84 -1.03
CA CYS C 382 -29.48 3.26 -2.25
C CYS C 382 -29.52 2.13 -3.28
N ASN C 383 -29.77 0.92 -2.79
CA ASN C 383 -29.81 -0.26 -3.64
C ASN C 383 -31.15 -0.39 -4.36
N VAL C 384 -32.25 -0.12 -3.66
CA VAL C 384 -33.56 -0.21 -4.29
C VAL C 384 -34.02 1.06 -5.02
N ASP C 385 -33.74 2.22 -4.44
CA ASP C 385 -34.15 3.51 -5.03
C ASP C 385 -33.08 4.56 -4.76
N ILE C 386 -32.19 4.81 -5.72
CA ILE C 386 -31.08 5.72 -5.47
C ILE C 386 -31.54 7.17 -5.31
N PHE C 387 -32.79 7.48 -5.67
CA PHE C 387 -33.31 8.84 -5.49
C PHE C 387 -34.20 8.96 -4.26
N ASN C 388 -34.25 7.92 -3.44
CA ASN C 388 -35.03 7.90 -2.21
C ASN C 388 -34.71 9.10 -1.33
N PRO C 389 -35.71 9.63 -0.61
CA PRO C 389 -35.54 10.86 0.17
C PRO C 389 -34.93 10.67 1.56
N LYS C 390 -34.61 9.44 1.97
CA LYS C 390 -34.19 9.20 3.35
C LYS C 390 -32.67 9.06 3.53
N TYR C 391 -31.95 8.74 2.46
CA TYR C 391 -30.50 8.66 2.53
C TYR C 391 -29.85 9.18 1.26
N ASP C 392 -28.81 10.01 1.43
CA ASP C 392 -28.13 10.62 0.29
C ASP C 392 -27.01 9.75 -0.28
N CYS C 393 -27.33 8.96 -1.29
CA CYS C 393 -26.41 7.96 -1.83
C CYS C 393 -25.18 8.65 -2.42
N LYS C 394 -24.00 8.09 -2.15
CA LYS C 394 -22.77 8.75 -2.56
C LYS C 394 -22.34 8.31 -3.97
N ILE C 395 -21.97 9.28 -4.81
CA ILE C 395 -21.52 9.01 -6.18
C ILE C 395 -20.38 9.91 -6.66
N MET C 396 -19.67 9.50 -7.71
CA MET C 396 -18.74 10.41 -8.39
C MET C 396 -19.13 10.61 -9.85
N THR C 397 -18.77 11.75 -10.41
CA THR C 397 -19.09 12.09 -11.81
C THR C 397 -17.85 12.37 -12.64
N SER C 398 -17.94 12.11 -13.94
CA SER C 398 -16.86 12.41 -14.86
C SER C 398 -17.32 12.41 -16.32
N LYS C 399 -16.38 12.70 -17.23
CA LYS C 399 -16.62 12.53 -18.65
C LYS C 399 -15.67 11.48 -19.21
N THR C 400 -15.09 10.71 -18.31
CA THR C 400 -14.06 9.73 -18.67
C THR C 400 -14.67 8.35 -18.95
N ASP C 401 -15.11 8.15 -20.19
CA ASP C 401 -15.76 6.91 -20.53
C ASP C 401 -14.74 5.87 -21.00
N VAL C 402 -13.99 5.35 -20.04
CA VAL C 402 -13.05 4.28 -20.31
C VAL C 402 -13.72 2.95 -19.94
N SER C 403 -13.28 1.87 -20.58
CA SER C 403 -13.92 0.57 -20.37
C SER C 403 -13.28 -0.24 -19.25
N SER C 404 -14.11 -0.98 -18.53
CA SER C 404 -13.58 -1.87 -17.50
C SER C 404 -14.59 -2.90 -17.06
N SER C 405 -14.16 -3.81 -16.19
CA SER C 405 -15.07 -4.78 -15.60
C SER C 405 -14.86 -4.91 -14.10
N VAL C 406 -15.94 -5.22 -13.39
CA VAL C 406 -15.84 -5.57 -11.98
C VAL C 406 -16.30 -6.99 -11.78
N ILE C 407 -15.40 -7.85 -11.32
CA ILE C 407 -15.74 -9.24 -11.03
C ILE C 407 -16.44 -9.30 -9.67
N THR C 408 -17.66 -9.80 -9.66
CA THR C 408 -18.45 -9.82 -8.43
C THR C 408 -18.33 -11.18 -7.78
N SER C 409 -19.14 -11.42 -6.77
CA SER C 409 -19.16 -12.72 -6.11
C SER C 409 -19.63 -13.80 -7.05
N LEU C 410 -20.64 -13.50 -7.87
CA LEU C 410 -21.32 -14.54 -8.64
C LEU C 410 -21.41 -14.22 -10.13
N GLY C 411 -20.64 -13.25 -10.60
CA GLY C 411 -20.69 -12.88 -11.99
C GLY C 411 -19.71 -11.79 -12.34
N ALA C 412 -20.10 -10.93 -13.27
CA ALA C 412 -19.21 -9.86 -13.72
C ALA C 412 -19.99 -8.67 -14.27
N ILE C 413 -19.63 -7.46 -13.80
CA ILE C 413 -20.15 -6.24 -14.38
C ILE C 413 -19.20 -5.76 -15.45
N VAL C 414 -19.74 -5.41 -16.61
CA VAL C 414 -18.92 -4.90 -17.70
C VAL C 414 -19.35 -3.50 -18.10
N SER C 415 -18.44 -2.54 -17.93
CA SER C 415 -18.65 -1.19 -18.42
C SER C 415 -17.89 -1.00 -19.72
N CYS C 416 -18.60 -1.13 -20.82
CA CYS C 416 -17.97 -1.12 -22.13
C CYS C 416 -18.33 0.14 -22.88
N TYR C 417 -17.32 0.94 -23.21
CA TYR C 417 -17.57 2.20 -23.90
C TYR C 417 -16.61 2.44 -25.06
N GLY C 418 -17.04 3.33 -25.95
CA GLY C 418 -16.26 3.75 -27.08
C GLY C 418 -16.09 2.63 -28.09
N LYS C 419 -14.86 2.44 -28.56
CA LYS C 419 -14.62 1.41 -29.58
C LYS C 419 -14.05 0.10 -29.02
N THR C 420 -14.07 -0.03 -27.70
CA THR C 420 -13.46 -1.18 -27.03
C THR C 420 -14.22 -2.48 -27.37
N LYS C 421 -13.48 -3.54 -27.61
CA LYS C 421 -14.05 -4.88 -27.76
C LYS C 421 -14.22 -5.53 -26.39
N CYS C 422 -15.47 -5.86 -26.06
CA CYS C 422 -15.80 -6.48 -24.79
C CYS C 422 -16.62 -7.74 -25.01
N THR C 423 -16.09 -8.87 -24.52
CA THR C 423 -16.74 -10.16 -24.72
C THR C 423 -16.69 -11.02 -23.47
N ALA C 424 -17.49 -12.08 -23.49
CA ALA C 424 -17.50 -13.11 -22.47
C ALA C 424 -17.38 -14.48 -23.14
N SER C 425 -16.59 -15.38 -22.55
CA SER C 425 -16.38 -16.67 -23.20
C SER C 425 -16.67 -17.84 -22.26
N ASN C 426 -16.89 -18.99 -22.88
CA ASN C 426 -16.98 -20.28 -22.20
C ASN C 426 -15.75 -21.16 -22.36
N LYS C 427 -15.55 -22.09 -21.43
CA LYS C 427 -14.45 -23.03 -21.48
C LYS C 427 -14.34 -23.71 -22.85
N ASN C 428 -15.42 -24.33 -23.30
CA ASN C 428 -15.32 -25.16 -24.49
C ASN C 428 -15.79 -24.45 -25.75
N ARG C 429 -16.70 -23.49 -25.58
CA ARG C 429 -17.31 -22.83 -26.72
C ARG C 429 -16.55 -21.61 -27.27
N GLY C 430 -15.83 -20.90 -26.40
CA GLY C 430 -15.15 -19.69 -26.80
C GLY C 430 -16.06 -18.48 -26.60
N ILE C 431 -15.91 -17.44 -27.42
CA ILE C 431 -16.68 -16.22 -27.21
C ILE C 431 -18.16 -16.52 -27.42
N ILE C 432 -18.96 -16.21 -26.41
CA ILE C 432 -20.40 -16.45 -26.46
C ILE C 432 -21.26 -15.21 -26.37
N LYS C 433 -20.69 -14.11 -25.88
CA LYS C 433 -21.40 -12.84 -25.86
C LYS C 433 -20.49 -11.68 -26.17
N THR C 434 -20.95 -10.79 -27.05
CA THR C 434 -20.24 -9.56 -27.30
C THR C 434 -21.08 -8.44 -26.70
N PHE C 435 -20.49 -7.69 -25.79
CA PHE C 435 -21.20 -6.62 -25.11
C PHE C 435 -21.31 -5.38 -25.98
N SER C 436 -22.49 -4.77 -25.96
CA SER C 436 -22.67 -3.47 -26.57
C SER C 436 -22.31 -2.39 -25.56
N ASN C 437 -22.20 -1.16 -26.04
CA ASN C 437 -21.87 -0.04 -25.19
C ASN C 437 -22.92 0.15 -24.10
N GLY C 438 -22.44 0.45 -22.91
CA GLY C 438 -23.29 0.59 -21.75
C GLY C 438 -22.76 -0.24 -20.59
N CYS C 439 -23.54 -0.31 -19.52
CA CYS C 439 -23.19 -1.14 -18.39
C CYS C 439 -24.09 -2.38 -18.33
N ASP C 440 -23.48 -3.56 -18.23
CA ASP C 440 -24.20 -4.82 -18.32
C ASP C 440 -23.62 -5.82 -17.33
N TYR C 441 -24.16 -7.03 -17.32
CA TYR C 441 -23.80 -8.00 -16.30
C TYR C 441 -24.02 -9.40 -16.85
N VAL C 442 -23.23 -10.36 -16.39
CA VAL C 442 -23.46 -11.76 -16.71
C VAL C 442 -23.18 -12.57 -15.45
N SER C 443 -23.94 -13.64 -15.24
CA SER C 443 -23.74 -14.49 -14.08
C SER C 443 -22.63 -15.48 -14.40
N ASN C 444 -22.09 -16.13 -13.38
CA ASN C 444 -20.97 -17.05 -13.60
C ASN C 444 -21.41 -18.43 -14.07
N LYS C 445 -22.72 -18.66 -14.20
CA LYS C 445 -23.20 -19.94 -14.69
C LYS C 445 -23.03 -20.00 -16.21
N GLY C 446 -22.17 -20.91 -16.67
CA GLY C 446 -21.88 -21.04 -18.09
C GLY C 446 -20.93 -20.00 -18.68
N VAL C 447 -20.45 -19.07 -17.86
CA VAL C 447 -19.46 -18.09 -18.31
C VAL C 447 -18.19 -18.35 -17.52
N ASP C 448 -17.06 -18.35 -18.22
CA ASP C 448 -15.79 -18.61 -17.56
C ASP C 448 -14.82 -17.42 -17.52
N THR C 449 -14.78 -16.66 -18.62
CA THR C 449 -13.91 -15.50 -18.70
C THR C 449 -14.62 -14.29 -19.28
N VAL C 450 -14.07 -13.12 -18.99
CA VAL C 450 -14.52 -11.88 -19.59
C VAL C 450 -13.30 -11.17 -20.12
N SER C 451 -13.43 -10.55 -21.29
CA SER C 451 -12.35 -9.77 -21.84
C SER C 451 -12.83 -8.35 -22.10
N VAL C 452 -12.12 -7.38 -21.56
CA VAL C 452 -12.41 -5.99 -21.86
C VAL C 452 -11.15 -5.35 -22.40
N GLY C 453 -11.17 -5.00 -23.69
CA GLY C 453 -9.96 -4.52 -24.32
C GLY C 453 -8.94 -5.63 -24.25
N ASN C 454 -7.74 -5.27 -23.81
CA ASN C 454 -6.66 -6.23 -23.70
C ASN C 454 -6.59 -6.90 -22.33
N THR C 455 -7.61 -6.71 -21.50
CA THR C 455 -7.59 -7.29 -20.16
C THR C 455 -8.50 -8.51 -20.02
N LEU C 456 -7.91 -9.67 -19.75
CA LEU C 456 -8.72 -10.87 -19.48
C LEU C 456 -9.01 -11.06 -17.98
N TYR C 457 -10.26 -11.29 -17.64
CA TYR C 457 -10.69 -11.56 -16.26
C TYR C 457 -11.23 -12.97 -16.19
N TYR C 458 -10.72 -13.76 -15.25
CA TYR C 458 -11.35 -15.04 -14.93
C TYR C 458 -12.44 -14.74 -13.89
N VAL C 459 -13.63 -15.28 -14.08
CA VAL C 459 -14.70 -15.07 -13.10
C VAL C 459 -14.68 -16.10 -11.97
N ASN C 460 -15.25 -15.74 -10.83
CA ASN C 460 -15.41 -16.68 -9.71
C ASN C 460 -16.42 -17.77 -10.02
N LYS C 461 -16.08 -19.01 -9.70
CA LYS C 461 -16.95 -20.13 -10.05
C LYS C 461 -17.80 -20.64 -8.88
N GLN C 462 -17.98 -19.84 -7.84
CA GLN C 462 -18.82 -20.26 -6.73
C GLN C 462 -20.29 -20.37 -7.12
N GLU C 463 -20.98 -21.36 -6.55
CA GLU C 463 -22.41 -21.58 -6.79
C GLU C 463 -23.35 -20.59 -6.10
N GLY C 464 -24.39 -20.18 -6.82
CA GLY C 464 -25.40 -19.30 -6.29
C GLY C 464 -26.19 -18.63 -7.39
N LYS C 465 -27.44 -18.25 -7.14
CA LYS C 465 -28.28 -17.67 -8.19
C LYS C 465 -28.19 -16.14 -8.23
N SER C 466 -28.14 -15.62 -9.44
CA SER C 466 -28.15 -14.18 -9.69
C SER C 466 -29.48 -13.67 -10.23
N LEU C 467 -29.81 -12.43 -9.87
CA LEU C 467 -30.99 -11.76 -10.40
C LEU C 467 -30.61 -10.46 -11.09
N TYR C 468 -31.00 -10.34 -12.35
CA TYR C 468 -30.74 -9.15 -13.14
C TYR C 468 -31.94 -8.22 -12.97
N VAL C 469 -31.76 -7.12 -12.26
CA VAL C 469 -32.88 -6.21 -12.07
C VAL C 469 -32.89 -5.09 -13.11
N LYS C 470 -33.79 -5.19 -14.08
CA LYS C 470 -33.82 -4.19 -15.14
C LYS C 470 -34.32 -2.84 -14.66
N GLY C 471 -33.82 -1.81 -15.30
CA GLY C 471 -34.24 -0.45 -15.03
C GLY C 471 -33.40 0.45 -15.90
N GLU C 472 -33.99 1.56 -16.32
CA GLU C 472 -33.26 2.54 -17.13
C GLU C 472 -32.07 3.12 -16.35
N PRO C 473 -30.86 3.06 -16.95
CA PRO C 473 -29.66 3.69 -16.37
C PRO C 473 -29.90 5.17 -16.08
N ILE C 474 -29.68 5.58 -14.83
CA ILE C 474 -30.08 6.91 -14.38
C ILE C 474 -29.29 8.05 -15.00
N ILE C 475 -28.12 7.75 -15.56
CA ILE C 475 -27.35 8.80 -16.21
C ILE C 475 -28.14 9.40 -17.37
N ASN C 476 -29.10 8.62 -17.89
CA ASN C 476 -29.95 9.09 -18.97
C ASN C 476 -30.97 10.13 -18.50
N PHE C 477 -31.17 10.26 -17.19
CA PHE C 477 -32.17 11.18 -16.63
C PHE C 477 -31.61 12.58 -16.49
N TYR C 478 -30.35 12.76 -16.86
CA TYR C 478 -29.68 14.04 -16.67
C TYR C 478 -29.44 14.73 -18.00
N ASP C 479 -29.67 16.04 -17.97
CA ASP C 479 -29.37 16.91 -19.09
C ASP C 479 -27.90 17.28 -19.02
N PRO C 480 -27.13 16.85 -20.03
CA PRO C 480 -25.66 17.00 -20.06
C PRO C 480 -25.21 18.46 -20.02
N LEU C 481 -26.10 19.40 -20.35
CA LEU C 481 -25.69 20.80 -20.39
C LEU C 481 -25.57 21.39 -18.98
N VAL C 482 -26.18 20.77 -17.99
CA VAL C 482 -26.04 21.31 -16.64
C VAL C 482 -25.53 20.24 -15.67
N PHE C 483 -25.07 19.13 -16.25
CA PHE C 483 -24.53 18.04 -15.48
C PHE C 483 -23.11 18.38 -15.00
N PRO C 484 -22.88 18.36 -13.68
CA PRO C 484 -21.57 18.64 -13.07
C PRO C 484 -20.66 17.41 -13.20
N SER C 485 -19.78 17.44 -14.20
CA SER C 485 -18.83 16.34 -14.42
C SER C 485 -17.47 16.34 -13.68
N ASP C 486 -17.21 17.34 -12.84
CA ASP C 486 -15.93 17.46 -12.12
C ASP C 486 -16.20 17.29 -10.62
N GLU C 487 -17.14 16.40 -10.31
CA GLU C 487 -17.40 15.99 -8.94
C GLU C 487 -16.72 14.68 -8.59
N PHE C 488 -15.78 14.78 -7.66
CA PHE C 488 -15.05 13.61 -7.34
C PHE C 488 -15.69 13.00 -6.08
N ASP C 489 -15.78 13.75 -4.97
CA ASP C 489 -16.39 13.26 -3.71
C ASP C 489 -17.88 13.64 -3.57
N ALA C 490 -18.75 13.25 -4.48
CA ALA C 490 -20.12 13.76 -4.47
C ALA C 490 -21.20 12.77 -4.05
N SER C 491 -22.45 13.18 -4.23
CA SER C 491 -23.61 12.36 -3.87
C SER C 491 -24.82 12.84 -4.65
N ILE C 492 -25.90 12.07 -4.59
CA ILE C 492 -27.13 12.40 -5.29
C ILE C 492 -27.70 13.78 -4.99
N SER C 493 -27.83 14.14 -3.71
CA SER C 493 -28.41 15.43 -3.37
C SER C 493 -27.52 16.61 -3.78
N GLN C 494 -26.21 16.48 -3.63
CA GLN C 494 -25.31 17.58 -4.00
C GLN C 494 -25.34 17.85 -5.50
N VAL C 495 -25.32 16.80 -6.30
CA VAL C 495 -25.44 16.94 -7.75
C VAL C 495 -26.76 17.57 -8.15
N ASN C 496 -27.85 17.09 -7.54
CA ASN C 496 -29.16 17.69 -7.74
C ASN C 496 -29.12 19.16 -7.39
N GLU C 497 -28.49 19.47 -6.26
CA GLU C 497 -28.38 20.84 -5.79
C GLU C 497 -27.70 21.75 -6.82
N LYS C 498 -26.61 21.29 -7.42
CA LYS C 498 -25.94 22.16 -8.40
C LYS C 498 -26.75 22.29 -9.67
N ILE C 499 -27.41 21.22 -10.10
CA ILE C 499 -28.25 21.35 -11.28
C ILE C 499 -29.35 22.38 -10.97
N ASN C 500 -29.95 22.31 -9.78
CA ASN C 500 -30.95 23.32 -9.41
C ASN C 500 -30.34 24.71 -9.41
N GLN C 501 -29.08 24.78 -8.99
CA GLN C 501 -28.36 26.04 -8.93
C GLN C 501 -27.96 26.54 -10.30
N SER C 502 -27.56 25.62 -11.18
CA SER C 502 -27.21 25.98 -12.55
C SER C 502 -28.44 26.41 -13.35
N LEU C 503 -29.56 25.77 -13.06
CA LEU C 503 -30.83 26.11 -13.70
C LEU C 503 -31.35 27.45 -13.20
N ALA C 504 -31.06 27.74 -11.94
CA ALA C 504 -31.48 28.99 -11.33
C ALA C 504 -30.77 30.13 -12.03
N PHE C 505 -29.47 29.95 -12.25
CA PHE C 505 -28.63 30.94 -12.88
C PHE C 505 -28.80 31.14 -14.38
N ILE C 506 -29.51 30.25 -15.05
CA ILE C 506 -29.77 30.53 -16.46
C ILE C 506 -31.15 31.11 -16.66
N ARG C 507 -32.10 30.66 -15.85
CA ARG C 507 -33.41 31.33 -15.82
C ARG C 507 -33.23 32.79 -15.44
N LYS C 508 -32.57 33.07 -14.33
CA LYS C 508 -32.46 34.44 -13.86
C LYS C 508 -31.71 35.29 -14.87
N SER C 509 -30.64 34.74 -15.45
CA SER C 509 -29.83 35.49 -16.40
C SER C 509 -30.55 35.74 -17.73
N ASP C 510 -31.38 34.80 -18.16
CA ASP C 510 -32.13 34.97 -19.40
C ASP C 510 -33.28 35.95 -19.20
N GLU C 511 -33.82 35.99 -17.99
CA GLU C 511 -34.79 36.99 -17.60
C GLU C 511 -34.16 38.37 -17.75
N LEU C 512 -32.88 38.45 -17.40
CA LEU C 512 -32.15 39.69 -17.45
C LEU C 512 -31.82 40.08 -18.90
N LEU C 513 -31.37 39.09 -19.67
CA LEU C 513 -31.00 39.31 -21.06
C LEU C 513 -32.18 39.70 -21.94
N SER C 514 -33.37 39.26 -21.58
CA SER C 514 -34.57 39.67 -22.31
C SER C 514 -34.76 41.19 -22.26
N ALA C 515 -34.29 41.81 -21.19
CA ALA C 515 -34.45 43.25 -21.04
C ALA C 515 -33.40 44.05 -21.82
N ILE C 516 -33.00 43.58 -23.00
CA ILE C 516 -32.11 44.38 -23.83
C ILE C 516 -32.85 45.40 -24.72
N GLY C 517 -33.51 44.92 -25.78
CA GLY C 517 -34.18 45.77 -26.74
C GLY C 517 -35.42 46.60 -26.43
N GLY C 518 -36.04 46.43 -25.26
CA GLY C 518 -37.29 47.11 -25.02
C GLY C 518 -37.31 48.49 -24.39
N TYR C 519 -36.20 48.91 -23.80
CA TYR C 519 -36.18 50.18 -23.10
C TYR C 519 -35.49 51.27 -23.92
N ILE C 520 -35.89 52.53 -23.72
CA ILE C 520 -35.36 53.59 -24.57
C ILE C 520 -34.05 54.15 -24.04
N PRO C 521 -33.06 54.28 -24.93
CA PRO C 521 -31.74 54.83 -24.67
C PRO C 521 -31.74 56.35 -24.60
N GLU C 522 -30.59 56.94 -24.32
CA GLU C 522 -30.50 58.39 -24.27
C GLU C 522 -30.60 58.95 -25.69
N ALA C 523 -31.15 60.14 -25.83
CA ALA C 523 -31.13 60.85 -27.10
C ALA C 523 -29.81 61.62 -27.22
N PRO C 524 -29.44 62.00 -28.44
CA PRO C 524 -28.23 62.81 -28.65
C PRO C 524 -28.14 64.04 -27.75
N ARG C 525 -26.91 64.39 -27.38
CA ARG C 525 -26.67 65.55 -26.55
C ARG C 525 -26.09 66.70 -27.38
N ASP C 526 -26.86 67.21 -28.32
CA ASP C 526 -26.39 68.28 -29.20
C ASP C 526 -27.25 69.53 -29.09
N GLY C 527 -27.91 69.69 -27.96
CA GLY C 527 -28.73 70.86 -27.70
C GLY C 527 -29.99 70.97 -28.54
N GLN C 528 -30.46 69.84 -29.03
CA GLN C 528 -31.66 69.80 -29.86
C GLN C 528 -32.71 68.91 -29.23
N ALA C 529 -33.96 69.32 -29.32
CA ALA C 529 -35.03 68.52 -28.74
C ALA C 529 -35.34 67.34 -29.66
N TYR C 530 -35.60 66.19 -29.05
CA TYR C 530 -35.86 64.96 -29.78
C TYR C 530 -37.16 64.32 -29.30
N VAL C 531 -37.90 63.74 -30.24
CA VAL C 531 -39.06 62.95 -29.91
C VAL C 531 -38.83 61.54 -30.43
N ARG C 532 -39.64 60.60 -29.97
CA ARG C 532 -39.46 59.20 -30.34
C ARG C 532 -40.45 58.77 -31.41
N LYS C 533 -39.91 58.20 -32.48
CA LYS C 533 -40.70 57.70 -33.59
C LYS C 533 -40.06 56.48 -34.23
N ASP C 534 -40.84 55.41 -34.37
CA ASP C 534 -40.40 54.18 -35.03
C ASP C 534 -39.18 53.56 -34.36
N GLY C 535 -39.09 53.70 -33.04
CA GLY C 535 -38.06 53.05 -32.27
C GLY C 535 -36.73 53.76 -32.17
N GLU C 536 -36.66 54.99 -32.68
CA GLU C 536 -35.45 55.79 -32.52
C GLU C 536 -35.79 57.25 -32.23
N TRP C 537 -34.78 58.04 -31.89
CA TRP C 537 -34.98 59.46 -31.61
C TRP C 537 -34.92 60.32 -32.87
N VAL C 538 -35.92 61.18 -33.04
CA VAL C 538 -36.00 62.07 -34.20
C VAL C 538 -36.06 63.53 -33.74
N LEU C 539 -35.43 64.42 -34.50
CA LEU C 539 -35.46 65.83 -34.18
C LEU C 539 -36.88 66.38 -34.14
N LEU C 540 -37.18 67.12 -33.08
CA LEU C 540 -38.48 67.76 -32.97
C LEU C 540 -38.62 68.70 -34.16
N SER C 541 -37.48 69.28 -34.54
CA SER C 541 -37.39 70.22 -35.65
C SER C 541 -38.03 69.65 -36.92
N THR C 542 -37.92 68.34 -37.10
CA THR C 542 -38.50 67.65 -38.25
C THR C 542 -40.00 67.90 -38.43
N PHE C 543 -40.71 68.08 -37.32
CA PHE C 543 -42.18 68.06 -37.39
C PHE C 543 -42.85 69.44 -37.33
N LEU C 544 -42.06 70.49 -37.23
CA LEU C 544 -42.62 71.84 -37.19
C LEU C 544 -42.27 72.64 -38.43
N GLY C 545 -42.66 72.14 -39.60
CA GLY C 545 -42.46 72.86 -40.85
C GLY C 545 -42.96 72.07 -42.05
N GLN D 1 27.15 35.17 -3.23
CA GLN D 1 26.88 35.30 -1.80
C GLN D 1 27.77 34.35 -1.03
N VAL D 2 27.63 33.07 -1.34
CA VAL D 2 28.34 32.00 -0.67
C VAL D 2 29.82 31.96 -1.02
N GLN D 3 30.67 32.08 -0.01
CA GLN D 3 32.10 32.02 -0.27
C GLN D 3 32.82 31.29 0.83
N LEU D 4 33.96 30.72 0.49
CA LEU D 4 34.77 30.04 1.48
C LEU D 4 36.18 30.52 1.24
N GLN D 5 36.93 30.75 2.30
CA GLN D 5 38.26 31.29 2.13
C GLN D 5 39.18 30.61 3.10
N GLU D 6 40.02 29.72 2.60
CA GLU D 6 40.95 29.06 3.50
C GLU D 6 42.20 29.90 3.67
N SER D 7 42.79 29.84 4.85
CA SER D 7 44.06 30.50 5.07
C SER D 7 44.86 29.73 6.10
N GLY D 8 46.14 30.04 6.20
CA GLY D 8 46.98 29.44 7.22
C GLY D 8 47.96 28.45 6.64
N GLY D 9 47.99 28.32 5.31
CA GLY D 9 48.92 27.41 4.67
C GLY D 9 50.33 27.97 4.68
N GLY D 10 51.30 27.07 4.66
CA GLY D 10 52.69 27.48 4.74
C GLY D 10 53.60 26.28 4.87
N LEU D 11 54.90 26.53 4.98
CA LEU D 11 55.85 25.45 5.13
C LEU D 11 55.98 25.07 6.60
N VAL D 12 55.79 23.79 6.89
CA VAL D 12 55.88 23.31 8.26
C VAL D 12 57.00 22.27 8.27
N GLN D 13 57.68 22.11 9.39
CA GLN D 13 58.64 21.03 9.50
C GLN D 13 57.88 19.82 10.00
N PRO D 14 58.38 18.62 9.68
CA PRO D 14 57.75 17.41 10.19
C PRO D 14 57.68 17.39 11.71
N GLY D 15 56.59 16.85 12.26
CA GLY D 15 56.34 16.96 13.69
C GLY D 15 55.80 18.29 14.16
N GLY D 16 55.75 19.27 13.26
CA GLY D 16 55.24 20.59 13.62
C GLY D 16 53.74 20.71 13.54
N SER D 17 53.21 21.82 14.03
CA SER D 17 51.76 22.05 14.05
C SER D 17 51.38 23.28 13.25
N LEU D 18 50.14 23.27 12.77
CA LEU D 18 49.61 24.35 11.95
C LEU D 18 48.10 24.45 12.06
N ARG D 19 47.57 25.68 12.12
CA ARG D 19 46.12 25.89 12.15
C ARG D 19 45.60 26.58 10.90
N LEU D 20 44.60 25.97 10.27
CA LEU D 20 43.91 26.57 9.12
C LEU D 20 42.59 27.20 9.51
N SER D 21 42.21 28.27 8.83
CA SER D 21 40.94 28.91 9.10
C SER D 21 40.07 28.90 7.85
N CYS D 22 38.75 28.80 8.03
CA CYS D 22 37.84 28.82 6.90
C CYS D 22 36.71 29.82 7.18
N ALA D 23 36.74 30.98 6.54
CA ALA D 23 35.70 31.97 6.80
C ALA D 23 34.45 31.75 5.93
N ALA D 24 33.31 31.54 6.56
CA ALA D 24 32.06 31.40 5.81
C ALA D 24 31.37 32.76 5.66
N SER D 25 30.93 33.06 4.44
CA SER D 25 30.06 34.21 4.18
C SER D 25 28.93 33.86 3.21
N GLY D 26 27.77 34.51 3.30
CA GLY D 26 26.67 34.08 2.44
C GLY D 26 25.68 32.99 2.80
N PHE D 27 25.83 32.35 3.94
CA PHE D 27 24.89 31.30 4.35
C PHE D 27 24.91 31.04 5.85
N THR D 28 23.97 30.25 6.36
CA THR D 28 24.10 29.99 7.77
C THR D 28 24.57 28.58 8.09
N LEU D 29 25.54 28.54 9.01
CA LEU D 29 26.25 27.31 9.33
C LEU D 29 25.35 26.26 9.93
N ASP D 30 24.36 26.76 10.66
CA ASP D 30 23.51 25.93 11.51
C ASP D 30 22.86 24.85 10.64
N TYR D 31 22.62 25.23 9.39
CA TYR D 31 21.86 24.42 8.45
C TYR D 31 22.78 23.55 7.59
N TYR D 32 24.07 23.58 7.88
CA TYR D 32 25.07 23.03 6.96
C TYR D 32 26.04 22.14 7.72
N TYR D 33 26.79 21.35 6.94
CA TYR D 33 27.97 20.65 7.41
C TYR D 33 29.25 21.25 6.83
N ILE D 34 30.27 21.47 7.65
CA ILE D 34 31.50 22.07 7.14
C ILE D 34 32.55 20.99 7.16
N GLY D 35 33.26 20.85 6.04
CA GLY D 35 34.32 19.87 5.94
C GLY D 35 35.66 20.37 5.50
N TRP D 36 36.72 19.69 5.95
CA TRP D 36 38.05 19.98 5.44
C TRP D 36 38.45 18.80 4.59
N PHE D 37 38.91 19.10 3.38
CA PHE D 37 39.37 18.08 2.45
C PHE D 37 40.79 18.41 2.01
N ARG D 38 41.51 17.42 1.52
CA ARG D 38 42.85 17.70 1.02
C ARG D 38 43.14 16.90 -0.23
N GLN D 39 43.99 17.45 -1.10
CA GLN D 39 44.46 16.73 -2.26
C GLN D 39 45.99 16.83 -2.39
N ALA D 40 46.67 15.73 -2.12
CA ALA D 40 48.11 15.61 -2.36
C ALA D 40 48.41 15.36 -3.83
N PRO D 41 49.63 15.72 -4.28
CA PRO D 41 49.99 15.62 -5.70
C PRO D 41 49.71 14.25 -6.32
N GLY D 42 49.00 14.24 -7.45
CA GLY D 42 48.70 13.02 -8.19
C GLY D 42 47.58 12.17 -7.61
N LYS D 43 47.17 12.49 -6.39
CA LYS D 43 46.24 11.63 -5.66
C LYS D 43 44.84 12.23 -5.73
N GLU D 44 43.83 11.39 -5.52
CA GLU D 44 42.44 11.83 -5.48
C GLU D 44 42.17 12.59 -4.17
N ARG D 45 41.27 13.57 -4.22
CA ARG D 45 40.96 14.39 -3.05
C ARG D 45 40.16 13.60 -2.01
N GLU D 46 40.55 13.76 -0.73
CA GLU D 46 40.02 12.93 0.35
C GLU D 46 39.61 13.79 1.56
N ALA D 47 38.58 13.33 2.26
CA ALA D 47 38.11 13.98 3.48
C ALA D 47 39.10 13.91 4.62
N VAL D 48 39.00 14.88 5.53
CA VAL D 48 39.93 15.04 6.64
C VAL D 48 39.13 15.34 7.92
N SER D 49 38.07 16.14 7.81
CA SER D 49 37.27 16.52 8.98
C SER D 49 35.92 17.12 8.60
N CYS D 50 34.85 16.61 9.22
CA CYS D 50 33.52 17.22 9.12
C CYS D 50 32.97 17.63 10.48
N ILE D 51 32.11 18.64 10.45
CA ILE D 51 31.49 19.11 11.67
C ILE D 51 30.03 19.47 11.34
N SER D 52 29.15 19.24 12.31
CA SER D 52 27.78 19.66 12.20
C SER D 52 27.62 21.10 12.66
N GLY D 53 26.95 21.90 11.84
CA GLY D 53 26.77 23.30 12.17
C GLY D 53 25.91 23.39 13.43
N SER D 54 24.87 22.57 13.51
CA SER D 54 23.98 22.60 14.65
C SER D 54 24.61 22.00 15.92
N SER D 55 24.91 20.70 15.90
CA SER D 55 25.31 20.01 17.13
C SER D 55 26.79 20.12 17.47
N GLY D 56 27.62 20.42 16.47
CA GLY D 56 29.06 20.45 16.66
C GLY D 56 29.73 19.10 16.68
N SER D 57 28.97 18.04 16.41
CA SER D 57 29.50 16.69 16.32
C SER D 57 30.48 16.58 15.15
N THR D 58 31.53 15.80 15.32
CA THR D 58 32.63 15.81 14.36
C THR D 58 33.00 14.44 13.82
N TYR D 59 33.68 14.43 12.67
CA TYR D 59 34.11 13.20 12.04
C TYR D 59 35.53 13.34 11.53
N TYR D 60 36.35 12.37 11.92
CA TYR D 60 37.77 12.32 11.58
C TYR D 60 38.01 10.95 10.98
N PRO D 61 38.60 10.91 9.78
CA PRO D 61 38.98 9.61 9.23
C PRO D 61 40.08 9.00 10.04
N ASP D 62 40.29 7.70 9.84
CA ASP D 62 41.18 6.92 10.67
C ASP D 62 42.60 7.49 10.57
N SER D 63 42.95 7.99 9.39
CA SER D 63 44.32 8.40 9.06
C SER D 63 44.81 9.60 9.88
N VAL D 64 43.92 10.51 10.23
CA VAL D 64 44.32 11.72 10.97
C VAL D 64 43.72 11.80 12.36
N LYS D 65 42.83 10.87 12.70
CA LYS D 65 42.16 10.86 14.00
C LYS D 65 43.20 10.90 15.12
N GLY D 66 43.08 11.87 16.02
CA GLY D 66 44.06 12.04 17.07
C GLY D 66 44.99 13.20 16.81
N ARG D 67 45.43 13.35 15.56
CA ARG D 67 46.34 14.42 15.20
C ARG D 67 45.61 15.72 14.79
N PHE D 68 44.49 15.57 14.10
CA PHE D 68 43.72 16.71 13.61
C PHE D 68 42.45 16.93 14.42
N THR D 69 42.11 18.19 14.68
CA THR D 69 40.88 18.51 15.39
C THR D 69 40.21 19.70 14.70
N ILE D 70 38.89 19.63 14.57
CA ILE D 70 38.13 20.70 13.93
C ILE D 70 37.27 21.37 14.98
N SER D 71 37.15 22.69 14.85
CA SER D 71 36.39 23.52 15.77
C SER D 71 35.68 24.66 15.08
N ARG D 72 34.74 25.26 15.80
CA ARG D 72 33.95 26.36 15.25
C ARG D 72 33.82 27.44 16.32
N ASP D 73 33.82 28.67 15.84
CA ASP D 73 33.66 29.87 16.65
C ASP D 73 32.40 30.54 16.15
N ASN D 74 31.32 30.41 16.92
CA ASN D 74 30.04 30.97 16.52
C ASN D 74 30.11 32.48 16.38
N ALA D 75 30.86 33.13 17.26
CA ALA D 75 30.96 34.58 17.21
C ALA D 75 31.63 35.09 15.94
N LYS D 76 32.68 34.39 15.50
CA LYS D 76 33.38 34.76 14.27
C LYS D 76 32.94 34.08 12.96
N ASN D 77 31.98 33.16 13.03
CA ASN D 77 31.49 32.48 11.83
C ASN D 77 32.59 31.80 11.01
N THR D 78 33.52 31.17 11.71
CA THR D 78 34.72 30.62 11.09
C THR D 78 34.96 29.22 11.62
N VAL D 79 35.45 28.33 10.77
CA VAL D 79 35.72 26.96 11.15
C VAL D 79 37.23 26.72 11.04
N TYR D 80 37.79 26.08 12.07
CA TYR D 80 39.22 25.90 12.17
C TYR D 80 39.60 24.44 12.14
N LEU D 81 40.71 24.15 11.48
CA LEU D 81 41.28 22.82 11.49
C LEU D 81 42.67 22.92 12.11
N GLN D 82 42.81 22.38 13.31
CA GLN D 82 44.12 22.32 13.94
C GLN D 82 44.83 21.05 13.54
N MET D 83 46.06 21.19 13.07
CA MET D 83 46.83 20.03 12.68
C MET D 83 48.06 19.89 13.57
N ASN D 84 48.16 18.77 14.26
CA ASN D 84 49.30 18.52 15.15
C ASN D 84 50.15 17.36 14.64
N SER D 85 51.43 17.40 14.97
CA SER D 85 52.38 16.34 14.64
C SER D 85 52.30 16.00 13.15
N LEU D 86 52.55 17.00 12.33
CA LEU D 86 52.41 16.90 10.88
C LEU D 86 53.48 16.00 10.27
N LYS D 87 53.08 15.23 9.27
CA LYS D 87 54.00 14.34 8.57
C LYS D 87 54.11 14.77 7.11
N PRO D 88 55.26 14.48 6.46
CA PRO D 88 55.45 14.87 5.07
C PRO D 88 54.33 14.33 4.17
N GLU D 89 53.75 13.18 4.51
CA GLU D 89 52.62 12.67 3.75
C GLU D 89 51.38 13.56 3.86
N ASP D 90 51.38 14.50 4.80
CA ASP D 90 50.26 15.44 4.91
C ASP D 90 50.37 16.60 3.94
N THR D 91 51.45 16.65 3.17
CA THR D 91 51.60 17.70 2.16
C THR D 91 50.49 17.57 1.13
N ALA D 92 49.73 18.65 0.98
CA ALA D 92 48.52 18.64 0.16
C ALA D 92 47.95 20.04 0.06
N VAL D 93 47.04 20.23 -0.88
CA VAL D 93 46.21 21.42 -0.86
C VAL D 93 44.96 21.15 -0.02
N TYR D 94 44.70 21.99 0.96
CA TYR D 94 43.58 21.78 1.87
C TYR D 94 42.42 22.69 1.50
N TYR D 95 41.27 22.05 1.26
CA TYR D 95 40.06 22.71 0.81
C TYR D 95 38.98 22.76 1.89
N CYS D 96 38.26 23.87 1.95
CA CYS D 96 37.11 23.94 2.82
C CYS D 96 35.89 23.65 1.94
N ALA D 97 34.95 22.87 2.46
CA ALA D 97 33.74 22.56 1.72
C ALA D 97 32.55 22.47 2.65
N THR D 98 31.36 22.58 2.08
CA THR D 98 30.13 22.50 2.88
C THR D 98 28.97 21.86 2.13
N ILE D 99 28.00 21.37 2.89
CA ILE D 99 26.76 20.91 2.30
C ILE D 99 25.63 21.16 3.28
N ARG D 100 24.47 21.53 2.77
CA ARG D 100 23.26 21.64 3.57
C ARG D 100 22.95 20.30 4.23
N SER D 101 22.61 20.33 5.51
CA SER D 101 22.28 19.09 6.21
C SER D 101 21.08 18.34 5.62
N SER D 102 20.18 19.08 4.99
CA SER D 102 19.05 18.49 4.26
C SER D 102 19.48 17.56 3.14
N SER D 103 20.64 17.88 2.58
CA SER D 103 21.23 17.13 1.47
C SER D 103 22.42 16.29 1.87
N TRP D 104 22.70 16.24 3.18
CA TRP D 104 23.86 15.52 3.70
C TRP D 104 23.95 14.09 3.20
N GLY D 105 25.13 13.70 2.75
CA GLY D 105 25.31 12.38 2.18
C GLY D 105 26.68 11.81 2.52
N GLY D 106 27.22 12.27 3.63
CA GLY D 106 28.51 11.80 4.12
C GLY D 106 29.67 12.75 3.93
N CYS D 107 30.77 12.50 4.63
CA CYS D 107 31.94 13.37 4.56
C CYS D 107 32.78 12.85 3.42
N VAL D 108 32.31 13.11 2.21
CA VAL D 108 32.99 12.62 1.02
C VAL D 108 33.08 13.74 -0.01
N HIS D 109 34.13 13.74 -0.81
CA HIS D 109 34.34 14.85 -1.72
C HIS D 109 33.23 14.89 -2.77
N TYR D 110 32.67 13.72 -3.12
CA TYR D 110 31.54 13.68 -4.05
C TYR D 110 30.19 14.06 -3.43
N GLY D 111 30.18 14.26 -2.12
CA GLY D 111 29.01 14.65 -1.35
C GLY D 111 28.98 16.08 -0.84
N MET D 112 29.65 16.98 -1.56
CA MET D 112 29.72 18.40 -1.19
C MET D 112 29.11 19.36 -2.20
N ASP D 113 28.57 20.49 -1.73
CA ASP D 113 27.86 21.41 -2.62
C ASP D 113 28.67 22.66 -2.93
N TYR D 114 29.47 23.13 -1.98
CA TYR D 114 30.34 24.29 -2.20
C TYR D 114 31.79 24.06 -1.79
N TRP D 115 32.71 24.62 -2.56
CA TRP D 115 34.14 24.39 -2.37
C TRP D 115 34.92 25.70 -2.35
N GLY D 116 35.86 25.78 -1.42
CA GLY D 116 36.84 26.86 -1.43
C GLY D 116 37.89 26.62 -2.49
N LYS D 117 38.75 27.60 -2.72
CA LYS D 117 39.77 27.49 -3.76
C LYS D 117 41.04 26.85 -3.21
N GLY D 118 41.08 26.65 -1.90
CA GLY D 118 42.16 25.89 -1.31
C GLY D 118 43.28 26.71 -0.70
N THR D 119 44.11 26.04 0.08
CA THR D 119 45.30 26.66 0.65
C THR D 119 46.36 25.58 0.80
N GLN D 120 47.58 25.89 0.37
CA GLN D 120 48.61 24.87 0.27
C GLN D 120 49.32 24.67 1.59
N VAL D 121 49.46 23.41 1.98
CA VAL D 121 50.25 23.07 3.14
C VAL D 121 51.39 22.16 2.73
N THR D 122 52.62 22.49 3.15
CA THR D 122 53.73 21.64 2.78
C THR D 122 54.56 21.25 4.00
N VAL D 123 54.68 19.95 4.23
CA VAL D 123 55.48 19.47 5.35
C VAL D 123 56.82 18.97 4.83
N SER D 124 57.88 19.72 5.08
CA SER D 124 59.16 19.44 4.45
C SER D 124 60.30 20.10 5.20
N SER D 125 61.47 20.15 4.57
CA SER D 125 62.65 20.77 5.16
C SER D 125 63.64 21.22 4.09
N HIS D 126 63.27 22.26 3.34
CA HIS D 126 64.12 22.82 2.27
C HIS D 126 64.67 21.76 1.31
N GLN E 1 -18.54 -11.39 -38.61
CA GLN E 1 -17.32 -10.92 -39.25
C GLN E 1 -16.26 -12.01 -39.20
N VAL E 2 -15.95 -12.42 -37.98
CA VAL E 2 -14.91 -13.40 -37.71
C VAL E 2 -15.33 -14.79 -38.14
N GLN E 3 -14.55 -15.38 -39.04
CA GLN E 3 -14.86 -16.72 -39.51
C GLN E 3 -13.59 -17.51 -39.72
N LEU E 4 -13.69 -18.83 -39.64
CA LEU E 4 -12.54 -19.70 -39.86
C LEU E 4 -12.97 -20.82 -40.78
N GLN E 5 -12.11 -21.23 -41.70
CA GLN E 5 -12.50 -22.23 -42.66
C GLN E 5 -11.35 -23.20 -42.90
N GLU E 6 -11.47 -24.42 -42.39
CA GLU E 6 -10.42 -25.41 -42.59
C GLU E 6 -10.64 -26.18 -43.87
N SER E 7 -9.54 -26.59 -44.51
CA SER E 7 -9.64 -27.45 -45.67
C SER E 7 -8.43 -28.37 -45.77
N GLY E 8 -8.53 -29.40 -46.61
CA GLY E 8 -7.44 -30.30 -46.86
C GLY E 8 -7.64 -31.66 -46.23
N GLY E 9 -8.80 -31.87 -45.62
CA GLY E 9 -9.11 -33.15 -45.02
C GLY E 9 -9.45 -34.21 -46.04
N GLY E 10 -9.19 -35.47 -45.69
CA GLY E 10 -9.41 -36.58 -46.60
C GLY E 10 -8.89 -37.88 -46.03
N LEU E 11 -9.03 -38.95 -46.80
CA LEU E 11 -8.55 -40.25 -46.36
C LEU E 11 -7.08 -40.39 -46.72
N VAL E 12 -6.24 -40.71 -45.73
CA VAL E 12 -4.82 -40.86 -45.96
C VAL E 12 -4.37 -42.28 -45.58
N GLN E 13 -3.35 -42.79 -46.24
CA GLN E 13 -2.76 -44.06 -45.80
C GLN E 13 -1.68 -43.77 -44.77
N PRO E 14 -1.41 -44.73 -43.88
CA PRO E 14 -0.34 -44.59 -42.88
C PRO E 14 1.03 -44.32 -43.51
N GLY E 15 1.83 -43.48 -42.86
CA GLY E 15 3.08 -43.00 -43.42
C GLY E 15 2.99 -41.88 -44.46
N GLY E 16 1.77 -41.53 -44.86
CA GLY E 16 1.58 -40.46 -45.82
C GLY E 16 1.56 -39.07 -45.20
N SER E 17 1.57 -38.04 -46.03
CA SER E 17 1.57 -36.67 -45.55
C SER E 17 0.36 -35.89 -46.06
N LEU E 18 -0.05 -34.87 -45.32
CA LEU E 18 -1.21 -34.07 -45.68
C LEU E 18 -1.07 -32.65 -45.11
N ARG E 19 -1.47 -31.65 -45.89
CA ARG E 19 -1.45 -30.27 -45.43
C ARG E 19 -2.85 -29.68 -45.30
N LEU E 20 -3.14 -29.13 -44.13
CA LEU E 20 -4.40 -28.43 -43.91
C LEU E 20 -4.23 -26.91 -43.98
N SER E 21 -5.28 -26.23 -44.44
CA SER E 21 -5.24 -24.78 -44.51
C SER E 21 -6.37 -24.18 -43.67
N CYS E 22 -6.12 -23.00 -43.10
CA CYS E 22 -7.14 -22.33 -42.29
C CYS E 22 -7.24 -20.87 -42.72
N ALA E 23 -8.31 -20.52 -43.43
CA ALA E 23 -8.47 -19.14 -43.91
C ALA E 23 -9.12 -18.23 -42.86
N ALA E 24 -8.43 -17.18 -42.46
CA ALA E 24 -9.00 -16.21 -41.53
C ALA E 24 -9.70 -15.08 -42.27
N SER E 25 -10.90 -14.74 -41.83
CA SER E 25 -11.61 -13.54 -42.29
C SER E 25 -12.26 -12.79 -41.12
N GLY E 26 -12.40 -11.47 -41.21
CA GLY E 26 -12.91 -10.72 -40.07
C GLY E 26 -11.98 -10.21 -38.98
N PHE E 27 -10.69 -10.51 -39.07
CA PHE E 27 -9.71 -10.04 -38.08
C PHE E 27 -8.28 -10.06 -38.58
N THR E 28 -7.34 -9.45 -37.86
CA THR E 28 -6.01 -9.62 -38.37
C THR E 28 -5.16 -10.52 -37.50
N LEU E 29 -4.29 -11.28 -38.17
CA LEU E 29 -3.52 -12.33 -37.50
C LEU E 29 -2.53 -11.84 -36.46
N ASP E 30 -2.00 -10.65 -36.73
CA ASP E 30 -0.88 -10.08 -36.01
C ASP E 30 -1.19 -9.98 -34.52
N TYR E 31 -2.47 -9.76 -34.23
CA TYR E 31 -2.96 -9.47 -32.89
C TYR E 31 -3.42 -10.74 -32.18
N TYR E 32 -3.20 -11.90 -32.79
CA TYR E 32 -3.84 -13.14 -32.36
C TYR E 32 -2.81 -14.26 -32.27
N TYR E 33 -3.20 -15.33 -31.59
CA TYR E 33 -2.51 -16.61 -31.65
C TYR E 33 -3.34 -17.62 -32.42
N ILE E 34 -2.70 -18.36 -33.32
CA ILE E 34 -3.42 -19.33 -34.11
C ILE E 34 -3.01 -20.72 -33.68
N GLY E 35 -4.01 -21.56 -33.45
CA GLY E 35 -3.79 -22.92 -33.04
C GLY E 35 -4.46 -23.99 -33.88
N TRP E 36 -3.83 -25.16 -33.95
CA TRP E 36 -4.48 -26.30 -34.58
C TRP E 36 -4.85 -27.27 -33.48
N PHE E 37 -6.10 -27.73 -33.49
CA PHE E 37 -6.57 -28.68 -32.51
C PHE E 37 -7.16 -29.90 -33.18
N ARG E 38 -7.22 -31.02 -32.46
CA ARG E 38 -7.86 -32.19 -33.02
C ARG E 38 -8.65 -32.89 -31.93
N GLN E 39 -9.71 -33.55 -32.33
CA GLN E 39 -10.51 -34.39 -31.44
C GLN E 39 -10.74 -35.71 -32.15
N ALA E 40 -10.10 -36.78 -31.69
CA ALA E 40 -10.41 -38.10 -32.23
C ALA E 40 -11.72 -38.62 -31.64
N PRO E 41 -12.40 -39.52 -32.37
CA PRO E 41 -13.72 -40.03 -31.96
C PRO E 41 -13.75 -40.56 -30.52
N GLY E 42 -14.71 -40.06 -29.76
CA GLY E 42 -14.95 -40.47 -28.39
C GLY E 42 -13.99 -39.86 -27.40
N LYS E 43 -12.93 -39.23 -27.90
CA LYS E 43 -11.85 -38.74 -27.05
C LYS E 43 -12.01 -37.24 -26.85
N GLU E 44 -11.40 -36.70 -25.80
CA GLU E 44 -11.44 -35.27 -25.56
C GLU E 44 -10.52 -34.55 -26.57
N ARG E 45 -10.88 -33.33 -26.94
CA ARG E 45 -10.14 -32.53 -27.91
C ARG E 45 -8.81 -32.01 -27.34
N GLU E 46 -7.76 -32.08 -28.14
CA GLU E 46 -6.39 -31.80 -27.68
C GLU E 46 -5.66 -30.86 -28.63
N ALA E 47 -4.79 -30.03 -28.06
CA ALA E 47 -3.96 -29.12 -28.83
C ALA E 47 -2.94 -29.86 -29.69
N VAL E 48 -2.52 -29.20 -30.78
CA VAL E 48 -1.64 -29.83 -31.76
C VAL E 48 -0.52 -28.86 -32.16
N SER E 49 -0.85 -27.59 -32.34
CA SER E 49 0.15 -26.60 -32.78
C SER E 49 -0.32 -25.17 -32.57
N CYS E 50 0.51 -24.35 -31.94
CA CYS E 50 0.27 -22.90 -31.85
C CYS E 50 1.38 -22.07 -32.47
N ILE E 51 1.02 -20.89 -32.94
CA ILE E 51 1.97 -19.96 -33.53
C ILE E 51 1.58 -18.54 -33.09
N SER E 52 2.60 -17.70 -32.91
CA SER E 52 2.39 -16.29 -32.63
C SER E 52 2.24 -15.49 -33.90
N GLY E 53 1.18 -14.68 -33.96
CA GLY E 53 0.91 -13.87 -35.12
C GLY E 53 2.02 -12.87 -35.29
N SER E 54 2.48 -12.32 -34.17
CA SER E 54 3.54 -11.31 -34.19
C SER E 54 4.92 -11.92 -34.48
N SER E 55 5.41 -12.77 -33.59
CA SER E 55 6.80 -13.22 -33.68
C SER E 55 7.02 -14.42 -34.61
N GLY E 56 5.95 -15.17 -34.87
CA GLY E 56 6.05 -16.39 -35.66
C GLY E 56 6.59 -17.56 -34.88
N SER E 57 6.80 -17.35 -33.58
CA SER E 57 7.25 -18.38 -32.66
C SER E 57 6.20 -19.49 -32.53
N THR E 58 6.63 -20.73 -32.39
CA THR E 58 5.72 -21.87 -32.47
C THR E 58 5.79 -22.82 -31.27
N TYR E 59 4.73 -23.61 -31.11
CA TYR E 59 4.64 -24.58 -30.02
C TYR E 59 4.06 -25.89 -30.54
N TYR E 60 4.78 -26.96 -30.23
CA TYR E 60 4.43 -28.30 -30.67
C TYR E 60 4.39 -29.20 -29.43
N PRO E 61 3.27 -29.92 -29.23
CA PRO E 61 3.30 -30.89 -28.13
C PRO E 61 4.25 -32.01 -28.48
N ASP E 62 4.62 -32.80 -27.49
CA ASP E 62 5.67 -33.80 -27.64
C ASP E 62 5.32 -34.85 -28.68
N SER E 63 4.02 -35.16 -28.79
CA SER E 63 3.57 -36.29 -29.59
C SER E 63 3.80 -36.10 -31.08
N VAL E 64 3.72 -34.86 -31.56
CA VAL E 64 3.88 -34.60 -32.99
C VAL E 64 5.11 -33.77 -33.34
N LYS E 65 5.81 -33.26 -32.32
CA LYS E 65 6.99 -32.41 -32.53
C LYS E 65 8.00 -33.11 -33.43
N GLY E 66 8.38 -32.46 -34.51
CA GLY E 66 9.28 -33.08 -35.47
C GLY E 66 8.52 -33.52 -36.69
N ARG E 67 7.34 -34.09 -36.47
CA ARG E 67 6.51 -34.57 -37.57
C ARG E 67 5.61 -33.47 -38.09
N PHE E 68 5.11 -32.65 -37.18
CA PHE E 68 4.21 -31.57 -37.55
C PHE E 68 4.93 -30.23 -37.48
N THR E 69 4.66 -29.36 -38.44
CA THR E 69 5.22 -28.02 -38.43
C THR E 69 4.15 -27.03 -38.84
N ILE E 70 4.10 -25.89 -38.15
CA ILE E 70 3.10 -24.89 -38.47
C ILE E 70 3.83 -23.67 -39.04
N SER E 71 3.21 -23.05 -40.04
CA SER E 71 3.74 -21.89 -40.71
C SER E 71 2.63 -20.95 -41.11
N ARG E 72 2.97 -19.72 -41.45
CA ARG E 72 1.96 -18.75 -41.82
C ARG E 72 2.44 -17.95 -43.02
N ASP E 73 1.49 -17.61 -43.89
CA ASP E 73 1.74 -16.81 -45.07
C ASP E 73 0.92 -15.54 -44.94
N ASN E 74 1.60 -14.45 -44.62
CA ASN E 74 0.96 -13.16 -44.41
C ASN E 74 0.23 -12.64 -45.63
N ALA E 75 0.80 -12.88 -46.81
CA ALA E 75 0.21 -12.38 -48.05
C ALA E 75 -1.14 -13.04 -48.32
N LYS E 76 -1.25 -14.33 -48.03
CA LYS E 76 -2.51 -15.04 -48.23
C LYS E 76 -3.42 -15.09 -46.98
N ASN E 77 -2.95 -14.55 -45.86
CA ASN E 77 -3.74 -14.52 -44.62
C ASN E 77 -4.22 -15.91 -44.17
N THR E 78 -3.35 -16.89 -44.31
CA THR E 78 -3.71 -18.29 -44.09
C THR E 78 -2.65 -19.00 -43.26
N VAL E 79 -3.09 -19.91 -42.40
CA VAL E 79 -2.18 -20.66 -41.54
C VAL E 79 -2.22 -22.12 -41.93
N TYR E 80 -1.03 -22.71 -42.06
CA TYR E 80 -0.89 -24.07 -42.56
C TYR E 80 -0.29 -24.98 -41.51
N LEU E 81 -0.78 -26.21 -41.47
CA LEU E 81 -0.19 -27.24 -40.64
C LEU E 81 0.30 -28.36 -41.55
N GLN E 82 1.62 -28.50 -41.65
CA GLN E 82 2.19 -29.61 -42.39
C GLN E 82 2.36 -30.81 -41.48
N MET E 83 1.86 -31.95 -41.93
CA MET E 83 1.97 -33.19 -41.18
C MET E 83 2.80 -34.23 -41.94
N ASN E 84 3.87 -34.69 -41.33
CA ASN E 84 4.72 -35.69 -41.97
C ASN E 84 4.66 -37.00 -41.21
N SER E 85 4.86 -38.10 -41.93
CA SER E 85 4.91 -39.44 -41.36
C SER E 85 3.70 -39.70 -40.47
N LEU E 86 2.52 -39.60 -41.06
CA LEU E 86 1.26 -39.70 -40.33
C LEU E 86 0.98 -41.12 -39.83
N LYS E 87 0.41 -41.22 -38.63
CA LYS E 87 0.07 -42.52 -38.04
C LYS E 87 -1.45 -42.60 -37.87
N PRO E 88 -2.00 -43.83 -37.91
CA PRO E 88 -3.44 -44.05 -37.77
C PRO E 88 -4.06 -43.45 -36.52
N GLU E 89 -3.29 -43.39 -35.43
CA GLU E 89 -3.75 -42.75 -34.19
C GLU E 89 -3.98 -41.25 -34.33
N ASP E 90 -3.51 -40.66 -35.42
CA ASP E 90 -3.76 -39.25 -35.70
C ASP E 90 -5.13 -39.01 -36.33
N THR E 91 -5.87 -40.08 -36.59
CA THR E 91 -7.22 -39.95 -37.13
C THR E 91 -8.08 -39.19 -36.14
N ALA E 92 -8.63 -38.08 -36.61
CA ALA E 92 -9.34 -37.13 -35.77
C ALA E 92 -9.99 -36.08 -36.65
N VAL E 93 -10.91 -35.32 -36.06
CA VAL E 93 -11.36 -34.09 -36.70
C VAL E 93 -10.46 -32.93 -36.28
N TYR E 94 -9.91 -32.23 -37.25
CA TYR E 94 -8.97 -31.16 -36.97
C TYR E 94 -9.66 -29.80 -37.07
N TYR E 95 -9.57 -29.06 -35.98
CA TYR E 95 -10.23 -27.77 -35.84
C TYR E 95 -9.22 -26.63 -35.86
N CYS E 96 -9.60 -25.53 -36.51
CA CYS E 96 -8.77 -24.34 -36.43
C CYS E 96 -9.36 -23.44 -35.36
N ALA E 97 -8.51 -22.84 -34.55
CA ALA E 97 -8.95 -21.91 -33.52
C ALA E 97 -7.99 -20.76 -33.33
N THR E 98 -8.47 -19.68 -32.72
CA THR E 98 -7.64 -18.51 -32.46
C THR E 98 -8.06 -17.81 -31.18
N ILE E 99 -7.14 -17.03 -30.63
CA ILE E 99 -7.45 -16.16 -29.51
C ILE E 99 -6.58 -14.91 -29.61
N ARG E 100 -7.13 -13.76 -29.25
CA ARG E 100 -6.36 -12.53 -29.13
C ARG E 100 -5.23 -12.70 -28.14
N SER E 101 -4.04 -12.22 -28.50
CA SER E 101 -2.89 -12.34 -27.62
C SER E 101 -3.07 -11.59 -26.30
N SER E 102 -3.91 -10.56 -26.32
CA SER E 102 -4.29 -9.85 -25.10
C SER E 102 -4.97 -10.75 -24.07
N SER E 103 -5.67 -11.75 -24.57
CA SER E 103 -6.44 -12.72 -23.78
C SER E 103 -5.75 -14.09 -23.75
N TRP E 104 -4.55 -14.16 -24.32
CA TRP E 104 -3.80 -15.42 -24.41
C TRP E 104 -3.68 -16.13 -23.08
N GLY E 105 -3.96 -17.42 -23.09
CA GLY E 105 -3.95 -18.19 -21.86
C GLY E 105 -3.43 -19.59 -22.09
N GLY E 106 -2.58 -19.73 -23.10
CA GLY E 106 -1.98 -21.02 -23.40
C GLY E 106 -2.55 -21.72 -24.61
N CYS E 107 -1.84 -22.73 -25.09
CA CYS E 107 -2.26 -23.47 -26.27
C CYS E 107 -3.15 -24.57 -25.73
N VAL E 108 -4.36 -24.19 -25.32
CA VAL E 108 -5.30 -25.12 -24.72
C VAL E 108 -6.69 -24.91 -25.30
N HIS E 109 -7.46 -25.98 -25.39
CA HIS E 109 -8.77 -25.91 -26.04
C HIS E 109 -9.71 -25.00 -25.25
N TYR E 110 -9.55 -24.91 -23.94
CA TYR E 110 -10.37 -24.00 -23.15
C TYR E 110 -9.89 -22.53 -23.27
N GLY E 111 -8.77 -22.32 -23.95
CA GLY E 111 -8.18 -21.00 -24.17
C GLY E 111 -8.29 -20.40 -25.56
N MET E 112 -9.34 -20.77 -26.28
CA MET E 112 -9.58 -20.26 -27.63
C MET E 112 -10.87 -19.47 -27.71
N ASP E 113 -10.92 -18.46 -28.59
CA ASP E 113 -12.08 -17.58 -28.64
C ASP E 113 -12.96 -17.86 -29.84
N TYR E 114 -12.35 -18.26 -30.94
CA TYR E 114 -13.09 -18.59 -32.15
C TYR E 114 -12.70 -19.96 -32.71
N TRP E 115 -13.68 -20.69 -33.25
CA TRP E 115 -13.42 -22.05 -33.71
C TRP E 115 -14.00 -22.22 -35.11
N GLY E 116 -13.24 -22.87 -35.98
CA GLY E 116 -13.76 -23.33 -37.25
C GLY E 116 -14.62 -24.57 -37.04
N LYS E 117 -15.32 -25.01 -38.07
CA LYS E 117 -16.20 -26.17 -37.91
C LYS E 117 -15.47 -27.48 -38.15
N GLY E 118 -14.24 -27.40 -38.64
CA GLY E 118 -13.42 -28.61 -38.72
C GLY E 118 -13.38 -29.25 -40.09
N THR E 119 -12.43 -30.15 -40.28
CA THR E 119 -12.32 -30.95 -41.49
C THR E 119 -11.72 -32.30 -41.10
N GLN E 120 -12.31 -33.37 -41.61
CA GLN E 120 -11.97 -34.71 -41.14
C GLN E 120 -10.76 -35.30 -41.85
N VAL E 121 -9.86 -35.84 -41.05
CA VAL E 121 -8.73 -36.59 -41.56
C VAL E 121 -8.81 -38.02 -41.04
N THR E 122 -8.66 -38.98 -41.94
CA THR E 122 -8.72 -40.40 -41.59
C THR E 122 -7.49 -41.09 -42.15
N VAL E 123 -6.72 -41.71 -41.27
CA VAL E 123 -5.52 -42.44 -41.68
C VAL E 123 -5.76 -43.94 -41.72
N GLN F 1 -31.61 7.71 30.61
CA GLN F 1 -32.37 6.58 30.09
C GLN F 1 -31.86 5.26 30.65
N VAL F 2 -30.58 4.99 30.39
CA VAL F 2 -29.97 3.73 30.78
C VAL F 2 -29.73 3.54 32.27
N GLN F 3 -30.33 2.49 32.81
CA GLN F 3 -30.17 2.17 34.23
C GLN F 3 -30.11 0.67 34.47
N LEU F 4 -29.48 0.26 35.55
CA LEU F 4 -29.42 -1.15 35.90
C LEU F 4 -29.74 -1.26 37.38
N GLN F 5 -30.49 -2.26 37.78
CA GLN F 5 -30.89 -2.40 39.17
C GLN F 5 -30.85 -3.84 39.63
N GLU F 6 -29.87 -4.17 40.46
CA GLU F 6 -29.78 -5.54 40.95
C GLU F 6 -30.65 -5.72 42.18
N SER F 7 -31.20 -6.92 42.34
CA SER F 7 -31.93 -7.27 43.53
C SER F 7 -31.78 -8.76 43.81
N GLY F 8 -32.14 -9.18 45.01
CA GLY F 8 -32.11 -10.59 45.35
C GLY F 8 -31.00 -10.96 46.30
N GLY F 9 -30.24 -9.97 46.78
CA GLY F 9 -29.19 -10.24 47.73
C GLY F 9 -29.71 -10.54 49.11
N GLY F 10 -28.94 -11.32 49.86
CA GLY F 10 -29.36 -11.73 51.19
C GLY F 10 -28.43 -12.75 51.80
N LEU F 11 -28.76 -13.19 53.01
CA LEU F 11 -27.95 -14.18 53.70
C LEU F 11 -28.36 -15.59 53.28
N VAL F 12 -27.39 -16.38 52.82
CA VAL F 12 -27.66 -17.75 52.39
C VAL F 12 -26.84 -18.72 53.24
N GLN F 13 -27.33 -19.94 53.44
CA GLN F 13 -26.52 -20.95 54.10
C GLN F 13 -25.73 -21.65 53.01
N PRO F 14 -24.56 -22.21 53.37
CA PRO F 14 -23.77 -22.96 52.38
C PRO F 14 -24.55 -24.10 51.72
N GLY F 15 -24.32 -24.32 50.43
CA GLY F 15 -25.12 -25.25 49.65
C GLY F 15 -26.48 -24.76 49.21
N GLY F 16 -26.88 -23.59 49.67
CA GLY F 16 -28.16 -23.01 49.29
C GLY F 16 -28.16 -22.25 47.98
N SER F 17 -29.35 -21.87 47.52
CA SER F 17 -29.48 -21.17 46.25
C SER F 17 -30.12 -19.80 46.40
N LEU F 18 -29.80 -18.93 45.44
CA LEU F 18 -30.28 -17.55 45.42
C LEU F 18 -30.30 -17.07 43.96
N ARG F 19 -31.32 -16.31 43.58
CA ARG F 19 -31.37 -15.76 42.23
C ARG F 19 -31.27 -14.24 42.26
N LEU F 20 -30.33 -13.67 41.50
CA LEU F 20 -30.27 -12.22 41.40
C LEU F 20 -30.90 -11.74 40.11
N SER F 21 -31.50 -10.55 40.14
CA SER F 21 -32.12 -9.99 38.94
C SER F 21 -31.49 -8.65 38.59
N CYS F 22 -31.40 -8.34 37.30
CA CYS F 22 -30.86 -7.06 36.86
C CYS F 22 -31.83 -6.48 35.82
N ALA F 23 -32.59 -5.46 36.18
CA ALA F 23 -33.55 -4.89 35.24
C ALA F 23 -32.93 -3.82 34.32
N ALA F 24 -32.97 -4.06 33.02
CA ALA F 24 -32.47 -3.06 32.07
C ALA F 24 -33.61 -2.14 31.62
N SER F 25 -33.36 -0.84 31.63
CA SER F 25 -34.25 0.15 31.03
C SER F 25 -33.45 1.19 30.22
N GLY F 26 -34.04 1.76 29.18
CA GLY F 26 -33.27 2.67 28.33
C GLY F 26 -32.45 2.19 27.14
N PHE F 27 -32.41 0.89 26.91
CA PHE F 27 -31.66 0.34 25.78
C PHE F 27 -32.11 -1.04 25.39
N THR F 28 -31.65 -1.53 24.23
CA THR F 28 -32.06 -2.90 24.00
C THR F 28 -30.92 -3.88 24.13
N LEU F 29 -31.30 -5.05 24.65
CA LEU F 29 -30.39 -6.10 25.07
C LEU F 29 -29.58 -6.76 23.96
N ASP F 30 -30.23 -6.82 22.81
CA ASP F 30 -29.80 -7.57 21.65
C ASP F 30 -28.43 -7.11 21.20
N TYR F 31 -28.20 -5.83 21.44
CA TYR F 31 -27.05 -5.10 20.95
C TYR F 31 -25.92 -5.09 21.98
N TYR F 32 -26.10 -5.84 23.07
CA TYR F 32 -25.24 -5.68 24.24
C TYR F 32 -24.77 -7.05 24.71
N TYR F 33 -23.73 -7.04 25.55
CA TYR F 33 -23.33 -8.17 26.37
C TYR F 33 -23.65 -7.90 27.82
N ILE F 34 -24.24 -8.86 28.52
CA ILE F 34 -24.59 -8.63 29.92
C ILE F 34 -23.68 -9.47 30.81
N GLY F 35 -23.12 -8.84 31.82
CA GLY F 35 -22.23 -9.53 32.75
C GLY F 35 -22.58 -9.41 34.22
N TRP F 36 -22.24 -10.44 34.98
CA TRP F 36 -22.36 -10.36 36.42
C TRP F 36 -20.96 -10.31 36.99
N PHE F 37 -20.72 -9.35 37.87
CA PHE F 37 -19.43 -9.22 38.51
C PHE F 37 -19.56 -9.22 40.00
N ARG F 38 -18.48 -9.53 40.73
CA ARG F 38 -18.57 -9.45 42.16
C ARG F 38 -17.25 -8.88 42.69
N GLN F 39 -17.34 -8.17 43.80
CA GLN F 39 -16.16 -7.68 44.51
C GLN F 39 -16.26 -7.97 46.00
N ALA F 40 -15.49 -8.90 46.52
CA ALA F 40 -15.43 -9.08 47.97
C ALA F 40 -14.58 -8.00 48.64
N PRO F 41 -14.85 -7.71 49.94
CA PRO F 41 -14.15 -6.64 50.66
C PRO F 41 -12.62 -6.72 50.55
N GLY F 42 -12.03 -5.60 50.15
CA GLY F 42 -10.59 -5.49 50.04
C GLY F 42 -10.01 -6.13 48.80
N LYS F 43 -10.82 -6.92 48.09
CA LYS F 43 -10.27 -7.69 46.99
C LYS F 43 -10.63 -6.96 45.70
N GLU F 44 -9.90 -7.19 44.61
CA GLU F 44 -10.26 -6.57 43.35
C GLU F 44 -11.50 -7.23 42.76
N ARG F 45 -12.31 -6.45 42.04
CA ARG F 45 -13.54 -6.94 41.44
C ARG F 45 -13.30 -7.87 40.23
N GLU F 46 -14.05 -8.97 40.15
CA GLU F 46 -13.79 -10.04 39.18
C GLU F 46 -15.08 -10.49 38.48
N ALA F 47 -14.94 -10.87 37.21
CA ALA F 47 -16.05 -11.39 36.42
C ALA F 47 -16.58 -12.73 36.93
N VAL F 48 -17.85 -13.00 36.64
CA VAL F 48 -18.55 -14.17 37.14
C VAL F 48 -19.35 -14.83 36.02
N SER F 49 -19.98 -14.03 35.18
CA SER F 49 -20.80 -14.57 34.10
C SER F 49 -21.12 -13.52 33.05
N CYS F 50 -20.88 -13.86 31.79
CA CYS F 50 -21.33 -13.05 30.66
C CYS F 50 -22.25 -13.81 29.74
N ILE F 51 -23.11 -13.06 29.07
CA ILE F 51 -24.05 -13.64 28.12
C ILE F 51 -24.13 -12.67 26.94
N SER F 52 -24.30 -13.23 25.74
CA SER F 52 -24.54 -12.42 24.57
C SER F 52 -26.03 -12.11 24.43
N GLY F 53 -26.33 -10.84 24.22
CA GLY F 53 -27.71 -10.40 24.11
C GLY F 53 -28.31 -11.02 22.87
N SER F 54 -27.53 -11.07 21.80
CA SER F 54 -28.03 -11.63 20.55
C SER F 54 -28.11 -13.16 20.63
N SER F 55 -26.96 -13.81 20.79
CA SER F 55 -26.92 -15.28 20.66
C SER F 55 -27.26 -16.06 21.93
N GLY F 56 -27.13 -15.42 23.09
CA GLY F 56 -27.34 -16.12 24.34
C GLY F 56 -26.15 -16.97 24.77
N SER F 57 -25.06 -16.88 24.01
CA SER F 57 -23.84 -17.59 24.36
C SER F 57 -23.26 -17.04 25.67
N THR F 58 -22.68 -17.91 26.48
CA THR F 58 -22.30 -17.56 27.83
C THR F 58 -20.86 -17.86 28.18
N TYR F 59 -20.36 -17.20 29.22
CA TYR F 59 -18.99 -17.41 29.68
C TYR F 59 -18.98 -17.48 31.19
N TYR F 60 -18.38 -18.55 31.69
CA TYR F 60 -18.29 -18.84 33.12
C TYR F 60 -16.83 -19.11 33.43
N PRO F 61 -16.27 -18.40 34.42
CA PRO F 61 -14.91 -18.74 34.81
C PRO F 61 -14.87 -20.11 35.48
N ASP F 62 -13.68 -20.67 35.59
CA ASP F 62 -13.49 -22.04 36.05
C ASP F 62 -14.04 -22.19 37.46
N SER F 63 -13.92 -21.12 38.24
CA SER F 63 -14.19 -21.14 39.68
C SER F 63 -15.66 -21.38 40.01
N VAL F 64 -16.58 -20.90 39.16
CA VAL F 64 -18.00 -21.03 39.44
C VAL F 64 -18.77 -21.90 38.45
N LYS F 65 -18.10 -22.31 37.37
CA LYS F 65 -18.74 -23.10 36.32
C LYS F 65 -19.38 -24.34 36.92
N GLY F 66 -20.67 -24.53 36.68
CA GLY F 66 -21.37 -25.64 37.29
C GLY F 66 -22.26 -25.15 38.41
N ARG F 67 -21.76 -24.23 39.20
CA ARG F 67 -22.53 -23.69 40.33
C ARG F 67 -23.38 -22.50 39.89
N PHE F 68 -22.83 -21.66 39.02
CA PHE F 68 -23.52 -20.46 38.55
C PHE F 68 -24.02 -20.60 37.11
N THR F 69 -25.22 -20.08 36.84
CA THR F 69 -25.75 -20.06 35.49
C THR F 69 -26.41 -18.71 35.23
N ILE F 70 -26.20 -18.16 34.04
CA ILE F 70 -26.79 -16.86 33.73
C ILE F 70 -27.85 -17.06 32.64
N SER F 71 -28.94 -16.32 32.76
CA SER F 71 -30.04 -16.40 31.81
C SER F 71 -30.68 -15.04 31.59
N ARG F 72 -31.46 -14.94 30.53
CA ARG F 72 -32.12 -13.69 30.19
C ARG F 72 -33.55 -13.97 29.75
N ASP F 73 -34.45 -13.07 30.12
CA ASP F 73 -35.86 -13.16 29.73
C ASP F 73 -36.20 -11.92 28.90
N ASN F 74 -36.30 -12.11 27.58
CA ASN F 74 -36.57 -10.98 26.70
C ASN F 74 -37.92 -10.32 26.98
N ALA F 75 -38.92 -11.11 27.34
CA ALA F 75 -40.24 -10.56 27.58
C ALA F 75 -40.24 -9.62 28.80
N LYS F 76 -39.50 -10.00 29.83
CA LYS F 76 -39.38 -9.17 31.02
C LYS F 76 -38.18 -8.20 31.01
N ASN F 77 -37.36 -8.29 29.96
CA ASN F 77 -36.20 -7.40 29.80
C ASN F 77 -35.22 -7.44 30.98
N THR F 78 -34.98 -8.63 31.51
CA THR F 78 -34.21 -8.82 32.74
C THR F 78 -33.20 -9.95 32.61
N VAL F 79 -32.04 -9.78 33.25
CA VAL F 79 -30.99 -10.79 33.21
C VAL F 79 -30.79 -11.36 34.60
N TYR F 80 -30.70 -12.68 34.68
CA TYR F 80 -30.65 -13.38 35.95
C TYR F 80 -29.36 -14.16 36.16
N LEU F 81 -28.90 -14.14 37.41
CA LEU F 81 -27.78 -14.97 37.82
C LEU F 81 -28.31 -15.91 38.88
N GLN F 82 -28.39 -17.19 38.53
CA GLN F 82 -28.76 -18.22 39.47
C GLN F 82 -27.51 -18.74 40.14
N MET F 83 -27.50 -18.77 41.46
CA MET F 83 -26.35 -19.27 42.20
C MET F 83 -26.73 -20.52 42.97
N ASN F 84 -26.03 -21.61 42.67
CA ASN F 84 -26.30 -22.87 43.36
C ASN F 84 -25.12 -23.31 44.22
N SER F 85 -25.42 -24.06 45.28
CA SER F 85 -24.41 -24.63 46.15
C SER F 85 -23.42 -23.54 46.57
N LEU F 86 -23.94 -22.52 47.22
CA LEU F 86 -23.16 -21.35 47.57
C LEU F 86 -22.13 -21.68 48.64
N LYS F 87 -20.94 -21.09 48.50
CA LYS F 87 -19.87 -21.31 49.45
C LYS F 87 -19.55 -19.98 50.11
N PRO F 88 -19.03 -20.01 51.36
CA PRO F 88 -18.72 -18.77 52.07
C PRO F 88 -17.78 -17.87 51.28
N GLU F 89 -16.90 -18.45 50.49
CA GLU F 89 -16.02 -17.67 49.62
C GLU F 89 -16.76 -16.90 48.54
N ASP F 90 -18.03 -17.23 48.33
CA ASP F 90 -18.84 -16.48 47.37
C ASP F 90 -19.43 -15.19 47.95
N THR F 91 -19.20 -14.95 49.25
CA THR F 91 -19.68 -13.71 49.86
C THR F 91 -19.03 -12.50 49.22
N ALA F 92 -19.87 -11.62 48.69
CA ALA F 92 -19.40 -10.49 47.90
C ALA F 92 -20.57 -9.57 47.57
N VAL F 93 -20.25 -8.37 47.10
CA VAL F 93 -21.26 -7.54 46.46
C VAL F 93 -21.28 -7.87 44.96
N TYR F 94 -22.46 -8.21 44.45
CA TYR F 94 -22.61 -8.63 43.07
C TYR F 94 -23.17 -7.49 42.21
N TYR F 95 -22.41 -7.18 41.17
CA TYR F 95 -22.72 -6.07 40.28
C TYR F 95 -23.19 -6.53 38.90
N CYS F 96 -24.15 -5.80 38.36
CA CYS F 96 -24.57 -6.03 36.99
C CYS F 96 -23.85 -5.02 36.11
N ALA F 97 -23.36 -5.48 34.95
CA ALA F 97 -22.70 -4.58 34.02
C ALA F 97 -23.02 -4.98 32.59
N THR F 98 -22.83 -4.05 31.66
CA THR F 98 -23.08 -4.32 30.24
C THR F 98 -22.14 -3.54 29.35
N ILE F 99 -21.98 -4.01 28.11
CA ILE F 99 -21.26 -3.25 27.11
C ILE F 99 -21.87 -3.57 25.75
N ARG F 100 -21.95 -2.57 24.88
CA ARG F 100 -22.35 -2.76 23.49
C ARG F 100 -21.41 -3.76 22.82
N SER F 101 -21.97 -4.71 22.08
CA SER F 101 -21.14 -5.72 21.40
C SER F 101 -20.17 -5.15 20.37
N SER F 102 -20.51 -3.99 19.82
CA SER F 102 -19.64 -3.25 18.93
C SER F 102 -18.32 -2.85 19.58
N SER F 103 -18.40 -2.63 20.89
CA SER F 103 -17.27 -2.21 21.71
C SER F 103 -16.73 -3.33 22.59
N TRP F 104 -17.27 -4.54 22.39
CA TRP F 104 -16.91 -5.70 23.18
C TRP F 104 -15.41 -5.94 23.26
N GLY F 105 -14.92 -6.17 24.47
CA GLY F 105 -13.50 -6.34 24.68
C GLY F 105 -13.22 -7.36 25.75
N GLY F 106 -14.16 -8.30 25.93
CA GLY F 106 -13.99 -9.34 26.91
C GLY F 106 -14.81 -9.16 28.16
N CYS F 107 -14.92 -10.25 28.94
CA CYS F 107 -15.70 -10.24 30.16
C CYS F 107 -14.78 -9.79 31.27
N VAL F 108 -14.50 -8.50 31.27
CA VAL F 108 -13.59 -7.92 32.23
C VAL F 108 -14.20 -6.63 32.78
N HIS F 109 -13.90 -6.32 34.04
CA HIS F 109 -14.55 -5.19 34.68
C HIS F 109 -14.14 -3.88 33.99
N TYR F 110 -12.93 -3.83 33.45
CA TYR F 110 -12.49 -2.66 32.70
C TYR F 110 -13.06 -2.56 31.27
N GLY F 111 -13.78 -3.60 30.85
CA GLY F 111 -14.41 -3.66 29.53
C GLY F 111 -15.92 -3.52 29.55
N MET F 112 -16.44 -2.82 30.55
CA MET F 112 -17.89 -2.59 30.68
C MET F 112 -18.26 -1.11 30.59
N ASP F 113 -19.46 -0.82 30.09
CA ASP F 113 -19.84 0.58 29.86
C ASP F 113 -20.84 1.09 30.88
N TYR F 114 -21.74 0.23 31.36
CA TYR F 114 -22.70 0.66 32.38
C TYR F 114 -22.73 -0.29 33.57
N TRP F 115 -22.89 0.28 34.77
CA TRP F 115 -22.83 -0.50 36.01
C TRP F 115 -24.02 -0.20 36.92
N GLY F 116 -24.58 -1.25 37.50
CA GLY F 116 -25.54 -1.15 38.59
C GLY F 116 -24.84 -0.83 39.89
N LYS F 117 -25.60 -0.53 40.94
CA LYS F 117 -24.98 -0.16 42.22
C LYS F 117 -24.68 -1.37 43.10
N GLY F 118 -25.16 -2.55 42.70
CA GLY F 118 -24.75 -3.76 43.38
C GLY F 118 -25.76 -4.26 44.38
N THR F 119 -25.59 -5.51 44.81
CA THR F 119 -26.41 -6.09 45.88
C THR F 119 -25.58 -7.12 46.65
N GLN F 120 -25.65 -7.07 47.97
CA GLN F 120 -24.74 -7.85 48.79
C GLN F 120 -25.29 -9.25 49.00
N VAL F 121 -24.43 -10.24 48.79
CA VAL F 121 -24.73 -11.63 49.09
C VAL F 121 -23.77 -12.15 50.14
N THR F 122 -24.32 -12.77 51.18
CA THR F 122 -23.48 -13.31 52.25
C THR F 122 -23.80 -14.78 52.54
N VAL F 123 -22.76 -15.61 52.41
CA VAL F 123 -22.84 -17.04 52.68
C VAL F 123 -22.23 -17.34 54.04
N SER F 124 -23.07 -17.70 55.01
CA SER F 124 -22.61 -17.79 56.38
C SER F 124 -23.28 -18.94 57.14
N SER F 125 -22.59 -19.43 58.16
CA SER F 125 -23.09 -20.53 58.99
C SER F 125 -24.13 -20.04 59.99
C1 NAG G . -14.00 38.14 -1.39
C2 NAG G . -12.50 38.42 -1.34
C3 NAG G . -12.16 39.27 -0.12
C4 NAG G . -13.03 40.52 -0.09
C5 NAG G . -14.50 40.14 -0.19
C6 NAG G . -15.41 41.35 -0.28
C7 NAG G . -11.28 36.57 -2.42
C8 NAG G . -10.51 35.31 -2.20
N2 NAG G . -11.74 37.17 -1.32
O3 NAG G . -10.79 39.63 -0.16
O4 NAG G . -12.81 41.23 1.13
O5 NAG G . -14.72 39.38 -1.38
O6 NAG G . -16.76 40.99 -0.02
O7 NAG G . -11.49 37.02 -3.54
C1 NAG H . -14.55 27.06 -27.28
C2 NAG H . -14.66 25.75 -28.05
C3 NAG H . -13.85 25.84 -29.35
C4 NAG H . -14.31 27.02 -30.17
C5 NAG H . -14.25 28.31 -29.33
C6 NAG H . -14.85 29.50 -30.04
C7 NAG H . -15.00 24.00 -26.36
C8 NAG H . -14.39 22.85 -25.62
N2 NAG H . -14.22 24.62 -27.24
O3 NAG H . -14.00 24.63 -30.08
O4 NAG H . -13.50 27.18 -31.32
O5 NAG H . -15.00 28.15 -28.12
O6 NAG H . -15.80 30.18 -29.23
O7 NAG H . -16.17 24.35 -26.17
C1 NAG I . -34.48 20.83 -6.98
C2 NAG I . -34.76 20.34 -5.55
C3 NAG I . -36.14 19.68 -5.46
C4 NAG I . -37.21 20.61 -6.01
C5 NAG I . -36.85 21.04 -7.43
C6 NAG I . -37.82 22.05 -7.99
C7 NAG I . -32.55 19.84 -4.60
C8 NAG I . -31.61 18.77 -4.16
N2 NAG I . -33.73 19.43 -5.09
O3 NAG I . -36.43 19.34 -4.11
O4 NAG I . -38.48 19.95 -6.02
O5 NAG I . -35.56 21.67 -7.42
O6 NAG I . -37.33 22.61 -9.21
O7 NAG I . -32.27 21.02 -4.53
#